data_7Y37
# 
_entry.id   7Y37 
# 
_audit_conform.dict_name       mmcif_pdbx.dic 
_audit_conform.dict_version    5.380 
_audit_conform.dict_location   http://mmcif.pdb.org/dictionaries/ascii/mmcif_pdbx.dic 
# 
loop_
_database_2.database_id 
_database_2.database_code 
_database_2.pdbx_database_accession 
_database_2.pdbx_DOI 
PDB   7Y37         pdb_00007y37 10.2210/pdb7y37/pdb 
WWPDB D_1300030177 ?            ?                   
# 
_pdbx_database_status.status_code                     REL 
_pdbx_database_status.status_code_sf                  REL 
_pdbx_database_status.status_code_mr                  ? 
_pdbx_database_status.entry_id                        7Y37 
_pdbx_database_status.recvd_initial_deposition_date   2022-06-10 
_pdbx_database_status.SG_entry                        N 
_pdbx_database_status.deposit_site                    PDBJ 
_pdbx_database_status.process_site                    PDBJ 
_pdbx_database_status.status_code_cs                  ? 
_pdbx_database_status.status_code_nmr_data            ? 
_pdbx_database_status.methods_development_category    ? 
_pdbx_database_status.pdb_format_compatible           Y 
# 
loop_
_audit_author.name 
_audit_author.pdbx_ordinal 
_audit_author.identifier_ORCID 
'Zhu, Y.'  1 ? 
'Yang, X.' 2 ? 
'Sun, F.'  3 ? 
# 
_citation.abstract                  ? 
_citation.abstract_id_CAS           ? 
_citation.book_id_ISBN              ? 
_citation.book_publisher            ? 
_citation.book_publisher_city       ? 
_citation.book_title                ? 
_citation.coordinate_linkage        ? 
_citation.country                   ? 
_citation.database_id_Medline       ? 
_citation.details                   ? 
_citation.id                        primary 
_citation.journal_abbrev            'To Be Published' 
_citation.journal_id_ASTM           ? 
_citation.journal_id_CSD            0353 
_citation.journal_id_ISSN           ? 
_citation.journal_full              ? 
_citation.journal_issue             ? 
_citation.journal_volume            ? 
_citation.language                  ? 
_citation.page_first                ? 
_citation.page_last                 ? 
_citation.title                     'Structure of a triple-helix region of human collagen type V' 
_citation.year                      ? 
_citation.database_id_CSD           ? 
_citation.pdbx_database_id_DOI      ? 
_citation.pdbx_database_id_PubMed   ? 
_citation.pdbx_database_id_patent   ? 
_citation.unpublished_flag          ? 
# 
loop_
_citation_author.citation_id 
_citation_author.name 
_citation_author.ordinal 
_citation_author.identifier_ORCID 
primary 'Zhu, Y.'  1 ? 
primary 'Yang, X.' 2 ? 
primary 'Sun, F.'  3 ? 
# 
_cell.angle_alpha                  90.000 
_cell.angle_alpha_esd              ? 
_cell.angle_beta                   100.190 
_cell.angle_beta_esd               ? 
_cell.angle_gamma                  90.000 
_cell.angle_gamma_esd              ? 
_cell.entry_id                     7Y37 
_cell.details                      ? 
_cell.formula_units_Z              ? 
_cell.length_a                     32.865 
_cell.length_a_esd                 ? 
_cell.length_b                     23.675 
_cell.length_b_esd                 ? 
_cell.length_c                     36.648 
_cell.length_c_esd                 ? 
_cell.volume                       ? 
_cell.volume_esd                   ? 
_cell.Z_PDB                        6 
_cell.reciprocal_angle_alpha       ? 
_cell.reciprocal_angle_beta        ? 
_cell.reciprocal_angle_gamma       ? 
_cell.reciprocal_angle_alpha_esd   ? 
_cell.reciprocal_angle_beta_esd    ? 
_cell.reciprocal_angle_gamma_esd   ? 
_cell.reciprocal_length_a          ? 
_cell.reciprocal_length_b          ? 
_cell.reciprocal_length_c          ? 
_cell.reciprocal_length_a_esd      ? 
_cell.reciprocal_length_b_esd      ? 
_cell.reciprocal_length_c_esd      ? 
_cell.pdbx_unique_axis             ? 
_cell.pdbx_esd_method              ? 
# 
_symmetry.entry_id                         7Y37 
_symmetry.cell_setting                     ? 
_symmetry.Int_Tables_number                4 
_symmetry.space_group_name_Hall            ? 
_symmetry.space_group_name_H-M             'P 1 21 1' 
_symmetry.pdbx_full_space_group_name_H-M   ? 
# 
loop_
_entity.id 
_entity.type 
_entity.src_method 
_entity.pdbx_description 
_entity.formula_weight 
_entity.pdbx_number_of_molecules 
_entity.pdbx_ec 
_entity.pdbx_mutation 
_entity.pdbx_fragment 
_entity.details 
1 polymer man 'A triple-helix region of human collagen type V' 2529.762 3   ? ? ? ? 
2 water   nat water                                            18.015   192 ? ? ? ? 
# 
_entity_poly.entity_id                      1 
_entity_poly.type                           'polypeptide(L)' 
_entity_poly.nstd_linkage                   no 
_entity_poly.nstd_monomer                   yes 
_entity_poly.pdbx_seq_one_letter_code       '(ACE)P(HYP)GP(HYP)GFPGDRGLPGPVGP(HYP)GP(HYP)GP(HYP)G(NH2)' 
_entity_poly.pdbx_seq_one_letter_code_can   XPPGPPGFPGDRGLPGPVGPPGPPGPPGX 
_entity_poly.pdbx_strand_id                 A,B,C 
_entity_poly.pdbx_target_identifier         ? 
# 
loop_
_entity_poly_seq.entity_id 
_entity_poly_seq.num 
_entity_poly_seq.mon_id 
_entity_poly_seq.hetero 
1 1  ACE n 
1 2  PRO n 
1 3  HYP n 
1 4  GLY n 
1 5  PRO n 
1 6  HYP n 
1 7  GLY n 
1 8  PHE n 
1 9  PRO n 
1 10 GLY n 
1 11 ASP n 
1 12 ARG n 
1 13 GLY n 
1 14 LEU n 
1 15 PRO n 
1 16 GLY n 
1 17 PRO n 
1 18 VAL n 
1 19 GLY n 
1 20 PRO n 
1 21 HYP n 
1 22 GLY n 
1 23 PRO n 
1 24 HYP n 
1 25 GLY n 
1 26 PRO n 
1 27 HYP n 
1 28 GLY n 
1 29 NH2 n 
# 
_entity_src_gen.entity_id                          1 
_entity_src_gen.pdbx_src_id                        1 
_entity_src_gen.pdbx_alt_source_flag               sample 
_entity_src_gen.pdbx_seq_type                      'Biological sequence' 
_entity_src_gen.pdbx_beg_seq_num                   1 
_entity_src_gen.pdbx_end_seq_num                   29 
_entity_src_gen.gene_src_common_name               ? 
_entity_src_gen.gene_src_genus                     ? 
_entity_src_gen.pdbx_gene_src_gene                 ? 
_entity_src_gen.gene_src_species                   ? 
_entity_src_gen.gene_src_strain                    ? 
_entity_src_gen.gene_src_tissue                    ? 
_entity_src_gen.gene_src_tissue_fraction           ? 
_entity_src_gen.gene_src_details                   ? 
_entity_src_gen.pdbx_gene_src_fragment             ? 
_entity_src_gen.pdbx_gene_src_scientific_name      'Homo sapiens' 
_entity_src_gen.pdbx_gene_src_ncbi_taxonomy_id     9606 
_entity_src_gen.pdbx_gene_src_variant              ? 
_entity_src_gen.pdbx_gene_src_cell_line            ? 
_entity_src_gen.pdbx_gene_src_atcc                 ? 
_entity_src_gen.pdbx_gene_src_organ                ? 
_entity_src_gen.pdbx_gene_src_organelle            ? 
_entity_src_gen.pdbx_gene_src_cell                 ? 
_entity_src_gen.pdbx_gene_src_cellular_location    ? 
_entity_src_gen.host_org_common_name               ? 
_entity_src_gen.pdbx_host_org_scientific_name      'synthetic construct' 
_entity_src_gen.pdbx_host_org_ncbi_taxonomy_id     32630 
_entity_src_gen.host_org_genus                     ? 
_entity_src_gen.pdbx_host_org_gene                 ? 
_entity_src_gen.pdbx_host_org_organ                ? 
_entity_src_gen.host_org_species                   ? 
_entity_src_gen.pdbx_host_org_tissue               ? 
_entity_src_gen.pdbx_host_org_tissue_fraction      ? 
_entity_src_gen.pdbx_host_org_strain               ? 
_entity_src_gen.pdbx_host_org_variant              ? 
_entity_src_gen.pdbx_host_org_cell_line            ? 
_entity_src_gen.pdbx_host_org_atcc                 ? 
_entity_src_gen.pdbx_host_org_culture_collection   ? 
_entity_src_gen.pdbx_host_org_cell                 ? 
_entity_src_gen.pdbx_host_org_organelle            ? 
_entity_src_gen.pdbx_host_org_cellular_location    ? 
_entity_src_gen.pdbx_host_org_vector_type          ? 
_entity_src_gen.pdbx_host_org_vector               ? 
_entity_src_gen.host_org_details                   ? 
_entity_src_gen.expression_system_id               ? 
_entity_src_gen.plasmid_name                       ? 
_entity_src_gen.plasmid_details                    ? 
_entity_src_gen.pdbx_description                   ? 
# 
_struct_ref.id                         1 
_struct_ref.db_name                    PDB 
_struct_ref.db_code                    7Y37 
_struct_ref.pdbx_db_accession          7Y37 
_struct_ref.pdbx_db_isoform            ? 
_struct_ref.entity_id                  1 
_struct_ref.pdbx_seq_one_letter_code   ? 
_struct_ref.pdbx_align_begin           1 
# 
loop_
_struct_ref_seq.align_id 
_struct_ref_seq.ref_id 
_struct_ref_seq.pdbx_PDB_id_code 
_struct_ref_seq.pdbx_strand_id 
_struct_ref_seq.seq_align_beg 
_struct_ref_seq.pdbx_seq_align_beg_ins_code 
_struct_ref_seq.seq_align_end 
_struct_ref_seq.pdbx_seq_align_end_ins_code 
_struct_ref_seq.pdbx_db_accession 
_struct_ref_seq.db_align_beg 
_struct_ref_seq.pdbx_db_align_beg_ins_code 
_struct_ref_seq.db_align_end 
_struct_ref_seq.pdbx_db_align_end_ins_code 
_struct_ref_seq.pdbx_auth_seq_align_beg 
_struct_ref_seq.pdbx_auth_seq_align_end 
1 1 7Y37 A 1 ? 29 ? 7Y37 0 ? 28 ? 0 28 
2 1 7Y37 B 1 ? 29 ? 7Y37 0 ? 28 ? 0 28 
3 1 7Y37 C 1 ? 29 ? 7Y37 0 ? 28 ? 0 28 
# 
loop_
_chem_comp.id 
_chem_comp.type 
_chem_comp.mon_nstd_flag 
_chem_comp.name 
_chem_comp.pdbx_synonyms 
_chem_comp.formula 
_chem_comp.formula_weight 
ACE non-polymer         . 'ACETYL GROUP'   ?              'C2 H4 O'        44.053  
ARG 'L-peptide linking' y ARGININE         ?              'C6 H15 N4 O2 1' 175.209 
ASP 'L-peptide linking' y 'ASPARTIC ACID'  ?              'C4 H7 N O4'     133.103 
GLY 'peptide linking'   y GLYCINE          ?              'C2 H5 N O2'     75.067  
HOH non-polymer         . WATER            ?              'H2 O'           18.015  
HYP 'L-peptide linking' n 4-HYDROXYPROLINE HYDROXYPROLINE 'C5 H9 N O3'     131.130 
LEU 'L-peptide linking' y LEUCINE          ?              'C6 H13 N O2'    131.173 
NH2 non-polymer         . 'AMINO GROUP'    ?              'H2 N'           16.023  
PHE 'L-peptide linking' y PHENYLALANINE    ?              'C9 H11 N O2'    165.189 
PRO 'L-peptide linking' y PROLINE          ?              'C5 H9 N O2'     115.130 
VAL 'L-peptide linking' y VALINE           ?              'C5 H11 N O2'    117.146 
# 
_exptl.absorpt_coefficient_mu     ? 
_exptl.absorpt_correction_T_max   ? 
_exptl.absorpt_correction_T_min   ? 
_exptl.absorpt_correction_type    ? 
_exptl.absorpt_process_details    ? 
_exptl.entry_id                   7Y37 
_exptl.crystals_number            1 
_exptl.details                    ? 
_exptl.method                     'X-RAY DIFFRACTION' 
_exptl.method_details             ? 
# 
_exptl_crystal.colour                       ? 
_exptl_crystal.density_diffrn               ? 
_exptl_crystal.density_Matthews             1.85 
_exptl_crystal.density_method               ? 
_exptl_crystal.density_percent_sol          33.48 
_exptl_crystal.description                  ? 
_exptl_crystal.F_000                        ? 
_exptl_crystal.id                           1 
_exptl_crystal.preparation                  ? 
_exptl_crystal.size_max                     ? 
_exptl_crystal.size_mid                     ? 
_exptl_crystal.size_min                     ? 
_exptl_crystal.size_rad                     ? 
_exptl_crystal.colour_lustre                ? 
_exptl_crystal.colour_modifier              ? 
_exptl_crystal.colour_primary               ? 
_exptl_crystal.density_meas                 ? 
_exptl_crystal.density_meas_esd             ? 
_exptl_crystal.density_meas_gt              ? 
_exptl_crystal.density_meas_lt              ? 
_exptl_crystal.density_meas_temp            ? 
_exptl_crystal.density_meas_temp_esd        ? 
_exptl_crystal.density_meas_temp_gt         ? 
_exptl_crystal.density_meas_temp_lt         ? 
_exptl_crystal.pdbx_crystal_image_url       ? 
_exptl_crystal.pdbx_crystal_image_format    ? 
_exptl_crystal.pdbx_mosaicity               ? 
_exptl_crystal.pdbx_mosaicity_esd           ? 
_exptl_crystal.pdbx_mosaic_method           ? 
_exptl_crystal.pdbx_mosaic_block_size       ? 
_exptl_crystal.pdbx_mosaic_block_size_esd   ? 
# 
_exptl_crystal_grow.apparatus       ? 
_exptl_crystal_grow.atmosphere      ? 
_exptl_crystal_grow.crystal_id      1 
_exptl_crystal_grow.details         ? 
_exptl_crystal_grow.method          'VAPOR DIFFUSION, HANGING DROP' 
_exptl_crystal_grow.method_ref      ? 
_exptl_crystal_grow.pH              ? 
_exptl_crystal_grow.pressure        ? 
_exptl_crystal_grow.pressure_esd    ? 
_exptl_crystal_grow.seeding         ? 
_exptl_crystal_grow.seeding_ref     ? 
_exptl_crystal_grow.temp            289 
_exptl_crystal_grow.temp_details    ? 
_exptl_crystal_grow.temp_esd        ? 
_exptl_crystal_grow.time            ? 
_exptl_crystal_grow.pdbx_details    '0.2 M Ammonium Citrate Dibasic, 20% (w/v) PEG 3350' 
_exptl_crystal_grow.pdbx_pH_range   ? 
# 
_diffrn.ambient_environment              ? 
_diffrn.ambient_temp                     100 
_diffrn.ambient_temp_details             ? 
_diffrn.ambient_temp_esd                 ? 
_diffrn.crystal_id                       1 
_diffrn.crystal_support                  ? 
_diffrn.crystal_treatment                ? 
_diffrn.details                          ? 
_diffrn.id                               1 
_diffrn.ambient_pressure                 ? 
_diffrn.ambient_pressure_esd             ? 
_diffrn.ambient_pressure_gt              ? 
_diffrn.ambient_pressure_lt              ? 
_diffrn.ambient_temp_gt                  ? 
_diffrn.ambient_temp_lt                  ? 
_diffrn.pdbx_serial_crystal_experiment   N 
# 
_diffrn_detector.details                      ? 
_diffrn_detector.detector                     'IMAGE PLATE' 
_diffrn_detector.diffrn_id                    1 
_diffrn_detector.type                         'RIGAKU RAXIS IV++' 
_diffrn_detector.area_resol_mean              ? 
_diffrn_detector.dtime                        ? 
_diffrn_detector.pdbx_frames_total            ? 
_diffrn_detector.pdbx_collection_time_total   ? 
_diffrn_detector.pdbx_collection_date         2022-05-31 
_diffrn_detector.pdbx_frequency               ? 
# 
_diffrn_radiation.collimation                      ? 
_diffrn_radiation.diffrn_id                        1 
_diffrn_radiation.filter_edge                      ? 
_diffrn_radiation.inhomogeneity                    ? 
_diffrn_radiation.monochromator                    ? 
_diffrn_radiation.polarisn_norm                    ? 
_diffrn_radiation.polarisn_ratio                   ? 
_diffrn_radiation.probe                            ? 
_diffrn_radiation.type                             ? 
_diffrn_radiation.xray_symbol                      ? 
_diffrn_radiation.wavelength_id                    1 
_diffrn_radiation.pdbx_monochromatic_or_laue_m_l   M 
_diffrn_radiation.pdbx_wavelength_list             ? 
_diffrn_radiation.pdbx_wavelength                  ? 
_diffrn_radiation.pdbx_diffrn_protocol             'SINGLE WAVELENGTH' 
_diffrn_radiation.pdbx_analyzer                    ? 
_diffrn_radiation.pdbx_scattering_type             x-ray 
# 
_diffrn_radiation_wavelength.id           1 
_diffrn_radiation_wavelength.wavelength   1.5418 
_diffrn_radiation_wavelength.wt           1.0 
# 
_diffrn_source.current                     ? 
_diffrn_source.details                     ? 
_diffrn_source.diffrn_id                   1 
_diffrn_source.power                       ? 
_diffrn_source.size                        ? 
_diffrn_source.source                      'ROTATING ANODE' 
_diffrn_source.target                      ? 
_diffrn_source.type                        'RIGAKU MICROMAX-007 HF' 
_diffrn_source.voltage                     ? 
_diffrn_source.take-off_angle              ? 
_diffrn_source.pdbx_wavelength_list        1.5418 
_diffrn_source.pdbx_wavelength             ? 
_diffrn_source.pdbx_synchrotron_beamline   ? 
_diffrn_source.pdbx_synchrotron_site       ? 
# 
_reflns.B_iso_Wilson_estimate                          ? 
_reflns.entry_id                                       7Y37 
_reflns.data_reduction_details                         ? 
_reflns.data_reduction_method                          ? 
_reflns.d_resolution_high                              1.450 
_reflns.d_resolution_low                               26.530 
_reflns.details                                        ? 
_reflns.limit_h_max                                    ? 
_reflns.limit_h_min                                    ? 
_reflns.limit_k_max                                    ? 
_reflns.limit_k_min                                    ? 
_reflns.limit_l_max                                    ? 
_reflns.limit_l_min                                    ? 
_reflns.number_all                                     ? 
_reflns.number_obs                                     8727 
_reflns.observed_criterion                             ? 
_reflns.observed_criterion_F_max                       ? 
_reflns.observed_criterion_F_min                       ? 
_reflns.observed_criterion_I_max                       ? 
_reflns.observed_criterion_I_min                       ? 
_reflns.observed_criterion_sigma_F                     ? 
_reflns.observed_criterion_sigma_I                     ? 
_reflns.percent_possible_obs                           86.100 
_reflns.R_free_details                                 ? 
_reflns.Rmerge_F_all                                   ? 
_reflns.Rmerge_F_obs                                   ? 
_reflns.Friedel_coverage                               ? 
_reflns.number_gt                                      ? 
_reflns.threshold_expression                           ? 
_reflns.pdbx_redundancy                                6.300 
_reflns.pdbx_Rmerge_I_obs                              0.047 
_reflns.pdbx_Rmerge_I_all                              ? 
_reflns.pdbx_Rsym_value                                ? 
_reflns.pdbx_netI_over_av_sigmaI                       ? 
_reflns.pdbx_netI_over_sigmaI                          28.300 
_reflns.pdbx_res_netI_over_av_sigmaI_2                 ? 
_reflns.pdbx_res_netI_over_sigmaI_2                    ? 
_reflns.pdbx_chi_squared                               ? 
_reflns.pdbx_scaling_rejects                           80 
_reflns.pdbx_d_res_high_opt                            ? 
_reflns.pdbx_d_res_low_opt                             ? 
_reflns.pdbx_d_res_opt_method                          ? 
_reflns.phase_calculation_details                      ? 
_reflns.pdbx_Rrim_I_all                                0.051 
_reflns.pdbx_Rpim_I_all                                0.020 
_reflns.pdbx_d_opt                                     ? 
_reflns.pdbx_number_measured_all                       55181 
_reflns.pdbx_diffrn_id                                 1 
_reflns.pdbx_ordinal                                   1 
_reflns.pdbx_CC_half                                   0.998 
_reflns.pdbx_CC_star                                   ? 
_reflns.pdbx_R_split                                   ? 
_reflns.pdbx_aniso_diffraction_limit_axis_1_ortho[1]   ? 
_reflns.pdbx_aniso_diffraction_limit_axis_1_ortho[2]   ? 
_reflns.pdbx_aniso_diffraction_limit_axis_1_ortho[3]   ? 
_reflns.pdbx_aniso_diffraction_limit_axis_2_ortho[1]   ? 
_reflns.pdbx_aniso_diffraction_limit_axis_2_ortho[2]   ? 
_reflns.pdbx_aniso_diffraction_limit_axis_2_ortho[3]   ? 
_reflns.pdbx_aniso_diffraction_limit_axis_3_ortho[1]   ? 
_reflns.pdbx_aniso_diffraction_limit_axis_3_ortho[2]   ? 
_reflns.pdbx_aniso_diffraction_limit_axis_3_ortho[3]   ? 
_reflns.pdbx_aniso_diffraction_limit_1                 ? 
_reflns.pdbx_aniso_diffraction_limit_2                 ? 
_reflns.pdbx_aniso_diffraction_limit_3                 ? 
_reflns.pdbx_aniso_B_tensor_eigenvector_1_ortho[1]     ? 
_reflns.pdbx_aniso_B_tensor_eigenvector_1_ortho[2]     ? 
_reflns.pdbx_aniso_B_tensor_eigenvector_1_ortho[3]     ? 
_reflns.pdbx_aniso_B_tensor_eigenvector_2_ortho[1]     ? 
_reflns.pdbx_aniso_B_tensor_eigenvector_2_ortho[2]     ? 
_reflns.pdbx_aniso_B_tensor_eigenvector_2_ortho[3]     ? 
_reflns.pdbx_aniso_B_tensor_eigenvector_3_ortho[1]     ? 
_reflns.pdbx_aniso_B_tensor_eigenvector_3_ortho[2]     ? 
_reflns.pdbx_aniso_B_tensor_eigenvector_3_ortho[3]     ? 
_reflns.pdbx_aniso_B_tensor_eigenvalue_1               ? 
_reflns.pdbx_aniso_B_tensor_eigenvalue_2               ? 
_reflns.pdbx_aniso_B_tensor_eigenvalue_3               ? 
_reflns.pdbx_orthogonalization_convention              ? 
_reflns.pdbx_percent_possible_ellipsoidal              ? 
_reflns.pdbx_percent_possible_spherical                ? 
_reflns.pdbx_percent_possible_ellipsoidal_anomalous    ? 
_reflns.pdbx_percent_possible_spherical_anomalous      ? 
_reflns.pdbx_redundancy_anomalous                      ? 
_reflns.pdbx_CC_half_anomalous                         ? 
_reflns.pdbx_absDiff_over_sigma_anomalous              ? 
_reflns.pdbx_percent_possible_anomalous                ? 
_reflns.pdbx_observed_signal_threshold                 ? 
_reflns.pdbx_signal_type                               ? 
_reflns.pdbx_signal_details                            ? 
_reflns.pdbx_signal_software_id                        ? 
_reflns.pdbx_CC_split_method                           ? 
# 
loop_
_reflns_shell.d_res_high 
_reflns_shell.d_res_low 
_reflns_shell.meanI_over_sigI_all 
_reflns_shell.meanI_over_sigI_obs 
_reflns_shell.number_measured_all 
_reflns_shell.number_measured_obs 
_reflns_shell.number_possible 
_reflns_shell.number_unique_all 
_reflns_shell.number_unique_obs 
_reflns_shell.percent_possible_all 
_reflns_shell.percent_possible_obs 
_reflns_shell.Rmerge_F_all 
_reflns_shell.Rmerge_F_obs 
_reflns_shell.Rmerge_I_all 
_reflns_shell.Rmerge_I_obs 
_reflns_shell.meanI_over_sigI_gt 
_reflns_shell.meanI_over_uI_all 
_reflns_shell.meanI_over_uI_gt 
_reflns_shell.number_measured_gt 
_reflns_shell.number_unique_gt 
_reflns_shell.percent_possible_gt 
_reflns_shell.Rmerge_F_gt 
_reflns_shell.Rmerge_I_gt 
_reflns_shell.pdbx_redundancy 
_reflns_shell.pdbx_Rsym_value 
_reflns_shell.pdbx_chi_squared 
_reflns_shell.pdbx_netI_over_sigmaI_all 
_reflns_shell.pdbx_netI_over_sigmaI_obs 
_reflns_shell.pdbx_Rrim_I_all 
_reflns_shell.pdbx_Rpim_I_all 
_reflns_shell.pdbx_rejects 
_reflns_shell.pdbx_ordinal 
_reflns_shell.pdbx_diffrn_id 
_reflns_shell.pdbx_CC_half 
_reflns_shell.pdbx_CC_star 
_reflns_shell.pdbx_R_split 
_reflns_shell.pdbx_percent_possible_ellipsoidal 
_reflns_shell.pdbx_percent_possible_spherical 
_reflns_shell.pdbx_percent_possible_ellipsoidal_anomalous 
_reflns_shell.pdbx_percent_possible_spherical_anomalous 
_reflns_shell.pdbx_redundancy_anomalous 
_reflns_shell.pdbx_CC_half_anomalous 
_reflns_shell.pdbx_absDiff_over_sigma_anomalous 
_reflns_shell.pdbx_percent_possible_anomalous 
1.450 1.470  ? ? 258 ? ? ? 85 16.500 ? ? ? ? 0.226 ? ? ? ? ? ? ? ? 3.000 ? ? ? 7.600  0.278 0.159 ? 1 1 0.930 ? ? ? ? ? ? ? ? ? ? 
7.800 26.530 ? ? 432 ? ? ? 75 95.900 ? ? ? ? 0.025 ? ? ? ? ? ? ? ? 5.800 ? ? ? 34.300 0.028 0.012 ? 2 1 1.000 ? ? ? ? ? ? ? ? ? ? 
# 
_refine.aniso_B[1][1]                            ? 
_refine.aniso_B[1][2]                            ? 
_refine.aniso_B[1][3]                            ? 
_refine.aniso_B[2][2]                            ? 
_refine.aniso_B[2][3]                            ? 
_refine.aniso_B[3][3]                            ? 
_refine.B_iso_max                                41.590 
_refine.B_iso_mean                               8.8987 
_refine.B_iso_min                                2.640 
_refine.correlation_coeff_Fo_to_Fc               ? 
_refine.correlation_coeff_Fo_to_Fc_free          ? 
_refine.details                                  ? 
_refine.diff_density_max                         ? 
_refine.diff_density_max_esd                     ? 
_refine.diff_density_min                         ? 
_refine.diff_density_min_esd                     ? 
_refine.diff_density_rms                         ? 
_refine.diff_density_rms_esd                     ? 
_refine.entry_id                                 7Y37 
_refine.pdbx_refine_id                           'X-RAY DIFFRACTION' 
_refine.ls_abs_structure_details                 ? 
_refine.ls_abs_structure_Flack                   ? 
_refine.ls_abs_structure_Flack_esd               ? 
_refine.ls_abs_structure_Rogers                  ? 
_refine.ls_abs_structure_Rogers_esd              ? 
_refine.ls_d_res_high                            1.4500 
_refine.ls_d_res_low                             26.5300 
_refine.ls_extinction_coef                       ? 
_refine.ls_extinction_coef_esd                   ? 
_refine.ls_extinction_expression                 ? 
_refine.ls_extinction_method                     ? 
_refine.ls_goodness_of_fit_all                   ? 
_refine.ls_goodness_of_fit_all_esd               ? 
_refine.ls_goodness_of_fit_obs                   ? 
_refine.ls_goodness_of_fit_obs_esd               ? 
_refine.ls_hydrogen_treatment                    ? 
_refine.ls_matrix_type                           ? 
_refine.ls_number_constraints                    ? 
_refine.ls_number_parameters                     ? 
_refine.ls_number_reflns_all                     ? 
_refine.ls_number_reflns_obs                     8692 
_refine.ls_number_reflns_R_free                  429 
_refine.ls_number_reflns_R_work                  8263 
_refine.ls_number_restraints                     ? 
_refine.ls_percent_reflns_obs                    85.9400 
_refine.ls_percent_reflns_R_free                 4.9400 
_refine.ls_R_factor_all                          ? 
_refine.ls_R_factor_obs                          0.1572 
_refine.ls_R_factor_R_free                       0.1828 
_refine.ls_R_factor_R_free_error                 ? 
_refine.ls_R_factor_R_free_error_details         ? 
_refine.ls_R_factor_R_work                       0.1559 
_refine.ls_R_Fsqd_factor_obs                     ? 
_refine.ls_R_I_factor_obs                        ? 
_refine.ls_redundancy_reflns_all                 ? 
_refine.ls_redundancy_reflns_obs                 ? 
_refine.ls_restrained_S_all                      ? 
_refine.ls_restrained_S_obs                      ? 
_refine.ls_shift_over_esd_max                    ? 
_refine.ls_shift_over_esd_mean                   ? 
_refine.ls_structure_factor_coef                 ? 
_refine.ls_weighting_details                     ? 
_refine.ls_weighting_scheme                      ? 
_refine.ls_wR_factor_all                         ? 
_refine.ls_wR_factor_obs                         ? 
_refine.ls_wR_factor_R_free                      ? 
_refine.ls_wR_factor_R_work                      ? 
_refine.occupancy_max                            ? 
_refine.occupancy_min                            ? 
_refine.solvent_model_details                    'FLAT BULK SOLVENT MODEL' 
_refine.solvent_model_param_bsol                 ? 
_refine.solvent_model_param_ksol                 ? 
_refine.pdbx_R_complete                          ? 
_refine.ls_R_factor_gt                           ? 
_refine.ls_goodness_of_fit_gt                    ? 
_refine.ls_goodness_of_fit_ref                   ? 
_refine.ls_shift_over_su_max                     ? 
_refine.ls_shift_over_su_max_lt                  ? 
_refine.ls_shift_over_su_mean                    ? 
_refine.ls_shift_over_su_mean_lt                 ? 
_refine.pdbx_ls_sigma_I                          ? 
_refine.pdbx_ls_sigma_F                          1.340 
_refine.pdbx_ls_sigma_Fsqd                       ? 
_refine.pdbx_data_cutoff_high_absF               ? 
_refine.pdbx_data_cutoff_high_rms_absF           ? 
_refine.pdbx_data_cutoff_low_absF                ? 
_refine.pdbx_isotropic_thermal_model             ? 
_refine.pdbx_ls_cross_valid_method               THROUGHOUT 
_refine.pdbx_method_to_determine_struct          'MOLECULAR REPLACEMENT' 
_refine.pdbx_starting_model                      7F01 
_refine.pdbx_stereochemistry_target_values       ML 
_refine.pdbx_R_Free_selection_details            ? 
_refine.pdbx_stereochem_target_val_spec_case     ? 
_refine.pdbx_overall_ESU_R                       ? 
_refine.pdbx_overall_ESU_R_Free                  ? 
_refine.pdbx_solvent_vdw_probe_radii             1.1100 
_refine.pdbx_solvent_ion_probe_radii             ? 
_refine.pdbx_solvent_shrinkage_radii             0.9000 
_refine.pdbx_real_space_R                        ? 
_refine.pdbx_density_correlation                 ? 
_refine.pdbx_pd_number_of_powder_patterns        ? 
_refine.pdbx_pd_number_of_points                 ? 
_refine.pdbx_pd_meas_number_of_points            ? 
_refine.pdbx_pd_proc_ls_prof_R_factor            ? 
_refine.pdbx_pd_proc_ls_prof_wR_factor           ? 
_refine.pdbx_pd_Marquardt_correlation_coeff      ? 
_refine.pdbx_pd_Fsqrd_R_factor                   ? 
_refine.pdbx_pd_ls_matrix_band_width             ? 
_refine.pdbx_overall_phase_error                 20.0500 
_refine.pdbx_overall_SU_R_free_Cruickshank_DPI   ? 
_refine.pdbx_overall_SU_R_free_Blow_DPI          ? 
_refine.pdbx_overall_SU_R_Blow_DPI               ? 
_refine.pdbx_TLS_residual_ADP_flag               ? 
_refine.pdbx_diffrn_id                           1 
_refine.overall_SU_B                             ? 
_refine.overall_SU_ML                            0.1400 
_refine.overall_SU_R_Cruickshank_DPI             ? 
_refine.overall_SU_R_free                        ? 
_refine.overall_FOM_free_R_set                   ? 
_refine.overall_FOM_work_R_set                   ? 
_refine.pdbx_average_fsc_overall                 ? 
_refine.pdbx_average_fsc_work                    ? 
_refine.pdbx_average_fsc_free                    ? 
# 
_refine_hist.pdbx_refine_id                   'X-RAY DIFFRACTION' 
_refine_hist.cycle_id                         final 
_refine_hist.details                          ? 
_refine_hist.d_res_high                       1.4500 
_refine_hist.d_res_low                        26.5300 
_refine_hist.number_atoms_solvent             192 
_refine_hist.number_atoms_total               735 
_refine_hist.number_reflns_all                ? 
_refine_hist.number_reflns_obs                ? 
_refine_hist.number_reflns_R_free             ? 
_refine_hist.number_reflns_R_work             ? 
_refine_hist.R_factor_all                     ? 
_refine_hist.R_factor_obs                     ? 
_refine_hist.R_factor_R_free                  ? 
_refine_hist.R_factor_R_work                  ? 
_refine_hist.pdbx_number_residues_total       84 
_refine_hist.pdbx_B_iso_mean_ligand           ? 
_refine_hist.pdbx_B_iso_mean_solvent          14.52 
_refine_hist.pdbx_number_atoms_protein        543 
_refine_hist.pdbx_number_atoms_nucleic_acid   0 
_refine_hist.pdbx_number_atoms_ligand         0 
_refine_hist.pdbx_number_atoms_lipid          ? 
_refine_hist.pdbx_number_atoms_carb           ? 
_refine_hist.pdbx_pseudo_atom_details         ? 
# 
loop_
_refine_ls_shell.pdbx_refine_id 
_refine_ls_shell.d_res_high 
_refine_ls_shell.d_res_low 
_refine_ls_shell.number_reflns_all 
_refine_ls_shell.number_reflns_obs 
_refine_ls_shell.number_reflns_R_free 
_refine_ls_shell.number_reflns_R_work 
_refine_ls_shell.percent_reflns_obs 
_refine_ls_shell.percent_reflns_R_free 
_refine_ls_shell.R_factor_all 
_refine_ls_shell.R_factor_obs 
_refine_ls_shell.R_factor_R_free 
_refine_ls_shell.R_factor_R_free_error 
_refine_ls_shell.R_factor_R_work 
_refine_ls_shell.redundancy_reflns_all 
_refine_ls_shell.redundancy_reflns_obs 
_refine_ls_shell.wR_factor_all 
_refine_ls_shell.wR_factor_obs 
_refine_ls_shell.wR_factor_R_free 
_refine_ls_shell.wR_factor_R_work 
_refine_ls_shell.pdbx_R_complete 
_refine_ls_shell.pdbx_total_number_of_bins_used 
_refine_ls_shell.pdbx_phase_error 
_refine_ls_shell.pdbx_fsc_work 
_refine_ls_shell.pdbx_fsc_free 
'X-RAY DIFFRACTION' 1.4500 1.6600  1922 . 87  1835 58.0000  . . . 0.2720 0.0000 0.2207 . . . . . . . 3 . . . 
'X-RAY DIFFRACTION' 1.6600 2.0900  3334 . 186 3148 100.0000 . . . 0.2073 0.0000 0.1580 . . . . . . . 3 . . . 
'X-RAY DIFFRACTION' 2.0900 26.5300 3436 . 156 3280 100.0000 . . . 0.1500 0.0000 0.1414 . . . . . . . 3 . . . 
# 
_struct.entry_id                     7Y37 
_struct.title                        'Structure of a triple-helix region of human collagen type V' 
_struct.pdbx_model_details           ? 
_struct.pdbx_formula_weight          ? 
_struct.pdbx_formula_weight_method   ? 
_struct.pdbx_model_type_details      ? 
_struct.pdbx_CASP_flag               N 
# 
_struct_keywords.entry_id        7Y37 
_struct_keywords.text            'collagen, STRUCTURAL PROTEIN' 
_struct_keywords.pdbx_keywords   'STRUCTURAL PROTEIN' 
# 
loop_
_struct_asym.id 
_struct_asym.pdbx_blank_PDB_chainid_flag 
_struct_asym.pdbx_modified 
_struct_asym.entity_id 
_struct_asym.details 
A N N 1 ? 
B N N 1 ? 
C N N 1 ? 
D N N 2 ? 
E N N 2 ? 
F N N 2 ? 
# 
loop_
_struct_conn.id 
_struct_conn.conn_type_id 
_struct_conn.pdbx_leaving_atom_flag 
_struct_conn.pdbx_PDB_id 
_struct_conn.ptnr1_label_asym_id 
_struct_conn.ptnr1_label_comp_id 
_struct_conn.ptnr1_label_seq_id 
_struct_conn.ptnr1_label_atom_id 
_struct_conn.pdbx_ptnr1_label_alt_id 
_struct_conn.pdbx_ptnr1_PDB_ins_code 
_struct_conn.pdbx_ptnr1_standard_comp_id 
_struct_conn.ptnr1_symmetry 
_struct_conn.ptnr2_label_asym_id 
_struct_conn.ptnr2_label_comp_id 
_struct_conn.ptnr2_label_seq_id 
_struct_conn.ptnr2_label_atom_id 
_struct_conn.pdbx_ptnr2_label_alt_id 
_struct_conn.pdbx_ptnr2_PDB_ins_code 
_struct_conn.ptnr1_auth_asym_id 
_struct_conn.ptnr1_auth_comp_id 
_struct_conn.ptnr1_auth_seq_id 
_struct_conn.ptnr2_auth_asym_id 
_struct_conn.ptnr2_auth_comp_id 
_struct_conn.ptnr2_auth_seq_id 
_struct_conn.ptnr2_symmetry 
_struct_conn.pdbx_ptnr3_label_atom_id 
_struct_conn.pdbx_ptnr3_label_seq_id 
_struct_conn.pdbx_ptnr3_label_comp_id 
_struct_conn.pdbx_ptnr3_label_asym_id 
_struct_conn.pdbx_ptnr3_label_alt_id 
_struct_conn.pdbx_ptnr3_PDB_ins_code 
_struct_conn.details 
_struct_conn.pdbx_dist_value 
_struct_conn.pdbx_value_order 
_struct_conn.pdbx_role 
covale1  covale both ? A ACE 1  C ? ? ? 1_555 A PRO 2  N ? ? A ACE 0  A PRO 1  1_555 ? ? ? ? ? ? ? 1.327 ? ? 
covale2  covale both ? A PRO 2  C ? ? ? 1_555 A HYP 3  N ? ? A PRO 1  A HYP 2  1_555 ? ? ? ? ? ? ? 1.323 ? ? 
covale3  covale both ? A HYP 3  C ? ? ? 1_555 A GLY 4  N ? ? A HYP 2  A GLY 3  1_555 ? ? ? ? ? ? ? 1.328 ? ? 
covale4  covale both ? A PRO 5  C ? ? ? 1_555 A HYP 6  N ? ? A PRO 4  A HYP 5  1_555 ? ? ? ? ? ? ? 1.321 ? ? 
covale5  covale both ? A HYP 6  C ? ? ? 1_555 A GLY 7  N ? ? A HYP 5  A GLY 6  1_555 ? ? ? ? ? ? ? 1.328 ? ? 
covale6  covale both ? A PRO 20 C ? ? ? 1_555 A HYP 21 N ? ? A PRO 19 A HYP 20 1_555 ? ? ? ? ? ? ? 1.325 ? ? 
covale7  covale both ? A HYP 21 C ? ? ? 1_555 A GLY 22 N ? ? A HYP 20 A GLY 21 1_555 ? ? ? ? ? ? ? 1.329 ? ? 
covale8  covale both ? A PRO 23 C ? ? ? 1_555 A HYP 24 N ? ? A PRO 22 A HYP 23 1_555 ? ? ? ? ? ? ? 1.324 ? ? 
covale9  covale both ? A HYP 24 C ? ? ? 1_555 A GLY 25 N ? ? A HYP 23 A GLY 24 1_555 ? ? ? ? ? ? ? 1.328 ? ? 
covale10 covale both ? A PRO 26 C ? ? ? 1_555 A HYP 27 N ? ? A PRO 25 A HYP 26 1_555 ? ? ? ? ? ? ? 1.325 ? ? 
covale11 covale both ? A HYP 27 C ? ? ? 1_555 A GLY 28 N ? ? A HYP 26 A GLY 27 1_555 ? ? ? ? ? ? ? 1.330 ? ? 
covale12 covale both ? A GLY 28 C ? ? ? 1_555 A NH2 29 N ? ? A GLY 27 A NH2 28 1_555 ? ? ? ? ? ? ? 1.329 ? ? 
covale13 covale both ? B ACE 1  C ? ? ? 1_555 B PRO 2  N ? ? B ACE 0  B PRO 1  1_555 ? ? ? ? ? ? ? 1.329 ? ? 
covale14 covale both ? B PRO 2  C ? ? ? 1_555 B HYP 3  N ? ? B PRO 1  B HYP 2  1_555 ? ? ? ? ? ? ? 1.327 ? ? 
covale15 covale both ? B HYP 3  C ? ? ? 1_555 B GLY 4  N ? ? B HYP 2  B GLY 3  1_555 ? ? ? ? ? ? ? 1.327 ? ? 
covale16 covale both ? B PRO 5  C ? ? ? 1_555 B HYP 6  N ? ? B PRO 4  B HYP 5  1_555 ? ? ? ? ? ? ? 1.327 ? ? 
covale17 covale both ? B HYP 6  C ? ? ? 1_555 B GLY 7  N ? ? B HYP 5  B GLY 6  1_555 ? ? ? ? ? ? ? 1.327 ? ? 
covale18 covale both ? B PRO 20 C ? ? ? 1_555 B HYP 21 N ? ? B PRO 19 B HYP 20 1_555 ? ? ? ? ? ? ? 1.322 ? ? 
covale19 covale both ? B HYP 21 C ? ? ? 1_555 B GLY 22 N ? ? B HYP 20 B GLY 21 1_555 ? ? ? ? ? ? ? 1.328 ? ? 
covale20 covale both ? B PRO 23 C ? ? ? 1_555 B HYP 24 N ? ? B PRO 22 B HYP 23 1_555 ? ? ? ? ? ? ? 1.323 ? ? 
covale21 covale both ? B HYP 24 C ? ? ? 1_555 B GLY 25 N ? ? B HYP 23 B GLY 24 1_555 ? ? ? ? ? ? ? 1.328 ? ? 
covale22 covale both ? B PRO 26 C ? ? ? 1_555 B HYP 27 N ? ? B PRO 25 B HYP 26 1_555 ? ? ? ? ? ? ? 1.322 ? ? 
covale23 covale both ? B HYP 27 C ? ? ? 1_555 B GLY 28 N ? ? B HYP 26 B GLY 27 1_555 ? ? ? ? ? ? ? 1.324 ? ? 
covale24 covale both ? B GLY 28 C ? ? ? 1_555 B NH2 29 N ? ? B GLY 27 B NH2 28 1_555 ? ? ? ? ? ? ? 1.327 ? ? 
covale25 covale both ? C ACE 1  C ? ? ? 1_555 C PRO 2  N ? ? C ACE 0  C PRO 1  1_555 ? ? ? ? ? ? ? 1.330 ? ? 
covale26 covale both ? C PRO 2  C ? ? ? 1_555 C HYP 3  N ? ? C PRO 1  C HYP 2  1_555 ? ? ? ? ? ? ? 1.327 ? ? 
covale27 covale both ? C HYP 3  C ? ? ? 1_555 C GLY 4  N ? ? C HYP 2  C GLY 3  1_555 ? ? ? ? ? ? ? 1.328 ? ? 
covale28 covale both ? C PRO 5  C ? ? ? 1_555 C HYP 6  N ? ? C PRO 4  C HYP 5  1_555 ? ? ? ? ? ? ? 1.327 ? ? 
covale29 covale both ? C HYP 6  C ? ? ? 1_555 C GLY 7  N ? ? C HYP 5  C GLY 6  1_555 ? ? ? ? ? ? ? 1.326 ? ? 
covale30 covale both ? C PRO 20 C ? ? ? 1_555 C HYP 21 N ? ? C PRO 19 C HYP 20 1_555 ? ? ? ? ? ? ? 1.322 ? ? 
covale31 covale both ? C HYP 21 C ? ? ? 1_555 C GLY 22 N ? ? C HYP 20 C GLY 21 1_555 ? ? ? ? ? ? ? 1.326 ? ? 
covale32 covale both ? C PRO 23 C ? ? ? 1_555 C HYP 24 N ? ? C PRO 22 C HYP 23 1_555 ? ? ? ? ? ? ? 1.325 ? ? 
covale33 covale both ? C HYP 24 C ? ? ? 1_555 C GLY 25 N ? ? C HYP 23 C GLY 24 1_555 ? ? ? ? ? ? ? 1.328 ? ? 
covale34 covale both ? C PRO 26 C ? ? ? 1_555 C HYP 27 N ? ? C PRO 25 C HYP 26 1_555 ? ? ? ? ? ? ? 1.323 ? ? 
covale35 covale both ? C HYP 27 C ? ? ? 1_555 C GLY 28 N ? ? C HYP 26 C GLY 27 1_555 ? ? ? ? ? ? ? 1.330 ? ? 
covale36 covale both ? C GLY 28 C ? ? ? 1_555 C NH2 29 N ? ? C GLY 27 C NH2 28 1_555 ? ? ? ? ? ? ? 1.329 ? ? 
# 
_struct_conn_type.id          covale 
_struct_conn_type.criteria    ? 
_struct_conn_type.reference   ? 
# 
_atom_sites.entry_id                    7Y37 
_atom_sites.Cartn_transf_matrix[1][1]   ? 
_atom_sites.Cartn_transf_matrix[1][2]   ? 
_atom_sites.Cartn_transf_matrix[1][3]   ? 
_atom_sites.Cartn_transf_matrix[2][1]   ? 
_atom_sites.Cartn_transf_matrix[2][2]   ? 
_atom_sites.Cartn_transf_matrix[2][3]   ? 
_atom_sites.Cartn_transf_matrix[3][1]   ? 
_atom_sites.Cartn_transf_matrix[3][2]   ? 
_atom_sites.Cartn_transf_matrix[3][3]   ? 
_atom_sites.Cartn_transf_vector[1]      ? 
_atom_sites.Cartn_transf_vector[2]      ? 
_atom_sites.Cartn_transf_vector[3]      ? 
_atom_sites.fract_transf_matrix[1][1]   0.02772124 
_atom_sites.fract_transf_matrix[1][2]   0.01341042 
_atom_sites.fract_transf_matrix[1][3]   -0.00273245 
_atom_sites.fract_transf_matrix[2][1]   0.00600055 
_atom_sites.fract_transf_matrix[2][2]   -0.00392242 
_atom_sites.fract_transf_matrix[2][3]   0.04162621 
_atom_sites.fract_transf_matrix[3][1]   0.01583831 
_atom_sites.fract_transf_matrix[3][2]   -0.02232760 
_atom_sites.fract_transf_matrix[3][3]   -0.00438706 
_atom_sites.fract_transf_vector[1]      0.279600 
_atom_sites.fract_transf_vector[2]      0.599857 
_atom_sites.fract_transf_vector[3]      1.153987 
_atom_sites.solution_primary            ? 
_atom_sites.solution_secondary          ? 
_atom_sites.solution_hydrogens          ? 
_atom_sites.special_details             ? 
# 
loop_
_atom_type.symbol 
C 
N 
O 
# 
loop_
_atom_site.group_PDB 
_atom_site.id 
_atom_site.type_symbol 
_atom_site.label_atom_id 
_atom_site.label_alt_id 
_atom_site.label_comp_id 
_atom_site.label_asym_id 
_atom_site.label_entity_id 
_atom_site.label_seq_id 
_atom_site.pdbx_PDB_ins_code 
_atom_site.Cartn_x 
_atom_site.Cartn_y 
_atom_site.Cartn_z 
_atom_site.occupancy 
_atom_site.B_iso_or_equiv 
_atom_site.pdbx_formal_charge 
_atom_site.auth_seq_id 
_atom_site.auth_comp_id 
_atom_site.auth_asym_id 
_atom_site.auth_atom_id 
_atom_site.pdbx_PDB_model_num 
HETATM 1   C C   . ACE A 1 1  ? 0.704  42.009  1.879   1    10.80 ? 0   ACE A C   1 
HETATM 2   O O   . ACE A 1 1  ? -0.216 41.532  1.220   1    10.80 ? 0   ACE A O   1 
HETATM 3   C CH3 . ACE A 1 1  ? 0.632  43.383  2.479   1    10.80 ? 0   ACE A CH3 1 
ATOM   4   N N   . PRO A 1 2  ? 1.829  41.342  2.104   1.00 17.16 ? 1   PRO A N   1 
ATOM   5   C CA  . PRO A 1 2  ? 2.046  39.989  1.579   1.00 11.45 ? 1   PRO A CA  1 
ATOM   6   C C   . PRO A 1 2  ? 1.137  38.930  2.187   1.00 11.93 ? 1   PRO A C   1 
ATOM   7   O O   . PRO A 1 2  ? 0.869  38.916  3.388   1.00 11.82 ? 1   PRO A O   1 
ATOM   8   C CB  . PRO A 1 2  ? 3.498  39.696  1.956   1.00 17.24 ? 1   PRO A CB  1 
ATOM   9   C CG  . PRO A 1 2  ? 3.757  40.525  3.167   1.00 35.19 ? 1   PRO A CG  1 
ATOM   10  C CD  . PRO A 1 2  ? 2.774  41.672  3.184   1.00 37.07 ? 1   PRO A CD  1 
HETATM 11  N N   . HYP A 1 3  ? 0.668  38.029  1.338   1.00 8.67  ? 2   HYP A N   1 
HETATM 12  C CA  . HYP A 1 3  ? -0.106 36.875  1.812   1.00 7.81  ? 2   HYP A CA  1 
HETATM 13  C C   . HYP A 1 3  ? 0.733  35.992  2.802   1.00 15.18 ? 2   HYP A C   1 
HETATM 14  O O   . HYP A 1 3  ? 1.979  36.053  2.791   1.00 9.46  ? 2   HYP A O   1 
HETATM 15  C CB  . HYP A 1 3  ? -0.463 36.069  0.565   1.00 7.29  ? 2   HYP A CB  1 
HETATM 16  C CG  . HYP A 1 3  ? -0.529 37.103  -0.554  1.00 8.53  ? 2   HYP A CG  1 
HETATM 17  C CD  . HYP A 1 3  ? 0.665  37.978  -0.142  1.00 17.25 ? 2   HYP A CD  1 
HETATM 18  O OD1 . HYP A 1 3  ? -1.716 37.819  -0.611  1.00 9.53  ? 2   HYP A OD1 1 
ATOM   19  N N   . GLY A 1 4  ? 0.045  35.215  3.631   1.00 7.59  ? 3   GLY A N   1 
ATOM   20  C CA  . GLY A 1 4  ? 0.719  34.300  4.533   1.00 7.47  ? 3   GLY A CA  1 
ATOM   21  C C   . GLY A 1 4  ? 1.452  33.192  3.804   1.00 6.43  ? 3   GLY A C   1 
ATOM   22  O O   . GLY A 1 4  ? 1.379  33.091  2.579   1.00 6.23  ? 3   GLY A O   1 
ATOM   23  N N   . PRO A 1 5  ? 2.174  32.354  4.557   1.00 6.55  ? 4   PRO A N   1 
ATOM   24  C CA  . PRO A 1 5  ? 2.917  31.219  4.004   1.00 7.07  ? 4   PRO A CA  1 
ATOM   25  C C   . PRO A 1 5  ? 1.972  30.173  3.436   1.00 5.21  ? 4   PRO A C   1 
ATOM   26  O O   . PRO A 1 5  ? 0.791  30.128  3.787   1.00 5.07  ? 4   PRO A O   1 
ATOM   27  C CB  . PRO A 1 5  ? 3.629  30.639  5.237   1.00 6.94  ? 4   PRO A CB  1 
ATOM   28  C CG  . PRO A 1 5  ? 3.656  31.752  6.215   1.00 13.11 ? 4   PRO A CG  1 
ATOM   29  C CD  . PRO A 1 5  ? 2.343  32.444  6.016   1.00 8.26  ? 4   PRO A CD  1 
HETATM 30  N N   . HYP A 1 6  ? 2.492  29.327  2.565   1.00 5.72  ? 5   HYP A N   1 
HETATM 31  C CA  . HYP A 1 6  ? 1.746  28.144  2.133   1.00 5.68  ? 5   HYP A CA  1 
HETATM 32  C C   . HYP A 1 6  ? 1.299  27.294  3.370   1.00 5.34  ? 5   HYP A C   1 
HETATM 33  O O   . HYP A 1 6  ? 1.998  27.280  4.405   1.00 5.53  ? 5   HYP A O   1 
HETATM 34  C CB  . HYP A 1 6  ? 2.711  27.317  1.270   1.00 5.44  ? 5   HYP A CB  1 
HETATM 35  C CG  . HYP A 1 6  ? 3.748  28.322  0.764   1.00 21.65 ? 5   HYP A CG  1 
HETATM 36  C CD  . HYP A 1 6  ? 3.861  29.216  1.995   1.00 8.83  ? 5   HYP A CD  1 
HETATM 37  O OD1 . HYP A 1 6  ? 3.367  29.043  -0.356  1.00 17.93 ? 5   HYP A OD1 1 
ATOM   38  N N   . GLY A 1 7  ? 0.159  26.624  3.245   1.00 4.20  ? 6   GLY A N   1 
ATOM   39  C CA  . GLY A 1 7  ? -0.315 25.714  4.274   1.00 4.03  ? 6   GLY A CA  1 
ATOM   40  C C   . GLY A 1 7  ? 0.617  24.554  4.570   1.00 3.84  ? 6   GLY A C   1 
ATOM   41  O O   . GLY A 1 7  ? 1.646  24.363  3.912   1.00 4.12  ? 6   GLY A O   1 
ATOM   42  N N   . PHE A 1 8  ? 0.249  23.759  5.545   1.00 3.75  ? 7   PHE A N   1 
ATOM   43  C CA  . PHE A 1 8  ? 1.185  22.738  5.964   1.00 3.80  ? 7   PHE A CA  1 
ATOM   44  C C   . PHE A 1 8  ? 1.092  21.577  4.966   1.00 3.76  ? 7   PHE A C   1 
ATOM   45  O O   . PHE A 1 8  ? 0.025  21.332  4.395   1.00 5.29  ? 7   PHE A O   1 
ATOM   46  C CB  . PHE A 1 8  ? 0.798  22.261  7.363   1.00 5.93  ? 7   PHE A CB  1 
ATOM   47  C CG  . PHE A 1 8  ? 1.913  21.598  8.103   1.00 6.68  ? 7   PHE A CG  1 
ATOM   48  C CD1 . PHE A 1 8  ? 2.898  22.391  8.668   1.00 7.75  ? 7   PHE A CD1 1 
ATOM   49  C CD2 . PHE A 1 8  ? 1.990  20.230  8.256   1.00 4.40  ? 7   PHE A CD2 1 
ATOM   50  C CE1 . PHE A 1 8  ? 3.945  21.843  9.351   1.00 9.11  ? 7   PHE A CE1 1 
ATOM   51  C CE2 . PHE A 1 8  ? 3.051  19.669  8.955   1.00 5.73  ? 7   PHE A CE2 1 
ATOM   52  C CZ  . PHE A 1 8  ? 4.021  20.473  9.497   1.00 6.62  ? 7   PHE A CZ  1 
ATOM   53  N N   . PRO A 1 9  ? 2.201  20.892  4.676   1.00 5.66  ? 8   PRO A N   1 
ATOM   54  C CA  . PRO A 1 9  ? 2.142  19.802  3.690   1.00 5.23  ? 8   PRO A CA  1 
ATOM   55  C C   . PRO A 1 9  ? 1.147  18.730  4.097   1.00 6.03  ? 8   PRO A C   1 
ATOM   56  O O   . PRO A 1 9  ? 0.957  18.441  5.281   1.00 6.26  ? 8   PRO A O   1 
ATOM   57  C CB  . PRO A 1 9  ? 3.570  19.247  3.681   1.00 5.82  ? 8   PRO A CB  1 
ATOM   58  C CG  . PRO A 1 9  ? 4.411  20.402  4.082   1.00 6.40  ? 8   PRO A CG  1 
ATOM   59  C CD  . PRO A 1 9  ? 3.586  21.186  5.086   1.00 6.49  ? 8   PRO A CD  1 
ATOM   60  N N   . GLY A 1 10 ? 0.510  18.131  3.096   1.00 4.70  ? 9   GLY A N   1 
ATOM   61  C CA  . GLY A 1 10 ? -0.402 17.039  3.363   1.00 6.58  ? 9   GLY A CA  1 
ATOM   62  C C   . GLY A 1 10 ? 0.316  15.834  3.942   1.00 5.29  ? 9   GLY A C   1 
ATOM   63  O O   . GLY A 1 10 ? 1.513  15.618  3.725   1.00 7.37  ? 9   GLY A O   1 
ATOM   64  N N   . ASP A 1 11 ? -0.433 15.042  4.705   1.00 5.74  ? 10  ASP A N   1 
ATOM   65  C CA  . ASP A 1 11 ? 0.114  13.831  5.298   1.00 6.18  ? 10  ASP A CA  1 
ATOM   66  C C   . ASP A 1 11 ? 0.424  12.799  4.212   1.00 6.11  ? 10  ASP A C   1 
ATOM   67  O O   . ASP A 1 11 ? -0.167 12.793  3.129   1.00 8.17  ? 10  ASP A O   1 
ATOM   68  C CB  . ASP A 1 11 ? -0.885 13.213  6.283   1.00 6.82  ? 10  ASP A CB  1 
ATOM   69  C CG  . ASP A 1 11 ? -1.228 14.131  7.463   1.00 14.42 ? 10  ASP A CG  1 
ATOM   70  O OD1 . ASP A 1 11 ? -0.567 15.172  7.655   1.00 11.34 ? 10  ASP A OD1 1 
ATOM   71  O OD2 . ASP A 1 11 ? -2.171 13.797  8.217   1.00 13.54 ? 10  ASP A OD2 1 
ATOM   72  N N   . ARG A 1 12 ? 1.365  11.908  4.514   1.00 9.10  ? 11  ARG A N   1 
ATOM   73  C CA  . ARG A 1 12 ? 1.561  10.766  3.637   1.00 7.29  ? 11  ARG A CA  1 
ATOM   74  C C   . ARG A 1 12 ? 0.286  9.929   3.628   1.00 6.29  ? 11  ARG A C   1 
ATOM   75  O O   . ARG A 1 12 ? -0.432 9.843   4.627   1.00 7.64  ? 11  ARG A O   1 
ATOM   76  C CB  . ARG A 1 12 ? 2.734  9.904   4.120   1.00 9.36  ? 11  ARG A CB  1 
ATOM   77  C CG  . ARG A 1 12 ? 3.109  8.807   3.130   1.00 11.20 ? 11  ARG A CG  1 
ATOM   78  C CD  . ARG A 1 12 ? 4.346  8.031   3.538   1.00 10.97 ? 11  ARG A CD  1 
ATOM   79  N NE  . ARG A 1 12 ? 4.860  7.259   2.414   1.00 6.75  ? 11  ARG A NE  1 
ATOM   80  C CZ  . ARG A 1 12 ? 6.017  6.606   2.436   1.00 8.96  ? 11  ARG A CZ  1 
ATOM   81  N NH1 . ARG A 1 12 ? 6.753  6.615   3.537   1.00 9.67  ? 11  ARG A NH1 1 
ATOM   82  N NH2 . ARG A 1 12 ? 6.431  5.932   1.372   1.00 7.22  ? 11  ARG A NH2 1 
ATOM   83  N N   . GLY A 1 13 ? -0.008 9.330   2.481   1.00 5.94  ? 12  GLY A N   1 
ATOM   84  C CA  . GLY A 1 13 ? -1.156 8.449   2.375   1.00 6.25  ? 12  GLY A CA  1 
ATOM   85  C C   . GLY A 1 13 ? -1.045 7.258   3.306   1.00 7.19  ? 12  GLY A C   1 
ATOM   86  O O   . GLY A 1 13 ? 0.007  6.953   3.869   1.00 6.85  ? 12  GLY A O   1 
ATOM   87  N N   . LEU A 1 14 ? -2.171 6.570   3.469   1.00 4.59  ? 13  LEU A N   1 
ATOM   88  C CA  . LEU A 1 14 ? -2.199 5.404   4.341   1.00 4.36  ? 13  LEU A CA  1 
ATOM   89  C C   . LEU A 1 14 ? -1.519 4.220   3.658   1.00 4.13  ? 13  LEU A C   1 
ATOM   90  O O   . LEU A 1 14 ? -1.453 4.153   2.429   1.00 3.77  ? 13  LEU A O   1 
ATOM   91  C CB  . LEU A 1 14 ? -3.644 5.030   4.656   1.00 6.08  ? 13  LEU A CB  1 
ATOM   92  C CG  . LEU A 1 14 ? -4.467 6.079   5.409   1.00 10.61 ? 13  LEU A CG  1 
ATOM   93  C CD1 . LEU A 1 14 ? -5.900 5.588   5.591   1.00 15.08 ? 13  LEU A CD1 1 
ATOM   94  C CD2 . LEU A 1 14 ? -3.837 6.439   6.737   1.00 13.78 ? 13  LEU A CD2 1 
ATOM   95  N N   . PRO A 1 15 ? -1.006 3.267   4.440   1.00 3.43  ? 14  PRO A N   1 
ATOM   96  C CA  . PRO A 1 15 ? -0.422 2.061   3.843   1.00 3.12  ? 14  PRO A CA  1 
ATOM   97  C C   . PRO A 1 15 ? -1.415 1.314   2.965   1.00 3.15  ? 14  PRO A C   1 
ATOM   98  O O   . PRO A 1 15 ? -2.624 1.291   3.221   1.00 3.43  ? 14  PRO A O   1 
ATOM   99  C CB  . PRO A 1 15 ? -0.028 1.219   5.064   1.00 3.30  ? 14  PRO A CB  1 
ATOM   100 C CG  . PRO A 1 15 ? 0.216  2.236   6.134   1.00 6.05  ? 14  PRO A CG  1 
ATOM   101 C CD  . PRO A 1 15 ? -0.805 3.313   5.898   1.00 3.84  ? 14  PRO A CD  1 
ATOM   102 N N   . GLY A 1 16 ? -0.886 0.695   1.917   1.00 3.37  ? 15  GLY A N   1 
ATOM   103 C CA  . GLY A 1 16 ? -1.686 -0.118  1.036   1.00 3.44  ? 15  GLY A CA  1 
ATOM   104 C C   . GLY A 1 16 ? -2.153 -1.393  1.707   1.00 3.43  ? 15  GLY A C   1 
ATOM   105 O O   . GLY A 1 16 ? -1.687 -1.764  2.788   1.00 5.84  ? 15  GLY A O   1 
ATOM   106 N N   . PRO A 1 17 ? -3.084 -2.095  1.070   1.00 3.82  ? 16  PRO A N   1 
ATOM   107 C CA  . PRO A 1 17 ? -3.567 -3.362  1.629   1.00 4.06  ? 16  PRO A CA  1 
ATOM   108 C C   . PRO A 1 17 ? -2.547 -4.477  1.439   1.00 4.07  ? 16  PRO A C   1 
ATOM   109 O O   . PRO A 1 17 ? -1.636 -4.394  0.616   1.00 4.24  ? 16  PRO A O   1 
ATOM   110 C CB  . PRO A 1 17 ? -4.833 -3.638  0.811   1.00 4.63  ? 16  PRO A CB  1 
ATOM   111 C CG  . PRO A 1 17 ? -4.554 -2.977  -0.505  1.00 4.94  ? 16  PRO A CG  1 
ATOM   112 C CD  . PRO A 1 17 ? -3.775 -1.734  -0.182  1.00 5.88  ? 16  PRO A CD  1 
ATOM   113 N N   . VAL A 1 18 ? -2.723 -5.545  2.225   1.00 4.68  ? 17  VAL A N   1 
ATOM   114 C CA  . VAL A 1 18 ? -1.892 -6.738  2.083   1.00 4.71  ? 17  VAL A CA  1 
ATOM   115 C C   . VAL A 1 18 ? -1.964 -7.262  0.651   1.00 5.21  ? 17  VAL A C   1 
ATOM   116 O O   . VAL A 1 18 ? -3.023 -7.246  0.010   1.00 5.49  ? 17  VAL A O   1 
ATOM   117 C CB  . VAL A 1 18 ? -2.362 -7.805  3.087   1.00 5.20  ? 17  VAL A CB  1 
ATOM   118 C CG1 . VAL A 1 18 ? -1.585 -9.098  2.927   1.00 5.89  ? 17  VAL A CG1 1 
ATOM   119 C CG2 . VAL A 1 18 ? -2.237 -7.301  4.506   1.00 9.23  ? 17  VAL A CG2 1 
ATOM   120 N N   . GLY A 1 19 ? -0.830 -7.734  0.136   1.00 5.13  ? 18  GLY A N   1 
ATOM   121 C CA  . GLY A 1 19 ? -0.804 -8.341  -1.173  1.00 5.01  ? 18  GLY A CA  1 
ATOM   122 C C   . GLY A 1 19 ? -1.613 -9.619  -1.222  1.00 4.47  ? 18  GLY A C   1 
ATOM   123 O O   . GLY A 1 19 ? -1.994 -10.180 -0.191  1.00 5.39  ? 18  GLY A O   1 
ATOM   124 N N   . PRO A 1 20 ? -1.890 -10.112 -2.435  1.00 4.47  ? 19  PRO A N   1 
ATOM   125 C CA  . PRO A 1 20 ? -2.698 -11.329 -2.555  1.00 6.38  ? 19  PRO A CA  1 
ATOM   126 C C   . PRO A 1 20 ? -1.954 -12.565 -2.066  1.00 3.69  ? 19  PRO A C   1 
ATOM   127 O O   . PRO A 1 20 ? -0.724 -12.606 -2.075  1.00 4.18  ? 19  PRO A O   1 
ATOM   128 C CB  . PRO A 1 20 ? -2.991 -11.405 -4.060  1.00 7.40  ? 19  PRO A CB  1 
ATOM   129 C CG  . PRO A 1 20 ? -1.839 -10.694 -4.701  1.00 8.60  ? 19  PRO A CG  1 
ATOM   130 C CD  . PRO A 1 20 ? -1.436 -9.601  -3.741  1.00 6.76  ? 19  PRO A CD  1 
HETATM 131 N N   . HYP A 1 21 ? -2.703 -13.560 -1.613  1.00 3.62  ? 20  HYP A N   1 
HETATM 132 C CA  . HYP A 1 21 ? -2.098 -14.817 -1.167  1.00 3.25  ? 20  HYP A CA  1 
HETATM 133 C C   . HYP A 1 21 ? -1.314 -15.452 -2.341  1.00 5.21  ? 20  HYP A C   1 
HETATM 134 O O   . HYP A 1 21 ? -1.684 -15.248 -3.513  1.00 3.82  ? 20  HYP A O   1 
HETATM 135 C CB  . HYP A 1 21 ? -3.265 -15.737 -0.756  1.00 3.92  ? 20  HYP A CB  1 
HETATM 136 C CG  . HYP A 1 21 ? -4.399 -14.766 -0.415  1.00 6.54  ? 20  HYP A CG  1 
HETATM 137 C CD  . HYP A 1 21 ? -4.173 -13.729 -1.511  1.00 7.53  ? 20  HYP A CD  1 
HETATM 138 O OD1 . HYP A 1 21 ? -4.318 -14.183 0.846   1.00 6.72  ? 20  HYP A OD1 1 
ATOM   139 N N   . GLY A 1 22 ? -0.257 -16.190 -2.020  1.00 3.84  ? 21  GLY A N   1 
ATOM   140 C CA  . GLY A 1 22 ? 0.503  -16.872 -3.046  1.00 3.45  ? 21  GLY A CA  1 
ATOM   141 C C   . GLY A 1 22 ? -0.355 -17.860 -3.823  1.00 2.84  ? 21  GLY A C   1 
ATOM   142 O O   . GLY A 1 22 ? -1.432 -18.268 -3.378  1.00 4.66  ? 21  GLY A O   1 
ATOM   143 N N   . PRO A 1 23 ? 0.108  -18.235 -5.016  1.00 3.39  ? 22  PRO A N   1 
ATOM   144 C CA  . PRO A 1 23 ? -0.589 -19.228 -5.824  1.00 2.95  ? 22  PRO A CA  1 
ATOM   145 C C   . PRO A 1 23 ? -0.400 -20.597 -5.191  1.00 3.02  ? 22  PRO A C   1 
ATOM   146 O O   . PRO A 1 23 ? 0.428  -20.765 -4.286  1.00 3.91  ? 22  PRO A O   1 
ATOM   147 C CB  . PRO A 1 23 ? 0.144  -19.128 -7.170  1.00 3.32  ? 22  PRO A CB  1 
ATOM   148 C CG  . PRO A 1 23 ? 1.539  -18.802 -6.765  1.00 3.36  ? 22  PRO A CG  1 
ATOM   149 C CD  . PRO A 1 23 ? 1.362  -17.797 -5.655  1.00 3.26  ? 22  PRO A CD  1 
HETATM 150 N N   . HYP A 1 24 ? -1.161 -21.576 -5.654  1.00 2.81  ? 23  HYP A N   1 
HETATM 151 C CA  . HYP A 1 24 ? -1.025 -22.932 -5.103  1.00 2.77  ? 23  HYP A CA  1 
HETATM 152 C C   . HYP A 1 24 ? 0.423  -23.483 -5.323  1.00 3.97  ? 23  HYP A C   1 
HETATM 153 O O   . HYP A 1 24 ? 1.097  -23.080 -6.284  1.00 4.15  ? 23  HYP A O   1 
HETATM 154 C CB  . HYP A 1 24 ? -1.987 -23.794 -5.899  1.00 3.71  ? 23  HYP A CB  1 
HETATM 155 C CG  . HYP A 1 24 ? -3.106 -22.840 -6.263  1.00 6.36  ? 23  HYP A CG  1 
HETATM 156 C CD  . HYP A 1 24 ? -2.275 -21.600 -6.602  1.00 5.56  ? 23  HYP A CD  1 
HETATM 157 O OD1 . HYP A 1 24 ? -3.994 -22.605 -5.236  1.00 5.31  ? 23  HYP A OD1 1 
ATOM   158 N N   . GLY A 1 25 ? 0.873  -24.375 -4.448  1.00 3.69  ? 24  GLY A N   1 
ATOM   159 C CA  . GLY A 1 25 ? 2.163  -25.010 -4.622  1.00 5.43  ? 24  GLY A CA  1 
ATOM   160 C C   . GLY A 1 25 ? 2.207  -25.951 -5.810  1.00 2.94  ? 24  GLY A C   1 
ATOM   161 O O   . GLY A 1 25 ? 1.214  -26.131 -6.512  1.00 2.92  ? 24  GLY A O   1 
ATOM   162 N N   . PRO A 1 26 ? 3.375  -26.552 -6.049  1.00 3.37  ? 25  PRO A N   1 
ATOM   163 C CA  . PRO A 1 26 ? 3.557  -27.537 -7.115  1.00 4.77  ? 25  PRO A CA  1 
ATOM   164 C C   . PRO A 1 26 ? 2.799  -28.806 -6.772  1.00 5.25  ? 25  PRO A C   1 
ATOM   165 O O   . PRO A 1 26 ? 2.385  -28.997 -5.631  1.00 3.44  ? 25  PRO A O   1 
ATOM   166 C CB  . PRO A 1 26 ? 5.059  -27.818 -7.068  1.00 7.34  ? 25  PRO A CB  1 
ATOM   167 C CG  . PRO A 1 26 ? 5.662  -26.641 -6.370  1.00 3.88  ? 25  PRO A CG  1 
ATOM   168 C CD  . PRO A 1 26 ? 4.637  -26.238 -5.363  1.00 3.70  ? 25  PRO A CD  1 
HETATM 169 N N   . HYP A 1 27 ? 2.622  -29.676 -7.756  1.00 3.66  ? 26  HYP A N   1 
HETATM 170 C CA  . HYP A 1 27 ? 2.004  -30.993 -7.498  1.00 3.76  ? 26  HYP A CA  1 
HETATM 171 C C   . HYP A 1 27 ? 2.804  -31.800 -6.412  1.00 5.77  ? 26  HYP A C   1 
HETATM 172 O O   . HYP A 1 27 ? 4.029  -31.629 -6.293  1.00 4.65  ? 26  HYP A O   1 
HETATM 173 C CB  . HYP A 1 27 ? 2.058  -31.734 -8.836  1.00 3.97  ? 26  HYP A CB  1 
HETATM 174 C CG  . HYP A 1 27 ? 2.024  -30.604 -9.867  1.00 5.14  ? 26  HYP A CG  1 
HETATM 175 C CD  . HYP A 1 27 ? 2.965  -29.635 -9.192  1.00 4.86  ? 26  HYP A CD  1 
HETATM 176 O OD1 . HYP A 1 27 ? 0.778  -30.032 -10.046 1.00 4.76  ? 26  HYP A OD1 1 
ATOM   177 N N   . GLY A 1 28 ? 2.096  -32.639 -5.659  1.00 4.47  ? 27  GLY A N   1 
ATOM   178 C CA  . GLY A 1 28 ? 2.716  -33.522 -4.690  1.00 5.08  ? 27  GLY A CA  1 
ATOM   179 C C   . GLY A 1 28 ? 3.625  -34.522 -5.377  1.00 9.59  ? 27  GLY A C   1 
ATOM   180 O O   . GLY A 1 28 ? 3.529  -34.726 -6.590  1.00 6.17  ? 27  GLY A O   1 
HETATM 181 N N   . NH2 A 1 29 ? 4.520  -35.133 -4.608  1.00 6.65  ? 28  NH2 A N   1 
HETATM 182 C C   . ACE B 1 1  ? -3.207 38.973  5.290   1    8.45  ? 0   ACE B C   1 
HETATM 183 O O   . ACE B 1 1  ? -3.812 38.245  6.075   1    8.45  ? 0   ACE B O   1 
HETATM 184 C CH3 . ACE B 1 1  ? -2.284 40.060  5.757   1    8.45  ? 0   ACE B CH3 1 
ATOM   185 N N   . PRO B 1 2  ? -3.326 38.857  3.971   1.00 10.74 ? 1   PRO B N   1 
ATOM   186 C CA  . PRO B 1 2  ? -4.182 37.849  3.331   1.00 10.76 ? 1   PRO B CA  1 
ATOM   187 C C   . PRO B 1 2  ? -3.716 36.429  3.634   1.00 7.23  ? 1   PRO B C   1 
ATOM   188 O O   . PRO B 1 2  ? -2.522 36.187  3.820   1.00 7.11  ? 1   PRO B O   1 
ATOM   189 C CB  . PRO B 1 2  ? -3.969 38.131  1.838   1.00 13.38 ? 1   PRO B CB  1 
ATOM   190 C CG  . PRO B 1 2  ? -3.607 39.570  1.805   1.00 10.95 ? 1   PRO B CG  1 
ATOM   191 C CD  . PRO B 1 2  ? -2.656 39.686  2.955   1.00 12.27 ? 1   PRO B CD  1 
HETATM 192 N N   . HYP B 1 3  ? -4.649 35.486  3.667   1.00 7.16  ? 2   HYP B N   1 
HETATM 193 C CA  . HYP B 1 3  ? -4.287 34.070  3.923   1.00 7.63  ? 2   HYP B CA  1 
HETATM 194 C C   . HYP B 1 3  ? -3.376 33.460  2.791   1.00 5.77  ? 2   HYP B C   1 
HETATM 195 O O   . HYP B 1 3  ? -3.559 33.778  1.603   1.00 6.45  ? 2   HYP B O   1 
HETATM 196 C CB  . HYP B 1 3  ? -5.603 33.303  4.012   1.00 7.32  ? 2   HYP B CB  1 
HETATM 197 C CG  . HYP B 1 3  ? -6.632 34.347  4.437   1.00 6.94  ? 2   HYP B CG  1 
HETATM 198 C CD  . HYP B 1 3  ? -6.121 35.571  3.680   1.00 8.88  ? 2   HYP B CD  1 
HETATM 199 O OD1 . HYP B 1 3  ? -6.677 34.608  5.794   1.00 9.83  ? 2   HYP B OD1 1 
ATOM   200 N N   . GLY B 1 4  ? -2.424 32.620  3.178   1.00 5.41  ? 3   GLY B N   1 
ATOM   201 C CA  . GLY B 1 4  ? -1.551 31.969  2.223   1.00 6.08  ? 3   GLY B CA  1 
ATOM   202 C C   . GLY B 1 4  ? -2.286 30.927  1.408   1.00 4.85  ? 3   GLY B C   1 
ATOM   203 O O   . GLY B 1 4  ? -3.448 30.612  1.680   1.00 4.82  ? 3   GLY B O   1 
ATOM   204 N N   . PRO B 1 5  ? -1.614 30.375  0.398   1.00 6.46  ? 4   PRO B N   1 
ATOM   205 C CA  . PRO B 1 5  ? -2.241 29.350  -0.431  1.00 4.68  ? 4   PRO B CA  1 
ATOM   206 C C   . PRO B 1 5  ? -2.181 27.962  0.208   1.00 4.88  ? 4   PRO B C   1 
ATOM   207 O O   . PRO B 1 5  ? -1.453 27.753  1.176   1.00 5.06  ? 4   PRO B O   1 
ATOM   208 C CB  . PRO B 1 5  ? -1.408 29.417  -1.710  1.00 8.43  ? 4   PRO B CB  1 
ATOM   209 C CG  . PRO B 1 5  ? -0.030 29.699  -1.199  1.00 7.69  ? 4   PRO B CG  1 
ATOM   210 C CD  . PRO B 1 5  ? -0.233 30.658  -0.030  1.00 8.44  ? 4   PRO B CD  1 
HETATM 211 N N   . HYP B 1 6  ? -2.957 27.028  -0.328  1.00 4.10  ? 5   HYP B N   1 
HETATM 212 C CA  . HYP B 1 6  ? -2.990 25.654  0.212   1.00 3.72  ? 5   HYP B CA  1 
HETATM 213 C C   . HYP B 1 6  ? -1.575 24.975  0.257   1.00 4.64  ? 5   HYP B C   1 
HETATM 214 O O   . HYP B 1 6  ? -0.743 25.207  -0.636  1.00 3.62  ? 5   HYP B O   1 
HETATM 215 C CB  . HYP B 1 6  ? -3.920 24.866  -0.713  1.00 4.05  ? 5   HYP B CB  1 
HETATM 216 C CG  . HYP B 1 6  ? -4.941 25.908  -1.161  1.00 6.42  ? 5   HYP B CG  1 
HETATM 217 C CD  . HYP B 1 6  ? -4.003 27.096  -1.382  1.00 6.03  ? 5   HYP B CD  1 
HETATM 218 O OD1 . HYP B 1 6  ? -5.937 26.178  -0.231  1.00 6.64  ? 5   HYP B OD1 1 
ATOM   219 N N   . GLY B 1 7  ? -1.339 24.167  1.284   1.00 3.23  ? 6   GLY B N   1 
ATOM   220 C CA  . GLY B 1 7  ? -0.097 23.418  1.376   1.00 3.15  ? 6   GLY B CA  1 
ATOM   221 C C   . GLY B 1 7  ? 0.055  22.398  0.262   1.00 3.54  ? 6   GLY B C   1 
ATOM   222 O O   . GLY B 1 7  ? -0.886 22.130  -0.483  1.00 4.51  ? 6   GLY B O   1 
ATOM   223 N N   . PHE B 1 8  ? 1.250  21.822  0.154   1.00 3.10  ? 7   PHE B N   1 
ATOM   224 C CA  . PHE B 1 8  ? 1.512  20.899  -0.941  1.00 3.13  ? 7   PHE B CA  1 
ATOM   225 C C   . PHE B 1 8  ? 0.885  19.538  -0.653  1.00 3.04  ? 7   PHE B C   1 
ATOM   226 O O   . PHE B 1 8  ? 0.904  19.077  0.492   1.00 3.76  ? 7   PHE B O   1 
ATOM   227 C CB  . PHE B 1 8  ? 3.011  20.702  -1.153  1.00 3.49  ? 7   PHE B CB  1 
ATOM   228 C CG  . PHE B 1 8  ? 3.345  20.276  -2.545  1.00 3.98  ? 7   PHE B CG  1 
ATOM   229 C CD1 . PHE B 1 8  ? 3.286  21.183  -3.590  1.00 4.31  ? 7   PHE B CD1 1 
ATOM   230 C CD2 . PHE B 1 8  ? 3.595  18.944  -2.831  1.00 3.81  ? 7   PHE B CD2 1 
ATOM   231 C CE1 . PHE B 1 8  ? 3.543  20.786  -4.884  1.00 4.94  ? 7   PHE B CE1 1 
ATOM   232 C CE2 . PHE B 1 8  ? 3.857  18.543  -4.124  1.00 4.29  ? 7   PHE B CE2 1 
ATOM   233 C CZ  . PHE B 1 8  ? 3.830  19.468  -5.153  1.00 4.92  ? 7   PHE B CZ  1 
ATOM   234 N N   . PRO B 1 9  ? 0.331  18.876  -1.674  1.00 4.43  ? 8   PRO B N   1 
ATOM   235 C CA  . PRO B 1 9  ? -0.317 17.579  -1.443  1.00 4.64  ? 8   PRO B CA  1 
ATOM   236 C C   . PRO B 1 9  ? 0.675  16.540  -0.943  1.00 4.85  ? 8   PRO B C   1 
ATOM   237 O O   . PRO B 1 9  ? 1.876  16.603  -1.221  1.00 5.03  ? 8   PRO B O   1 
ATOM   238 C CB  . PRO B 1 9  ? -0.861 17.209  -2.825  1.00 4.83  ? 8   PRO B CB  1 
ATOM   239 C CG  . PRO B 1 9  ? -1.100 18.524  -3.488  1.00 4.67  ? 8   PRO B CG  1 
ATOM   240 C CD  . PRO B 1 9  ? 0.041  19.400  -3.022  1.00 5.50  ? 8   PRO B CD  1 
ATOM   241 N N   . GLY B 1 10 ? 0.147  15.568  -0.199  1.00 5.00  ? 9   GLY B N   1 
ATOM   242 C CA  . GLY B 1 10 ? 0.990  14.602  0.467   1.00 7.73  ? 9   GLY B CA  1 
ATOM   243 C C   . GLY B 1 10 ? 1.524  13.521  -0.452  1.00 8.71  ? 9   GLY B C   1 
ATOM   244 O O   . GLY B 1 10 ? 1.024  13.297  -1.563  1.00 6.88  ? 9   GLY B O   1 
ATOM   245 N N   . ASP B 1 11 ? 2.555  12.849  0.072   1.00 12.46 ? 10  ASP B N   1 
ATOM   246 C CA  . ASP B 1 11 ? 3.217  11.723  -0.572  1.00 16.51 ? 10  ASP B CA  1 
ATOM   247 C C   . ASP B 1 11 ? 2.281  10.510  -0.590  1.00 12.12 ? 10  ASP B C   1 
ATOM   248 O O   . ASP B 1 11 ? 1.469  10.316  0.313   1.00 8.88  ? 10  ASP B O   1 
ATOM   249 C CB  . ASP B 1 11 ? 4.443  11.324  0.269   1.00 6.98  ? 10  ASP B CB  1 
ATOM   250 C CG  . ASP B 1 11 ? 5.460  12.454  0.470   1.00 34.04 ? 10  ASP B CG  1 
ATOM   251 O OD1 . ASP B 1 11 ? 5.386  13.535  -0.161  1.00 17.72 ? 10  ASP B OD1 1 
ATOM   252 O OD2 . ASP B 1 11 ? 6.361  12.248  1.313   1.00 27.95 ? 10  ASP B OD2 1 
ATOM   253 N N   . ARG B 1 12 ? 2.420  9.669   -1.612  1.00 7.22  ? 11  ARG B N   1 
ATOM   254 C CA  . ARG B 1 12 ? 1.698  8.400   -1.642  1.00 7.25  ? 11  ARG B CA  1 
ATOM   255 C C   . ARG B 1 12 ? 2.095  7.511   -0.460  1.00 11.47 ? 11  ARG B C   1 
ATOM   256 O O   . ARG B 1 12 ? 3.225  7.559   0.034   1.00 9.88  ? 11  ARG B O   1 
ATOM   257 C CB  . ARG B 1 12 ? 1.976  7.676   -2.961  1.00 10.71 ? 11  ARG B CB  1 
ATOM   258 C CG  . ARG B 1 12 ? 1.308  6.332   -3.080  1.00 16.18 ? 11  ARG B CG  1 
ATOM   259 C CD  . ARG B 1 12 ? 1.202  5.866   -4.514  1.00 31.40 ? 11  ARG B CD  1 
ATOM   260 N NE  . ARG B 1 12 ? 0.567  6.862   -5.376  1.00 14.79 ? 11  ARG B NE  1 
ATOM   261 C CZ  . ARG B 1 12 ? 0.675  6.880   -6.701  1.00 33.44 ? 11  ARG B CZ  1 
ATOM   262 N NH1 . ARG B 1 12 ? 1.401  5.954   -7.317  1.00 22.86 ? 11  ARG B NH1 1 
ATOM   263 N NH2 . ARG B 1 12 ? 0.049  7.814   -7.407  1.00 14.85 ? 11  ARG B NH2 1 
ATOM   264 N N   . GLY B 1 13 ? 1.145  6.697   0.006   1.00 7.41  ? 12  GLY B N   1 
ATOM   265 C CA  . GLY B 1 13 ? 1.404  5.825   1.131   1.00 7.45  ? 12  GLY B CA  1 
ATOM   266 C C   . GLY B 1 13 ? 2.363  4.689   0.800   1.00 8.10  ? 12  GLY B C   1 
ATOM   267 O O   . GLY B 1 13 ? 2.662  4.384   -0.357  1.00 8.57  ? 12  GLY B O   1 
ATOM   268 N N   . LEU B 1 14 ? 2.852  4.051   1.865   1.00 4.27  ? 13  LEU B N   1 
ATOM   269 C CA  . LEU B 1 14 ? 3.704  2.879   1.731   1.00 3.85  ? 13  LEU B CA  1 
ATOM   270 C C   . LEU B 1 14 ? 2.948  1.743   1.044   1.00 3.68  ? 13  LEU B C   1 
ATOM   271 O O   . LEU B 1 14 ? 1.736  1.594   1.226   1.00 4.69  ? 13  LEU B O   1 
ATOM   272 C CB  . LEU B 1 14 ? 4.146  2.404   3.113   1.00 3.95  ? 13  LEU B CB  1 
ATOM   273 C CG  . LEU B 1 14 ? 5.143  3.292   3.852   1.00 4.25  ? 13  LEU B CG  1 
ATOM   274 C CD1 . LEU B 1 14 ? 5.052  3.094   5.355   1.00 4.79  ? 13  LEU B CD1 1 
ATOM   275 C CD2 . LEU B 1 14 ? 6.561  3.014   3.348   1.00 6.17  ? 13  LEU B CD2 1 
ATOM   276 N N   . PRO B 1 15 ? 3.636  0.915   0.261   1.00 3.44  ? 14  PRO B N   1 
ATOM   277 C CA  . PRO B 1 15 ? 2.979  -0.270  -0.297  1.00 3.59  ? 14  PRO B CA  1 
ATOM   278 C C   . PRO B 1 15 ? 2.582  -1.223  0.821   1.00 4.42  ? 14  PRO B C   1 
ATOM   279 O O   . PRO B 1 15 ? 3.188  -1.242  1.895   1.00 3.24  ? 14  PRO B O   1 
ATOM   280 C CB  . PRO B 1 15 ? 4.064  -0.902  -1.180  1.00 3.80  ? 14  PRO B CB  1 
ATOM   281 C CG  . PRO B 1 15 ? 5.352  -0.332  -0.688  1.00 5.05  ? 14  PRO B CG  1 
ATOM   282 C CD  . PRO B 1 15 ? 5.053  1.015   -0.130  1.00 3.64  ? 14  PRO B CD  1 
ATOM   283 N N   . GLY B 1 16 ? 1.540  -2.011  0.565   1.00 3.93  ? 15  GLY B N   1 
ATOM   284 C CA  . GLY B 1 16 ? 1.104  -2.994  1.524   1.00 4.85  ? 15  GLY B CA  1 
ATOM   285 C C   . GLY B 1 16 ? 2.137  -4.083  1.717   1.00 4.27  ? 15  GLY B C   1 
ATOM   286 O O   . GLY B 1 16 ? 3.050  -4.259  0.904   1.00 4.99  ? 15  GLY B O   1 
ATOM   287 N N   . PRO B 1 17 ? 1.998  -4.848  2.799   1.00 4.15  ? 16  PRO B N   1 
ATOM   288 C CA  . PRO B 1 17 ? 2.910  -5.972  3.041   1.00 3.29  ? 16  PRO B CA  1 
ATOM   289 C C   . PRO B 1 17 ? 2.757  -7.044  1.972   1.00 2.91  ? 16  PRO B C   1 
ATOM   290 O O   . PRO B 1 17 ? 1.734  -7.144  1.290   1.00 4.36  ? 16  PRO B O   1 
ATOM   291 C CB  . PRO B 1 17 ? 2.459  -6.518  4.403   1.00 6.22  ? 16  PRO B CB  1 
ATOM   292 C CG  . PRO B 1 17 ? 1.490  -5.524  4.965   1.00 20.96 ? 16  PRO B CG  1 
ATOM   293 C CD  . PRO B 1 17 ? 0.945  -4.731  3.821   1.00 4.98  ? 16  PRO B CD  1 
ATOM   294 N N   . VAL B 1 18 ? 3.797  -7.876  1.861   1.00 4.19  ? 17  VAL B N   1 
ATOM   295 C CA  . VAL B 1 18 ? 3.734  -9.050  1.004   1.00 6.03  ? 17  VAL B CA  1 
ATOM   296 C C   . VAL B 1 18 ? 2.603  -9.954  1.472   1.00 4.69  ? 17  VAL B C   1 
ATOM   297 O O   . VAL B 1 18 ? 2.346  -10.093 2.674   1.00 4.14  ? 17  VAL B O   1 
ATOM   298 C CB  . VAL B 1 18 ? 5.083  -9.788  1.067   1.00 4.83  ? 17  VAL B CB  1 
ATOM   299 C CG1 . VAL B 1 18 ? 5.104  -10.984 0.110   1.00 7.98  ? 17  VAL B CG1 1 
ATOM   300 C CG2 . VAL B 1 18 ? 6.238  -8.831  0.794   1.00 9.29  ? 17  VAL B CG2 1 
ATOM   301 N N   . GLY B 1 19 ? 1.922  -10.582 0.517   1.00 2.84  ? 18  GLY B N   1 
ATOM   302 C CA  . GLY B 1 19 ? 0.845  -11.491 0.830   1.00 3.26  ? 18  GLY B CA  1 
ATOM   303 C C   . GLY B 1 19 ? 1.325  -12.736 1.544   1.00 3.14  ? 18  GLY B C   1 
ATOM   304 O O   . GLY B 1 19 ? 2.520  -13.053 1.573   1.00 4.41  ? 18  GLY B O   1 
ATOM   305 N N   . PRO B 1 20 ? 0.384  -13.478 2.141   1.00 5.56  ? 19  PRO B N   1 
ATOM   306 C CA  . PRO B 1 20 ? 0.727  -14.718 2.835   1.00 6.67  ? 19  PRO B CA  1 
ATOM   307 C C   . PRO B 1 20 ? 1.022  -15.823 1.836   1.00 4.06  ? 19  PRO B C   1 
ATOM   308 O O   . PRO B 1 20 ? 0.672  -15.720 0.658   1.00 4.52  ? 19  PRO B O   1 
ATOM   309 C CB  . PRO B 1 20 ? -0.564 -15.048 3.592   1.00 4.73  ? 19  PRO B CB  1 
ATOM   310 C CG  . PRO B 1 20 ? -1.640 -14.466 2.730   1.00 6.87  ? 19  PRO B CG  1 
ATOM   311 C CD  . PRO B 1 20 ? -1.049 -13.161 2.257   1.00 5.26  ? 19  PRO B CD  1 
HETATM 312 N N   . HYP B 1 21 ? 1.642  -16.892 2.307   1.00 4.79  ? 20  HYP B N   1 
HETATM 313 C CA  . HYP B 1 21 ? 1.915  -18.053 1.434   1.00 3.91  ? 20  HYP B CA  1 
HETATM 314 C C   . HYP B 1 21 ? 0.611  -18.663 0.826   1.00 3.46  ? 20  HYP B C   1 
HETATM 315 O O   . HYP B 1 21 ? -0.458 -18.615 1.465   1.00 3.64  ? 20  HYP B O   1 
HETATM 316 C CB  . HYP B 1 21 ? 2.609  -19.094 2.322   1.00 9.11  ? 20  HYP B CB  1 
HETATM 317 C CG  . HYP B 1 21 ? 3.384  -18.250 3.327   1.00 6.97  ? 20  HYP B CG  1 
HETATM 318 C CD  . HYP B 1 21 ? 2.329  -17.164 3.600   1.00 5.41  ? 20  HYP B CD  1 
HETATM 319 O OD1 . HYP B 1 21 ? 4.577  -17.735 2.841   1.00 6.56  ? 20  HYP B OD1 1 
ATOM   320 N N   . GLY B 1 22 ? 0.724  -19.197 -0.385  1.00 3.06  ? 21  GLY B N   1 
ATOM   321 C CA  . GLY B 1 22 ? -0.385 -19.886 -1.008  1.00 2.87  ? 21  GLY B CA  1 
ATOM   322 C C   . GLY B 1 22 ? -0.703 -21.219 -0.363  1.00 3.27  ? 21  GLY B C   1 
ATOM   323 O O   . GLY B 1 22 ? 0.013  -21.681 0.524   1.00 3.80  ? 21  GLY B O   1 
ATOM   324 N N   . PRO B 1 23 ? -1.786 -21.850 -0.822  1.00 3.42  ? 22  PRO B N   1 
ATOM   325 C CA  . PRO B 1 23 ? -2.203 -23.160 -0.332  1.00 3.65  ? 22  PRO B CA  1 
ATOM   326 C C   . PRO B 1 23 ? -1.444 -24.302 -1.006  1.00 4.30  ? 22  PRO B C   1 
ATOM   327 O O   . PRO B 1 23 ? -0.734 -24.121 -1.998  1.00 3.37  ? 22  PRO B O   1 
ATOM   328 C CB  . PRO B 1 23 ? -3.673 -23.199 -0.726  1.00 3.69  ? 22  PRO B CB  1 
ATOM   329 C CG  . PRO B 1 23 ? -3.705 -22.451 -2.017  1.00 4.53  ? 22  PRO B CG  1 
ATOM   330 C CD  . PRO B 1 23 ? -2.686 -21.343 -1.873  1.00 5.01  ? 22  PRO B CD  1 
HETATM 331 N N   . HYP B 1 24 ? -1.596 -25.491 -0.446  1.00 7.12  ? 23  HYP B N   1 
HETATM 332 C CA  . HYP B 1 24 ? -0.947 -26.677 -1.006  1.00 4.30  ? 23  HYP B CA  1 
HETATM 333 C C   . HYP B 1 24 ? -1.305 -26.893 -2.509  1.00 5.96  ? 23  HYP B C   1 
HETATM 334 O O   . HYP B 1 24 ? -2.424 -26.559 -2.935  1.00 5.91  ? 23  HYP B O   1 
HETATM 335 C CB  . HYP B 1 24 ? -1.477 -27.830 -0.187  1.00 5.12  ? 23  HYP B CB  1 
HETATM 336 C CG  . HYP B 1 24 ? -1.580 -27.249 1.220   1.00 5.54  ? 23  HYP B CG  1 
HETATM 337 C CD  . HYP B 1 24 ? -2.161 -25.875 0.866   1.00 7.47  ? 23  HYP B CD  1 
HETATM 338 O OD1 . HYP B 1 24 ? -0.375 -27.165 1.905   1.00 10.05 ? 23  HYP B OD1 1 
ATOM   339 N N   . GLY B 1 25 ? -0.361 -27.435 -3.270  1.00 5.36  ? 24  GLY B N   1 
ATOM   340 C CA  . GLY B 1 25 ? -0.618 -27.761 -4.661  1.00 3.93  ? 24  GLY B CA  1 
ATOM   341 C C   . GLY B 1 25 ? -1.520 -28.968 -4.825  1.00 4.01  ? 24  GLY B C   1 
ATOM   342 O O   . GLY B 1 25 ? -2.031 -29.508 -3.836  1.00 5.23  ? 24  GLY B O   1 
ATOM   343 N N   . PRO B 1 26 ? -1.724 -29.400 -6.075  1.00 4.11  ? 25  PRO B N   1 
ATOM   344 C CA  . PRO B 1 26 ? -2.542 -30.588 -6.345  1.00 4.38  ? 25  PRO B CA  1 
ATOM   345 C C   . PRO B 1 26 ? -1.880 -31.849 -5.796  1.00 4.70  ? 25  PRO B C   1 
ATOM   346 O O   . PRO B 1 26 ? -0.679 -31.881 -5.552  1.00 5.09  ? 25  PRO B O   1 
ATOM   347 C CB  . PRO B 1 26 ? -2.569 -30.659 -7.878  1.00 7.34  ? 25  PRO B CB  1 
ATOM   348 C CG  . PRO B 1 26 ? -2.179 -29.307 -8.336  1.00 6.47  ? 25  PRO B CG  1 
ATOM   349 C CD  . PRO B 1 26 ? -1.197 -28.813 -7.317  1.00 4.32  ? 25  PRO B CD  1 
HETATM 350 N N   . HYP B 1 27 ? -2.672 -32.891 -5.603  1.00 4.83  ? 26  HYP B N   1 
HETATM 351 C CA  . HYP B 1 27 ? -2.119 -34.177 -5.151  1.00 5.41  ? 26  HYP B CA  1 
HETATM 352 C C   . HYP B 1 27 ? -1.215 -34.814 -6.246  1.00 5.91  ? 26  HYP B C   1 
HETATM 353 O O   . HYP B 1 27 ? -1.448 -34.605 -7.450  1.00 5.84  ? 26  HYP B O   1 
HETATM 354 C CB  . HYP B 1 27 ? -3.320 -35.087 -4.878  1.00 5.49  ? 26  HYP B CB  1 
HETATM 355 C CG  . HYP B 1 27 ? -4.514 -34.133 -4.768  1.00 5.08  ? 26  HYP B CG  1 
HETATM 356 C CD  . HYP B 1 27 ? -4.109 -33.100 -5.802  1.00 4.71  ? 26  HYP B CD  1 
HETATM 357 O OD1 . HYP B 1 27 ? -4.666 -33.549 -3.527  1.00 5.99  ? 26  HYP B OD1 1 
ATOM   358 N N   . GLY B 1 28 ? -0.198 -35.542 -5.811  1.00 6.67  ? 27  GLY B N   1 
ATOM   359 C CA  . GLY B 1 28 ? 0.645  -36.276 -6.730  1.00 9.00  ? 27  GLY B CA  1 
ATOM   360 C C   . GLY B 1 28 ? 0.103  -37.672 -6.958  1.00 11.89 ? 27  GLY B C   1 
ATOM   361 O O   . GLY B 1 28 ? -1.086 -37.938 -6.732  1.00 11.31 ? 27  GLY B O   1 
HETATM 362 N N   . NH2 B 1 29 ? 0.975  -38.565 -7.410  1.00 8.15  ? 28  NH2 B N   1 
HETATM 363 C C   . ACE C 1 1  ? -1.095 35.302  7.673   1    4.04  ? 0   ACE C C   1 
HETATM 364 O O   . ACE C 1 1  ? -0.041 34.704  7.886   1    4.04  ? 0   ACE C O   1 
HETATM 365 C CH3 . ACE C 1 1  ? -1.124 36.734  7.229   1    4.04  ? 0   ACE C CH3 1 
ATOM   366 N N   . PRO C 1 2  ? -2.284 34.724  7.820   1.00 4.04  ? 1   PRO C N   1 
ATOM   367 C CA  . PRO C 1 2  ? -2.404 33.324  8.245   1.00 3.92  ? 1   PRO C CA  1 
ATOM   368 C C   . PRO C 1 2  ? -1.828 32.367  7.210   1.00 6.45  ? 1   PRO C C   1 
ATOM   369 O O   . PRO C 1 2  ? -1.901 32.649  6.019   1.00 5.40  ? 1   PRO C O   1 
ATOM   370 C CB  . PRO C 1 2  ? -3.925 33.116  8.295   1.00 4.07  ? 1   PRO C CB  1 
ATOM   371 C CG  . PRO C 1 2  ? -4.463 34.469  8.554   1.00 5.16  ? 1   PRO C CG  1 
ATOM   372 C CD  . PRO C 1 2  ? -3.612 35.343  7.674   1.00 4.31  ? 1   PRO C CD  1 
HETATM 373 N N   . HYP C 1 3  ? -1.276 31.246  7.656   1.00 3.60  ? 2   HYP C N   1 
HETATM 374 C CA  . HYP C 1 3  ? -0.888 30.170  6.721   1.00 4.03  ? 2   HYP C CA  1 
HETATM 375 C C   . HYP C 1 3  ? -2.137 29.679  5.918   1.00 4.81  ? 2   HYP C C   1 
HETATM 376 O O   . HYP C 1 3  ? -3.278 29.810  6.403   1.00 3.66  ? 2   HYP C O   1 
HETATM 377 C CB  . HYP C 1 3  ? -0.325 29.013  7.582   1.00 3.64  ? 2   HYP C CB  1 
HETATM 378 C CG  . HYP C 1 3  ? 0.112  29.689  8.879   1.00 6.43  ? 2   HYP C CG  1 
HETATM 379 C CD  . HYP C 1 3  ? -0.993 30.737  9.020   1.00 7.17  ? 2   HYP C CD  1 
HETATM 380 O OD1 . HYP C 1 3  ? 1.371  30.268  8.827   1.00 9.70  ? 2   HYP C OD1 1 
ATOM   381 N N   . GLY C 1 4  ? -1.916 29.145  4.722   1.00 3.08  ? 3   GLY C N   1 
ATOM   382 C CA  . GLY C 1 4  ? -3.005 28.549  3.971   1.00 2.82  ? 3   GLY C CA  1 
ATOM   383 C C   . GLY C 1 4  ? -3.503 27.262  4.603   1.00 3.03  ? 3   GLY C C   1 
ATOM   384 O O   . GLY C 1 4  ? -2.918 26.766  5.568   1.00 4.33  ? 3   GLY C O   1 
ATOM   385 N N   . PRO C 1 5  ? -4.584 26.707  4.051   1.00 5.12  ? 4   PRO C N   1 
ATOM   386 C CA  . PRO C 1 5  ? -5.126 25.414  4.466   1.00 4.00  ? 4   PRO C CA  1 
ATOM   387 C C   . PRO C 1 5  ? -4.110 24.301  4.268   1.00 5.27  ? 4   PRO C C   1 
ATOM   388 O O   . PRO C 1 5  ? -3.194 24.433  3.452   1.00 3.60  ? 4   PRO C O   1 
ATOM   389 C CB  . PRO C 1 5  ? -6.292 25.209  3.487   1.00 6.09  ? 4   PRO C CB  1 
ATOM   390 C CG  . PRO C 1 5  ? -6.679 26.586  3.087   1.00 12.71 ? 4   PRO C CG  1 
ATOM   391 C CD  . PRO C 1 5  ? -5.363 27.287  2.948   1.00 5.70  ? 4   PRO C CD  1 
HETATM 392 N N   . HYP C 1 6  ? -4.287 23.200  4.987   1.00 3.60  ? 5   HYP C N   1 
HETATM 393 C CA  . HYP C 1 6  ? -3.395 22.043  4.818   1.00 2.95  ? 5   HYP C CA  1 
HETATM 394 C C   . HYP C 1 6  ? -3.445 21.471  3.372   1.00 4.89  ? 5   HYP C C   1 
HETATM 395 O O   . HYP C 1 6  ? -4.475 21.592  2.683   1.00 4.31  ? 5   HYP C O   1 
HETATM 396 C CB  . HYP C 1 6  ? -3.913 20.971  5.764   1.00 3.36  ? 5   HYP C CB  1 
HETATM 397 C CG  . HYP C 1 6  ? -4.465 21.774  6.931   1.00 5.67  ? 5   HYP C CG  1 
HETATM 398 C CD  . HYP C 1 6  ? -5.164 22.898  6.152   1.00 5.82  ? 5   HYP C CD  1 
HETATM 399 O OD1 . HYP C 1 6  ? -3.498 22.266  7.791   1.00 6.48  ? 5   HYP C OD1 1 
ATOM   400 N N   . GLY C 1 7  ? -2.344 20.868  2.945   1.00 2.79  ? 6   GLY C N   1 
ATOM   401 C CA  . GLY C 1 7  ? -2.313 20.166  1.680   1.00 2.97  ? 6   GLY C CA  1 
ATOM   402 C C   . GLY C 1 7  ? -3.214 18.944  1.656   1.00 4.72  ? 6   GLY C C   1 
ATOM   403 O O   . GLY C 1 7  ? -3.491 18.321  2.688   1.00 3.42  ? 6   GLY C O   1 
ATOM   404 N N   . PHE C 1 8  ? -3.689 18.627  0.459   1.00 3.02  ? 7   PHE C N   1 
ATOM   405 C CA  . PHE C 1 8  ? -4.475 17.424  0.238   1.00 3.21  ? 7   PHE C CA  1 
ATOM   406 C C   . PHE C 1 8  ? -3.678 16.208  0.713   1.00 8.46  ? 7   PHE C C   1 
ATOM   407 O O   . PHE C 1 8  ? -2.461 16.145  0.499   1.00 5.25  ? 7   PHE C O   1 
ATOM   408 C CB  . PHE C 1 8  ? -4.747 17.339  -1.268  1.00 5.14  ? 7   PHE C CB  1 
ATOM   409 C CG  . PHE C 1 8  ? -5.635 16.208  -1.687  1.00 3.91  ? 7   PHE C CG  1 
ATOM   410 C CD1 . PHE C 1 8  ? -7.010 16.291  -1.509  1.00 4.18  ? 7   PHE C CD1 1 
ATOM   411 C CD2 . PHE C 1 8  ? -5.111 15.095  -2.328  1.00 5.50  ? 7   PHE C CD2 1 
ATOM   412 C CE1 . PHE C 1 8  ? -7.838 15.265  -1.918  1.00 4.65  ? 7   PHE C CE1 1 
ATOM   413 C CE2 . PHE C 1 8  ? -5.935 14.064  -2.737  1.00 7.87  ? 7   PHE C CE2 1 
ATOM   414 C CZ  . PHE C 1 8  ? -7.302 14.147  -2.532  1.00 5.42  ? 7   PHE C CZ  1 
ATOM   415 N N   . PRO C 1 9  ? -4.315 15.252  1.393   1.00 7.36  ? 8   PRO C N   1 
ATOM   416 C CA  . PRO C 1 9  ? -3.574 14.082  1.889   1.00 8.48  ? 8   PRO C CA  1 
ATOM   417 C C   . PRO C 1 9  ? -3.100 13.197  0.748   1.00 7.46  ? 8   PRO C C   1 
ATOM   418 O O   . PRO C 1 9  ? -3.697 13.155  -0.329  1.00 6.88  ? 8   PRO C O   1 
ATOM   419 C CB  . PRO C 1 9  ? -4.617 13.343  2.738   1.00 12.64 ? 8   PRO C CB  1 
ATOM   420 C CG  . PRO C 1 9  ? -5.653 14.395  3.080   1.00 11.12 ? 8   PRO C CG  1 
ATOM   421 C CD  . PRO C 1 9  ? -5.718 15.243  1.840   1.00 8.04  ? 8   PRO C CD  1 
ATOM   422 N N   . GLY C 1 10 ? -2.014 12.469  1.001   1.00 7.98  ? 9   GLY C N   1 
ATOM   423 C CA  . GLY C 1 10 ? -1.504 11.551  0.001   1.00 5.91  ? 9   GLY C CA  1 
ATOM   424 C C   . GLY C 1 10 ? -2.474 10.416  -0.274  1.00 9.78  ? 9   GLY C C   1 
ATOM   425 O O   . GLY C 1 10 ? -3.253 10.006  0.585   1.00 6.76  ? 9   GLY C O   1 
ATOM   426 N N   . ASP C 1 11 ? -2.431 9.907   -1.500  1.00 6.09  ? 10  ASP C N   1 
ATOM   427 C CA  . ASP C 1 11 ? -3.257 8.761   -1.853  1.00 5.87  ? 10  ASP C CA  1 
ATOM   428 C C   . ASP C 1 11 ? -2.735 7.488   -1.192  1.00 7.36  ? 10  ASP C C   1 
ATOM   429 O O   . ASP C 1 11 ? -1.546 7.357   -0.895  1.00 7.82  ? 10  ASP C O   1 
ATOM   430 C CB  . ASP C 1 11 ? -3.322 8.609   -3.373  1.00 9.06  ? 10  ASP C CB  1 
ATOM   431 C CG  . ASP C 1 11 ? -1.949 8.653   -4.022  1.00 22.26 ? 10  ASP C CG  1 
ATOM   432 O OD1 . ASP C 1 11 ? -1.077 9.404   -3.527  1.00 27.85 ? 10  ASP C OD1 1 
ATOM   433 O OD2 . ASP C 1 11 ? -1.754 7.967   -5.047  1.00 41.59 ? 10  ASP C OD2 1 
ATOM   434 N N   . ARG C 1 12 ? -3.648 6.551   -0.942  1.00 4.54  ? 11  ARG C N   1 
ATOM   435 C CA  . ARG C 1 12 ? -3.288 5.307   -0.269  1.00 3.92  ? 11  ARG C CA  1 
ATOM   436 C C   . ARG C 1 12 ? -2.255 4.529   -1.076  1.00 4.28  ? 11  ARG C C   1 
ATOM   437 O O   . ARG C 1 12 ? -2.235 4.568   -2.307  1.00 6.33  ? 11  ARG C O   1 
ATOM   438 C CB  . ARG C 1 12 ? -4.527 4.439   -0.057  1.00 3.60  ? 11  ARG C CB  1 
ATOM   439 C CG  . ARG C 1 12 ? -4.293 3.252   0.874   1.00 7.94  ? 11  ARG C CG  1 
ATOM   440 C CD  . ARG C 1 12 ? -5.537 2.393   1.018   1.00 4.98  ? 11  ARG C CD  1 
ATOM   441 N NE  . ARG C 1 12 ? -5.273 1.213   1.837   1.00 2.79  ? 11  ARG C NE  1 
ATOM   442 C CZ  . ARG C 1 12 ? -6.174 0.270   2.079   1.00 4.84  ? 11  ARG C CZ  1 
ATOM   443 N NH1 . ARG C 1 12 ? -7.393 0.376   1.560   1.00 4.68  ? 11  ARG C NH1 1 
ATOM   444 N NH2 . ARG C 1 12 ? -5.867 -0.770  2.843   1.00 4.19  ? 11  ARG C NH2 1 
ATOM   445 N N   . GLY C 1 13 ? -1.382 3.825   -0.359  1.00 4.21  ? 12  GLY C N   1 
ATOM   446 C CA  . GLY C 1 13 ? -0.372 3.018   -1.013  1.00 4.95  ? 12  GLY C CA  1 
ATOM   447 C C   . GLY C 1 13 ? -0.972 1.878   -1.816  1.00 4.81  ? 12  GLY C C   1 
ATOM   448 O O   . GLY C 1 13 ? -2.137 1.511   -1.673  1.00 5.10  ? 12  GLY C O   1 
ATOM   449 N N   . LEU C 1 14 ? -0.129 1.298   -2.671  1.00 4.20  ? 13  LEU C N   1 
ATOM   450 C CA  . LEU C 1 14 ? -0.523 0.209   -3.549  1.00 4.34  ? 13  LEU C CA  1 
ATOM   451 C C   . LEU C 1 14 ? -0.622 -1.100  -2.771  1.00 7.17  ? 13  LEU C C   1 
ATOM   452 O O   . LEU C 1 14 ? 0.019  -1.264  -1.729  1.00 4.43  ? 13  LEU C O   1 
ATOM   453 C CB  . LEU C 1 14 ? 0.521  0.046   -4.650  1.00 4.82  ? 13  LEU C CB  1 
ATOM   454 C CG  . LEU C 1 14 ? 0.428  1.059   -5.784  1.00 9.68  ? 13  LEU C CG  1 
ATOM   455 C CD1 . LEU C 1 14 ? 1.730  1.112   -6.552  1.00 7.96  ? 13  LEU C CD1 1 
ATOM   456 C CD2 . LEU C 1 14 ? -0.708 0.668   -6.714  1.00 14.34 ? 13  LEU C CD2 1 
ATOM   457 N N   . PRO C 1 15 ? -1.403 -2.064  -3.268  1.00 4.68  ? 14  PRO C N   1 
ATOM   458 C CA  . PRO C 1 15 ? -1.419 -3.382  -2.627  1.00 4.88  ? 14  PRO C CA  1 
ATOM   459 C C   . PRO C 1 15 ? -0.037 -4.011  -2.703  1.00 4.66  ? 14  PRO C C   1 
ATOM   460 O O   . PRO C 1 15 ? 0.714  -3.799  -3.657  1.00 4.66  ? 14  PRO C O   1 
ATOM   461 C CB  . PRO C 1 15 ? -2.427 -4.177  -3.468  1.00 9.11  ? 14  PRO C CB  1 
ATOM   462 C CG  . PRO C 1 15 ? -3.248 -3.148  -4.173  1.00 8.83  ? 14  PRO C CG  1 
ATOM   463 C CD  . PRO C 1 15 ? -2.325 -1.996  -4.417  1.00 5.60  ? 14  PRO C CD  1 
ATOM   464 N N   . GLY C 1 16 ? 0.295  -4.793  -1.681  1.00 4.91  ? 15  GLY C N   1 
ATOM   465 C CA  . GLY C 1 16 ? 1.562  -5.488  -1.657  1.00 5.06  ? 15  GLY C CA  1 
ATOM   466 C C   . GLY C 1 16 ? 1.683  -6.479  -2.794  1.00 5.58  ? 15  GLY C C   1 
ATOM   467 O O   . GLY C 1 16 ? 0.705  -6.794  -3.478  1.00 5.13  ? 15  GLY C O   1 
ATOM   468 N N   . PRO C 1 17 ? 2.892  -6.978  -3.029  1.00 5.45  ? 16  PRO C N   1 
ATOM   469 C CA  . PRO C 1 17 ? 3.075  -8.025  -4.041  1.00 5.79  ? 16  PRO C CA  1 
ATOM   470 C C   . PRO C 1 17 ? 2.540  -9.359  -3.545  1.00 5.83  ? 16  PRO C C   1 
ATOM   471 O O   . PRO C 1 17 ? 2.257  -9.562  -2.362  1.00 5.86  ? 16  PRO C O   1 
ATOM   472 C CB  . PRO C 1 17 ? 4.592  -8.087  -4.220  1.00 7.62  ? 16  PRO C CB  1 
ATOM   473 C CG  . PRO C 1 17 ? 5.127  -7.642  -2.891  1.00 14.15 ? 16  PRO C CG  1 
ATOM   474 C CD  . PRO C 1 17 ? 4.160  -6.600  -2.383  1.00 9.43  ? 16  PRO C CD  1 
ATOM   475 N N   . VAL C 1 18 ? 2.427  -10.289 -4.492  1.00 6.20  ? 17  VAL C N   1 
ATOM   476 C CA  . VAL C 1 18 ? 1.875  -11.606 -4.208  1.00 6.44  ? 17  VAL C CA  1 
ATOM   477 C C   . VAL C 1 18 ? 2.754  -12.361 -3.214  1.00 6.65  ? 17  VAL C C   1 
ATOM   478 O O   . VAL C 1 18 ? 3.985  -12.210 -3.184  1.00 7.15  ? 17  VAL C O   1 
ATOM   479 C CB  . VAL C 1 18 ? 1.726  -12.372 -5.534  1.00 7.12  ? 17  VAL C CB  1 
ATOM   480 C CG1 . VAL C 1 18 ? 3.085  -12.767 -6.068  1.00 12.43 ? 17  VAL C CG1 1 
ATOM   481 C CG2 . VAL C 1 18 ? 0.859  -13.613 -5.345  1.00 9.11  ? 17  VAL C CG2 1 
ATOM   482 N N   . GLY C 1 19 ? 2.109  -13.185 -2.391  1.00 3.13  ? 18  GLY C N   1 
ATOM   483 C CA  . GLY C 1 19 ? 2.801  -13.999 -1.421  1.00 5.03  ? 18  GLY C CA  1 
ATOM   484 C C   . GLY C 1 19 ? 3.545  -15.150 -2.069  1.00 6.04  ? 18  GLY C C   1 
ATOM   485 O O   . GLY C 1 19 ? 3.379  -15.435 -3.260  1.00 5.10  ? 18  GLY C O   1 
ATOM   486 N N   . PRO C 1 20 ? 4.394  -15.838 -1.288  1.00 5.56  ? 19  PRO C N   1 
ATOM   487 C CA  . PRO C 1 20 ? 5.138  -16.995 -1.797  1.00 5.33  ? 19  PRO C CA  1 
ATOM   488 C C   . PRO C 1 20 ? 4.210  -18.131 -2.212  1.00 7.01  ? 19  PRO C C   1 
ATOM   489 O O   . PRO C 1 20 ? 3.096  -18.260 -1.707  1.00 3.61  ? 19  PRO C O   1 
ATOM   490 C CB  . PRO C 1 20 ? 5.971  -17.429 -0.585  1.00 5.30  ? 19  PRO C CB  1 
ATOM   491 C CG  . PRO C 1 20 ? 6.086  -16.185 0.250   1.00 5.94  ? 19  PRO C CG  1 
ATOM   492 C CD  . PRO C 1 20 ? 4.729  -15.566 0.119   1.00 6.54  ? 19  PRO C CD  1 
HETATM 493 N N   . HYP C 1 21 ? 4.666  -18.949 -3.145  1.00 3.61  ? 20  HYP C N   1 
HETATM 494 C CA  . HYP C 1 21 ? 3.869  -20.130 -3.579  1.00 4.56  ? 20  HYP C CA  1 
HETATM 495 C C   . HYP C 1 21 ? 3.600  -21.089 -2.383  1.00 7.00  ? 20  HYP C C   1 
HETATM 496 O O   . HYP C 1 21 ? 4.402  -21.142 -1.436  1.00 5.40  ? 20  HYP C O   1 
HETATM 497 C CB  . HYP C 1 21 ? 4.710  -20.832 -4.642  1.00 5.12  ? 20  HYP C CB  1 
HETATM 498 C CG  . HYP C 1 21 ? 5.492  -19.684 -5.267  1.00 4.51  ? 20  HYP C CG  1 
HETATM 499 C CD  . HYP C 1 21 ? 5.841  -18.878 -4.010  1.00 4.01  ? 20  HYP C CD  1 
HETATM 500 O OD1 . HYP C 1 21 ? 4.749  -18.922 -6.143  1.00 4.24  ? 20  HYP C OD1 1 
ATOM   501 N N   . GLY C 1 22 ? 2.488  -21.809 -2.430  1.00 4.12  ? 21  GLY C N   1 
ATOM   502 C CA  . GLY C 1 22 ? 2.207  -22.786 -1.403  1.00 4.15  ? 21  GLY C CA  1 
ATOM   503 C C   . GLY C 1 22 ? 3.186  -23.941 -1.440  1.00 4.78  ? 21  GLY C C   1 
ATOM   504 O O   . GLY C 1 22 ? 4.010  -24.045 -2.356  1.00 4.21  ? 21  GLY C O   1 
ATOM   505 N N   . PRO C 1 23 ? 3.095  -24.829 -0.445  1.00 4.74  ? 22  PRO C N   1 
ATOM   506 C CA  . PRO C 1 23 ? 3.943  -26.021 -0.414  1.00 4.09  ? 22  PRO C CA  1 
ATOM   507 C C   . PRO C 1 23 ? 3.486  -27.041 -1.445  1.00 3.81  ? 22  PRO C C   1 
ATOM   508 O O   . PRO C 1 23 ? 2.365  -26.952 -1.952  1.00 4.26  ? 22  PRO C O   1 
ATOM   509 C CB  . PRO C 1 23 ? 3.713  -26.569 1.004   1.00 5.00  ? 22  PRO C CB  1 
ATOM   510 C CG  . PRO C 1 23 ? 3.032  -25.457 1.752   1.00 11.83 ? 22  PRO C CG  1 
ATOM   511 C CD  . PRO C 1 23 ? 2.201  -24.782 0.718   1.00 7.43  ? 22  PRO C CD  1 
HETATM 512 N N   . HYP C 1 24 ? 4.341  -28.010 -1.740  1.00 3.89  ? 23  HYP C N   1 
HETATM 513 C CA  . HYP C 1 24 ? 3.936  -29.145 -2.574  1.00 3.75  ? 23  HYP C CA  1 
HETATM 514 C C   . HYP C 1 24 ? 2.626  -29.803 -2.030  1.00 4.78  ? 23  HYP C C   1 
HETATM 515 O O   . HYP C 1 24 ? 2.407  -29.830 -0.803  1.00 4.31  ? 23  HYP C O   1 
HETATM 516 C CB  . HYP C 1 24 ? 5.099  -30.142 -2.512  1.00 5.80  ? 23  HYP C CB  1 
HETATM 517 C CG  . HYP C 1 24 ? 6.315  -29.248 -2.344  1.00 4.50  ? 23  HYP C CG  1 
HETATM 518 C CD  . HYP C 1 24 ? 5.752  -28.225 -1.363  1.00 4.30  ? 23  HYP C CD  1 
HETATM 519 O OD1 . HYP C 1 24 ? 6.733  -28.641 -3.501  1.00 5.79  ? 23  HYP C OD1 1 
ATOM   520 N N   . GLY C 1 25 ? 1.786  -30.293 -2.933  1.00 3.90  ? 24  GLY C N   1 
ATOM   521 C CA  . GLY C 1 25 ? 0.536  -30.909 -2.537  1.00 4.80  ? 24  GLY C CA  1 
ATOM   522 C C   . GLY C 1 25 ? 0.718  -32.256 -1.863  1.00 5.63  ? 24  GLY C C   1 
ATOM   523 O O   . GLY C 1 25 ? 1.839  -32.690 -1.617  1.00 5.91  ? 24  GLY C O   1 
ATOM   524 N N   . PRO C 1 26 ? -0.398 -32.922 -1.553  1.00 9.40  ? 25  PRO C N   1 
ATOM   525 C CA  . PRO C 1 26 ? -0.383 -34.236 -0.907  1.00 9.53  ? 25  PRO C CA  1 
ATOM   526 C C   . PRO C 1 26 ? 0.297  -35.267 -1.798  1.00 9.73  ? 25  PRO C C   1 
ATOM   527 O O   . PRO C 1 26 ? 0.280  -35.137 -3.020  1.00 9.79  ? 25  PRO C O   1 
ATOM   528 C CB  . PRO C 1 26 ? -1.862 -34.600 -0.817  1.00 11.60 ? 25  PRO C CB  1 
ATOM   529 C CG  . PRO C 1 26 ? -2.603 -33.315 -0.861  1.00 13.11 ? 25  PRO C CG  1 
ATOM   530 C CD  . PRO C 1 26 ? -1.730 -32.297 -1.546  1.00 9.48  ? 25  PRO C CD  1 
HETATM 531 N N   . HYP C 1 27 ? 0.869  -36.294 -1.192  1.00 10.02 ? 26  HYP C N   1 
HETATM 532 C CA  . HYP C 1 27 ? 1.505  -37.390 -1.972  1.00 13.52 ? 26  HYP C CA  1 
HETATM 533 C C   . HYP C 1 27 ? 0.479  -38.129 -2.936  1.00 17.40 ? 26  HYP C C   1 
HETATM 534 O O   . HYP C 1 27 ? 0.891  -38.675 -3.974  1.00 18.21 ? 26  HYP C O   1 
HETATM 535 C CB  . HYP C 1 27 ? 2.153  -38.324 -0.942  1.00 12.32 ? 26  HYP C CB  1 
HETATM 536 C CG  . HYP C 1 27 ? 2.489  -37.384 0.234   1.00 14.66 ? 26  HYP C CG  1 
HETATM 537 C CD  . HYP C 1 27 ? 1.263  -36.467 0.218   1.00 16.53 ? 26  HYP C CD  1 
HETATM 538 O OD1 . HYP C 1 27 ? 3.669  -36.658 0.114   1.00 15.68 ? 26  HYP C OD1 1 
ATOM   539 N N   . GLY C 1 28 ? -0.805 -38.120 -2.589  1.00 20.20 ? 27  GLY C N   1 
ATOM   540 C CA  . GLY C 1 28 ? -1.839 -38.581 -3.506  1.00 23.93 ? 27  GLY C CA  1 
ATOM   541 C C   . GLY C 1 28 ? -2.018 -40.086 -3.608  1.00 37.13 ? 27  GLY C C   1 
ATOM   542 O O   . GLY C 1 28 ? -2.716 -40.580 -4.500  1.00 21.48 ? 27  GLY C O   1 
HETATM 543 N N   . NH2 C 1 29 ? -1.391 -40.818 -2.692  1.00 12.39 ? 28  NH2 C N   1 
HETATM 544 O O   . HOH D 2 .  ? -1.819 42.665  -0.388  1.00 21.09 ? 101 HOH A O   1 
HETATM 545 O O   . HOH D 2 .  ? 3.352  31.247  -1.624  1.00 13.25 ? 102 HOH A O   1 
HETATM 546 O O   . HOH D 2 .  ? 0.925  -25.775 -9.046  1.00 11.90 ? 103 HOH A O   1 
HETATM 547 O O   . HOH D 2 .  ? -3.687 36.291  -1.416  1.00 13.07 ? 104 HOH A O   1 
HETATM 548 O O   . HOH D 2 .  ? -5.574 -15.634 2.664   1.00 11.14 ? 105 HOH A O   1 
HETATM 549 O O   . HOH D 2 .  ? -1.018 -31.889 -10.626 1.00 2.64  ? 106 HOH A O   1 
HETATM 550 O O   . HOH D 2 .  ? -5.555 -24.756 -5.202  1.00 7.15  ? 107 HOH A O   1 
HETATM 551 O O   . HOH D 2 .  ? -3.968 -15.083 -4.889  1.00 16.40 ? 108 HOH A O   1 
HETATM 552 O O   . HOH D 2 .  ? -2.213 40.172  -1.803  1.00 15.88 ? 109 HOH A O   1 
HETATM 553 O O   . HOH D 2 .  ? -4.013 -18.120 -4.113  1.00 12.94 ? 110 HOH A O   1 
HETATM 554 O O   . HOH D 2 .  ? 1.756  16.433  7.135   1.00 6.88  ? 111 HOH A O   1 
HETATM 555 O O   . HOH D 2 .  ? 3.632  36.727  0.727   1.00 23.61 ? 112 HOH A O   1 
HETATM 556 O O   . HOH D 2 .  ? 3.576  -23.106 -7.456  1.00 6.78  ? 113 HOH A O   1 
HETATM 557 O O   . HOH D 2 .  ? 3.676  14.198  2.799   1.00 17.68 ? 114 HOH A O   1 
HETATM 558 O O   . HOH D 2 .  ? 1.882  38.178  5.837   1.00 19.24 ? 115 HOH A O   1 
HETATM 559 O O   . HOH D 2 .  ? -4.067 -11.451 1.102   1.00 9.06  ? 116 HOH A O   1 
HETATM 560 O O   . HOH D 2 .  ? -1.453 16.564  9.867   1.00 16.54 ? 117 HOH A O   1 
HETATM 561 O O   . HOH D 2 .  ? -3.316 11.331  7.740   1.00 17.59 ? 118 HOH A O   1 
HETATM 562 O O   . HOH D 2 .  ? 0.301  -27.505 -11.060 1.00 5.28  ? 119 HOH A O   1 
HETATM 563 O O   . HOH D 2 .  ? -5.267 -20.155 -5.432  1.00 6.80  ? 120 HOH A O   1 
HETATM 564 O O   . HOH D 2 .  ? 3.188  23.193  1.913   1.00 4.59  ? 121 HOH A O   1 
HETATM 565 O O   . HOH D 2 .  ? 6.508  -30.652 -5.461  1.00 3.68  ? 122 HOH A O   1 
HETATM 566 O O   . HOH D 2 .  ? 3.859  -37.382 -7.420  1.00 15.33 ? 123 HOH A O   1 
HETATM 567 O O   . HOH D 2 .  ? -1.302 18.362  6.940   1.00 9.36  ? 124 HOH A O   1 
HETATM 568 O O   . HOH D 2 .  ? -4.463 7.550   2.172   1.00 7.58  ? 125 HOH A O   1 
HETATM 569 O O   . HOH D 2 .  ? 2.465  26.264  6.987   1.00 5.84  ? 126 HOH A O   1 
HETATM 570 O O   . HOH D 2 .  ? -3.123 10.569  5.076   1.00 12.31 ? 127 HOH A O   1 
HETATM 571 O O   . HOH D 2 .  ? 0.037  -22.996 -8.923  1.00 13.04 ? 128 HOH A O   1 
HETATM 572 O O   . HOH D 2 .  ? 5.075  5.712   -1.123  1.00 17.50 ? 129 HOH A O   1 
HETATM 573 O O   . HOH D 2 .  ? 4.208  35.027  4.246   1.00 12.18 ? 130 HOH A O   1 
HETATM 574 O O   . HOH D 2 .  ? -0.142 8.441   7.102   1.00 13.88 ? 131 HOH A O   1 
HETATM 575 O O   . HOH D 2 .  ? 3.053  32.474  0.305   1.00 23.32 ? 132 HOH A O   1 
HETATM 576 O O   . HOH D 2 .  ? 5.360  -33.647 -8.581  1.00 13.25 ? 133 HOH A O   1 
HETATM 577 O O   . HOH D 2 .  ? -3.029 16.138  5.472   1.00 18.43 ? 134 HOH A O   1 
HETATM 578 O O   . HOH D 2 .  ? -1.843 -15.884 -6.379  1.00 14.14 ? 135 HOH A O   1 
HETATM 579 O O   . HOH D 2 .  ? 7.103  -36.331 -5.376  1.00 10.72 ? 136 HOH A O   1 
HETATM 580 O O   . HOH D 2 .  ? -4.205 -7.481  -2.747  1.00 16.63 ? 137 HOH A O   1 
HETATM 581 O O   . HOH D 2 .  ? 9.303  5.188   4.460   1.00 10.00 ? 138 HOH A O   1 
HETATM 582 O O   . HOH D 2 .  ? 0.992  40.976  5.665   1.00 23.82 ? 139 HOH A O   1 
HETATM 583 O O   . HOH D 2 .  ? 2.088  11.885  7.517   1.00 14.38 ? 140 HOH A O   1 
HETATM 584 O O   . HOH D 2 .  ? -0.168 12.376  10.115  1.00 21.84 ? 141 HOH A O   1 
HETATM 585 O O   . HOH D 2 .  ? 5.110  26.797  4.462   1.00 18.28 ? 142 HOH A O   1 
HETATM 586 O O   . HOH D 2 .  ? -4.566 12.607  6.280   1.00 33.15 ? 143 HOH A O   1 
HETATM 587 O O   . HOH D 2 .  ? 2.394  43.487  -0.449  1.00 32.00 ? 144 HOH A O   1 
HETATM 588 O O   . HOH D 2 .  ? -1.963 38.565  -4.170  1.00 10.63 ? 145 HOH A O   1 
HETATM 589 O O   . HOH D 2 .  ? 4.453  24.359  6.265   1.00 9.06  ? 146 HOH A O   1 
HETATM 590 O O   . HOH D 2 .  ? -5.570 -9.421  -1.982  1.00 36.75 ? 147 HOH A O   1 
HETATM 591 O O   . HOH D 2 .  ? 1.737  14.059  10.507  1.00 21.50 ? 148 HOH A O   1 
HETATM 592 O O   . HOH D 2 .  ? -5.480 -16.244 -3.826  1.00 40.39 ? 149 HOH A O   1 
HETATM 593 O O   . HOH D 2 .  ? -6.817 -13.287 3.814   1.00 12.76 ? 150 HOH A O   1 
HETATM 594 O O   . HOH D 2 .  ? 5.812  33.192  3.097   1.00 13.07 ? 151 HOH A O   1 
HETATM 595 O O   . HOH D 2 .  ? -5.622 -11.086 3.057   1.00 16.31 ? 152 HOH A O   1 
HETATM 596 O O   . HOH D 2 .  ? 3.350  -24.750 -9.663  1.00 36.00 ? 153 HOH A O   1 
HETATM 597 O O   . HOH D 2 .  ? 2.759  16.319  9.715   1.00 11.17 ? 154 HOH A O   1 
HETATM 598 O O   . HOH D 2 .  ? 0.090  44.416  -1.692  1.00 23.37 ? 155 HOH A O   1 
HETATM 599 O O   . HOH D 2 .  ? 5.076  34.105  0.789   1.00 21.38 ? 156 HOH A O   1 
HETATM 600 O O   . HOH D 2 .  ? -3.004 35.885  -4.118  1.00 19.36 ? 157 HOH A O   1 
HETATM 601 O O   . HOH D 2 .  ? 7.583  -34.854 -7.811  1.00 19.49 ? 158 HOH A O   1 
HETATM 602 O O   . HOH D 2 .  ? 5.961  -23.088 -6.196  1.00 16.13 ? 159 HOH A O   1 
HETATM 603 O O   . HOH D 2 .  ? 4.138  -36.273 -10.616 1.00 31.13 ? 160 HOH A O   1 
HETATM 604 O O   . HOH D 2 .  ? 0.798  17.876  10.823  1.00 10.14 ? 161 HOH A O   1 
HETATM 605 O O   . HOH D 2 .  ? -0.176 -15.564 -8.488  1.00 10.63 ? 162 HOH A O   1 
HETATM 606 O O   . HOH D 2 .  ? -6.105 -13.463 -4.451  1.00 13.44 ? 163 HOH A O   1 
HETATM 607 O O   . HOH D 2 .  ? -7.060 -6.551  1.838   1.00 32.90 ? 164 HOH A O   1 
HETATM 608 O O   . HOH D 2 .  ? 3.271  42.792  6.271   1.00 17.13 ? 165 HOH A O   1 
HETATM 609 O O   . HOH D 2 .  ? 5.700  -39.504 -3.333  1.00 22.41 ? 166 HOH A O   1 
HETATM 610 O O   . HOH D 2 .  ? -7.575 -6.101  -0.663  1.00 18.68 ? 167 HOH A O   1 
HETATM 611 O O   . HOH D 2 .  ? -2.401 42.141  -3.226  1.00 27.47 ? 168 HOH A O   1 
HETATM 612 O O   . HOH D 2 .  ? -6.847 -6.604  -3.143  1.00 23.41 ? 169 HOH A O   1 
HETATM 613 O O   . HOH E 2 .  ? 2.528  4.183   -7.838  1.00 37.11 ? 101 HOH B O   1 
HETATM 614 O O   . HOH E 2 .  ? -0.527 -26.294 4.308   1.00 15.44 ? 102 HOH B O   1 
HETATM 615 O O   . HOH E 2 .  ? -5.870 30.336  0.735   1.00 17.33 ? 103 HOH B O   1 
HETATM 616 O O   . HOH E 2 .  ? -4.047 39.360  8.447   1.00 10.80 ? 104 HOH B O   1 
HETATM 617 O O   . HOH E 2 .  ? 6.020  -19.911 2.329   1.00 10.59 ? 105 HOH B O   1 
HETATM 618 O O   . HOH E 2 .  ? -7.545 28.268  0.160   1.00 15.02 ? 106 HOH B O   1 
HETATM 619 O O   . HOH E 2 .  ? 4.661  -13.271 3.183   1.00 12.22 ? 107 HOH B O   1 
HETATM 620 O O   . HOH E 2 .  ? -0.556 -34.577 -10.005 1.00 4.10  ? 108 HOH B O   1 
HETATM 621 O O   . HOH E 2 .  ? 1.160  -29.388 1.699   1.00 9.54  ? 109 HOH B O   1 
HETATM 622 O O   . HOH E 2 .  ? 5.745  -15.760 4.291   1.00 11.95 ? 110 HOH B O   1 
HETATM 623 O O   . HOH E 2 .  ? -4.811 -26.495 -1.645  1.00 12.60 ? 111 HOH B O   1 
HETATM 624 O O   . HOH E 2 .  ? -2.243 22.339  -2.831  1.00 10.70 ? 112 HOH B O   1 
HETATM 625 O O   . HOH E 2 .  ? -7.227 32.281  7.126   1.00 6.30  ? 113 HOH B O   1 
HETATM 626 O O   . HOH E 2 .  ? -0.532 -22.043 3.183   1.00 13.05 ? 114 HOH B O   1 
HETATM 627 O O   . HOH E 2 .  ? -4.445 -30.664 -3.157  1.00 6.68  ? 115 HOH B O   1 
HETATM 628 O O   . HOH E 2 .  ? -3.174 32.957  -1.020  1.00 11.63 ? 116 HOH B O   1 
HETATM 629 O O   . HOH E 2 .  ? 3.794  -9.845  5.031   1.00 12.04 ? 117 HOH B O   1 
HETATM 630 O O   . HOH E 2 .  ? -6.340 37.237  6.687   1.00 6.67  ? 118 HOH B O   1 
HETATM 631 O O   . HOH E 2 .  ? -0.510 -19.410 4.147   1.00 13.32 ? 119 HOH B O   1 
HETATM 632 O O   . HOH E 2 .  ? -7.409 23.798  -0.018  1.00 8.07  ? 120 HOH B O   1 
HETATM 633 O O   . HOH E 2 .  ? -3.812 -26.876 -5.366  1.00 5.98  ? 121 HOH B O   1 
HETATM 634 O O   . HOH E 2 .  ? -1.188 26.334  -3.184  1.00 10.99 ? 122 HOH B O   1 
HETATM 635 O O   . HOH E 2 .  ? 2.033  5.001   4.418   1.00 5.90  ? 123 HOH B O   1 
HETATM 636 O O   . HOH E 2 .  ? -7.097 -34.663 -2.550  1.00 29.42 ? 124 HOH B O   1 
HETATM 637 O O   . HOH E 2 .  ? 5.866  -1.305  2.875   1.00 8.31  ? 125 HOH B O   1 
HETATM 638 O O   . HOH E 2 .  ? 5.631  -4.743  -0.222  1.00 9.70  ? 126 HOH B O   1 
HETATM 639 O O   . HOH E 2 .  ? 3.503  10.889  -3.971  1.00 17.19 ? 127 HOH B O   1 
HETATM 640 O O   . HOH E 2 .  ? 1.203  24.112  -2.453  1.00 8.77  ? 128 HOH B O   1 
HETATM 641 O O   . HOH E 2 .  ? 4.224  15.108  -2.317  1.00 6.49  ? 129 HOH B O   1 
HETATM 642 O O   . HOH E 2 .  ? -3.324 -19.309 1.506   1.00 11.23 ? 130 HOH B O   1 
HETATM 643 O O   . HOH E 2 .  ? 7.075  9.340   1.292   1.00 21.09 ? 131 HOH B O   1 
HETATM 644 O O   . HOH E 2 .  ? 0.679  -41.556 -7.278  1.00 13.57 ? 132 HOH B O   1 
HETATM 645 O O   . HOH E 2 .  ? 5.854  15.861  1.713   1.00 17.14 ? 133 HOH B O   1 
HETATM 646 O O   . HOH E 2 .  ? 5.735  -7.865  4.221   1.00 10.07 ? 134 HOH B O   1 
HETATM 647 O O   . HOH E 2 .  ? 3.551  4.233   -5.924  1.00 18.07 ? 135 HOH B O   1 
HETATM 648 O O   . HOH E 2 .  ? 6.004  8.203   -1.493  1.00 11.95 ? 136 HOH B O   1 
HETATM 649 O O   . HOH E 2 .  ? -8.502 25.656  -2.174  1.00 4.15  ? 137 HOH B O   1 
HETATM 650 O O   . HOH E 2 .  ? 3.464  24.412  -0.724  1.00 7.24  ? 138 HOH B O   1 
HETATM 651 O O   . HOH E 2 .  ? 0.614  -24.192 3.648   1.00 22.23 ? 139 HOH B O   1 
HETATM 652 O O   . HOH E 2 .  ? -5.540 -28.965 -4.988  1.00 6.11  ? 140 HOH B O   1 
HETATM 653 O O   . HOH E 2 .  ? -3.366 -22.035 2.670   1.00 10.90 ? 141 HOH B O   1 
HETATM 654 O O   . HOH E 2 .  ? 5.250  8.881   -4.096  1.00 14.92 ? 142 HOH B O   1 
HETATM 655 O O   . HOH E 2 .  ? 4.832  13.408  -4.205  1.00 11.60 ? 143 HOH B O   1 
HETATM 656 O O   . HOH E 2 .  ? -7.354 30.611  3.177   1.00 17.23 ? 144 HOH B O   1 
HETATM 657 O O   . HOH E 2 .  ? 0.008  22.574  -4.554  1.00 7.14  ? 145 HOH B O   1 
HETATM 658 O O   . HOH E 2 .  ? 2.974  -29.244 3.608   1.00 22.74 ? 146 HOH B O   1 
HETATM 659 O O   . HOH E 2 .  ? -5.102 -29.414 -0.827  1.00 6.87  ? 147 HOH B O   1 
HETATM 660 O O   . HOH E 2 .  ? -3.678 -30.175 1.480   1.00 11.31 ? 148 HOH B O   1 
HETATM 661 O O   . HOH E 2 .  ? -1.332 33.712  -2.673  1.00 12.55 ? 149 HOH B O   1 
HETATM 662 O O   . HOH E 2 .  ? -1.759 40.578  9.469   1.00 9.93  ? 150 HOH B O   1 
HETATM 663 O O   . HOH E 2 .  ? 3.220  -22.421 3.903   1.00 19.42 ? 151 HOH B O   1 
HETATM 664 O O   . HOH E 2 .  ? 7.364  -13.045 2.152   1.00 15.21 ? 152 HOH B O   1 
HETATM 665 O O   . HOH F 2 .  ? -2.885 6.257   -5.855  1.00 23.32 ? 101 HOH C O   1 
HETATM 666 O O   . HOH F 2 .  ? -4.773 9.641   2.242   1.00 33.92 ? 102 HOH C O   1 
HETATM 667 O O   . HOH F 2 .  ? 5.288  -38.279 0.020   1.00 25.32 ? 103 HOH C O   1 
HETATM 668 O O   . HOH F 2 .  ? -0.458 -41.033 -0.274  1.00 20.69 ? 104 HOH C O   1 
HETATM 669 O O   . HOH F 2 .  ? 2.261  35.906  7.498   1.00 10.74 ? 105 HOH C O   1 
HETATM 670 O O   . HOH F 2 .  ? 4.205  -20.412 -8.282  1.00 10.33 ? 106 HOH C O   1 
HETATM 671 O O   . HOH F 2 .  ? 8.109  -26.344 -3.687  1.00 6.70  ? 107 HOH C O   1 
HETATM 672 O O   . HOH F 2 .  ? -2.446 19.984  8.806   1.00 9.48  ? 108 HOH C O   1 
HETATM 673 O O   . HOH F 2 .  ? -0.419 -7.156  -5.947  1.00 9.90  ? 109 HOH C O   1 
HETATM 674 O O   . HOH F 2 .  ? -4.413 4.562   -3.972  1.00 8.35  ? 110 HOH C O   1 
HETATM 675 O O   . HOH F 2 .  ? 3.705  -34.686 -1.851  1.00 14.43 ? 111 HOH C O   1 
HETATM 676 O O   . HOH F 2 .  ? 1.326  32.875  9.676   1.00 9.30  ? 112 HOH C O   1 
HETATM 677 O O   . HOH F 2 .  ? 7.086  -20.553 -1.325  1.00 4.33  ? 113 HOH C O   1 
HETATM 678 O O   . HOH F 2 .  ? -5.966 30.045  5.842   1.00 8.57  ? 114 HOH C O   1 
HETATM 679 O O   . HOH F 2 .  ? 0.282  -4.432  -6.311  1.00 12.43 ? 115 HOH C O   1 
HETATM 680 O O   . HOH F 2 .  ? -5.738 17.731  4.215   1.00 12.18 ? 116 HOH C O   1 
HETATM 681 O O   . HOH F 2 .  ? 4.934  -22.262 1.053   1.00 12.84 ? 117 HOH C O   1 
HETATM 682 O O   . HOH F 2 .  ? -5.625 21.468  0.152   1.00 5.38  ? 118 HOH C O   1 
HETATM 683 O O   . HOH F 2 .  ? -0.973 -43.356 -3.770  1.00 18.26 ? 119 HOH C O   1 
HETATM 684 O O   . HOH F 2 .  ? 1.034  -41.398 -4.572  1.00 15.98 ? 120 HOH C O   1 
HETATM 685 O O   . HOH F 2 .  ? -7.156 21.934  3.409   1.00 10.32 ? 121 HOH C O   1 
HETATM 686 O O   . HOH F 2 .  ? 6.581  -24.019 -3.499  1.00 13.04 ? 122 HOH C O   1 
HETATM 687 O O   . HOH F 2 .  ? 4.281  -16.163 -5.836  1.00 4.67  ? 123 HOH C O   1 
HETATM 688 O O   . HOH F 2 .  ? -6.144 11.767  0.037   1.00 16.16 ? 124 HOH C O   1 
HETATM 689 O O   . HOH F 2 .  ? -6.397 7.252   -0.954  1.00 5.95  ? 125 HOH C O   1 
HETATM 690 O O   . HOH F 2 .  ? -1.998 24.630  7.208   1.00 4.35  ? 126 HOH C O   1 
HETATM 691 O O   . HOH F 2 .  ? -4.005 1.595   -3.833  1.00 15.95 ? 127 HOH C O   1 
HETATM 692 O O   . HOH F 2 .  ? 4.835  -35.128 2.239   1.00 13.89 ? 128 HOH C O   1 
HETATM 693 O O   . HOH F 2 .  ? -3.042 -37.817 -0.783  1.00 20.25 ? 129 HOH C O   1 
HETATM 694 O O   . HOH F 2 .  ? -3.631 20.552  -1.717  1.00 7.66  ? 130 HOH C O   1 
HETATM 695 O O   . HOH F 2 .  ? 6.372  -10.723 -3.919  1.00 12.12 ? 131 HOH C O   1 
HETATM 696 O O   . HOH F 2 .  ? 6.355  -13.742 -2.483  1.00 12.64 ? 132 HOH C O   1 
HETATM 697 O O   . HOH F 2 .  ? -7.967 -2.740  2.391   1.00 8.51  ? 133 HOH C O   1 
HETATM 698 O O   . HOH F 2 .  ? -4.010 27.981  8.585   1.00 11.66 ? 134 HOH C O   1 
HETATM 699 O O   . HOH F 2 .  ? 3.457  -9.731  -7.226  1.00 10.07 ? 135 HOH C O   1 
HETATM 700 O O   . HOH F 2 .  ? -3.574 -39.564 -7.184  1.00 16.51 ? 136 HOH C O   1 
HETATM 701 O O   . HOH F 2 .  ? 2.656  2.413   -2.709  1.00 7.88  ? 137 HOH C O   1 
HETATM 702 O O   . HOH F 2 .  ? -1.911 13.992  -2.596  1.00 14.32 ? 138 HOH C O   1 
HETATM 703 O O   . HOH F 2 .  ? 3.882  -38.889 -4.284  1.00 20.37 ? 139 HOH C O   1 
HETATM 704 O O   . HOH F 2 .  ? 4.380  -30.510 1.389   1.00 28.59 ? 140 HOH C O   1 
HETATM 705 O O   . HOH F 2 .  ? 2.956  -32.825 1.205   1.00 22.13 ? 141 HOH C O   1 
HETATM 706 O O   . HOH F 2 .  ? -5.520 11.281  -1.894  1.00 29.67 ? 142 HOH C O   1 
HETATM 707 O O   . HOH F 2 .  ? 0.946  11.624  -4.190  1.00 17.91 ? 143 HOH C O   1 
HETATM 708 O O   . HOH F 2 .  ? -1.595 -43.420 -1.063  1.00 11.55 ? 144 HOH C O   1 
HETATM 709 O O   . HOH F 2 .  ? -9.385 -0.802  3.727   1.00 35.91 ? 145 HOH C O   1 
HETATM 710 O O   . HOH F 2 .  ? 6.323  -37.272 -1.785  1.00 36.78 ? 146 HOH C O   1 
HETATM 711 O O   . HOH F 2 .  ? -1.130 -31.198 1.394   1.00 7.76  ? 147 HOH C O   1 
HETATM 712 O O   . HOH F 2 .  ? -5.687 0.939   -2.034  1.00 18.99 ? 148 HOH C O   1 
HETATM 713 O O   . HOH F 2 .  ? 0.211  31.325  12.242  1.00 7.06  ? 149 HOH C O   1 
HETATM 714 O O   . HOH F 2 .  ? -5.977 26.093  7.656   1.00 9.24  ? 150 HOH C O   1 
HETATM 715 O O   . HOH F 2 .  ? -6.658 1.856   5.434   1.00 13.01 ? 151 HOH C O   1 
HETATM 716 O O   . HOH F 2 .  ? -2.608 -44.249 -5.386  1.00 17.35 ? 152 HOH C O   1 
HETATM 717 O O   . HOH F 2 .  ? 6.840  -24.375 0.444   1.00 17.10 ? 153 HOH C O   1 
HETATM 718 O O   . HOH F 2 .  ? 0.415  -33.442 2.207   1.00 10.78 ? 154 HOH C O   1 
HETATM 719 O O   . HOH F 2 .  ? 3.302  -41.553 -2.950  1.00 12.08 ? 155 HOH C O   1 
HETATM 720 O O   . HOH F 2 .  ? -6.850 5.542   -2.997  1.00 5.36  ? 156 HOH C O   1 
HETATM 721 O O   . HOH F 2 .  ? -5.335 9.421   3.980   1.00 25.08 ? 157 HOH C O   1 
HETATM 722 O O   . HOH F 2 .  ? 4.200  -40.530 1.082   1.00 9.03  ? 158 HOH C O   1 
HETATM 723 O O   . HOH F 2 .  ? -8.764 0.339   5.443   1.00 21.08 ? 159 HOH C O   1 
HETATM 724 O O   . HOH F 2 .  ? 3.851  -36.805 4.193   1.00 6.94  ? 160 HOH C O   1 
HETATM 725 O O   . HOH F 2 .  ? -7.330 19.679  4.901   1.00 8.43  ? 161 HOH C O   1 
HETATM 726 O O   . HOH F 2 .  ? 0.412  -9.180  -7.965  1.00 12.34 ? 162 HOH C O   1 
HETATM 727 O O   . HOH F 2 .  ? -7.100 10.512  2.260   1.00 10.33 ? 163 HOH C O   1 
HETATM 728 O O   . HOH F 2 .  ? -7.680 28.128  6.752   1.00 8.26  ? 164 HOH C O   1 
HETATM 729 O O   . HOH F 2 .  ? 2.601  -15.616 -8.062  1.00 9.03  ? 165 HOH C O   1 
HETATM 730 O O   . HOH F 2 .  ? -1.868 -43.098 -8.026  1.00 16.53 ? 166 HOH C O   1 
HETATM 731 O O   . HOH F 2 .  ? -7.056 9.869   -1.684  1.00 11.70 ? 167 HOH C O   1 
HETATM 732 O O   . HOH F 2 .  ? 2.178  -41.873 -0.260  1.00 12.47 ? 168 HOH C O   1 
HETATM 733 O O   . HOH F 2 .  ? -5.719 -0.962  -3.141  1.00 25.04 ? 169 HOH C O   1 
HETATM 734 O O   . HOH F 2 .  ? 6.234  -3.746  -2.998  1.00 14.85 ? 170 HOH C O   1 
HETATM 735 O O   . HOH F 2 .  ? 6.007  -21.155 -10.213 1.00 10.28 ? 171 HOH C O   1 
# 
loop_
_atom_site_anisotrop.id 
_atom_site_anisotrop.type_symbol 
_atom_site_anisotrop.pdbx_label_atom_id 
_atom_site_anisotrop.pdbx_label_alt_id 
_atom_site_anisotrop.pdbx_label_comp_id 
_atom_site_anisotrop.pdbx_label_asym_id 
_atom_site_anisotrop.pdbx_label_seq_id 
_atom_site_anisotrop.pdbx_PDB_ins_code 
_atom_site_anisotrop.U[1][1] 
_atom_site_anisotrop.U[2][2] 
_atom_site_anisotrop.U[3][3] 
_atom_site_anisotrop.U[1][2] 
_atom_site_anisotrop.U[1][3] 
_atom_site_anisotrop.U[2][3] 
_atom_site_anisotrop.pdbx_auth_seq_id 
_atom_site_anisotrop.pdbx_auth_comp_id 
_atom_site_anisotrop.pdbx_auth_asym_id 
_atom_site_anisotrop.pdbx_auth_atom_id 
1   C C   . ACE A 1  ? 0.2108 0.0580 0.1416 -0.0078 0.0311  -0.0080 0  ACE A C   
2   O O   . ACE A 1  ? 0.2101 0.0583 0.1419 -0.0076 0.0312  -0.0081 0  ACE A O   
3   C CH3 . ACE A 1  ? 0.2101 0.0583 0.1419 -0.0076 0.0312  -0.0081 0  ACE A CH3 
4   N N   . PRO A 2  ? 0.2929 0.1379 0.2211 -0.0084 0.0311  -0.0078 1  PRO A N   
5   C CA  . PRO A 2  ? 0.1999 0.0776 0.1576 -0.0152 0.0293  -0.0069 1  PRO A CA  
6   C C   . PRO A 2  ? 0.2021 0.0910 0.1602 -0.0020 0.0357  0.0006  1  PRO A C   
7   O O   . PRO A 2  ? 0.2186 0.0819 0.1485 0.0104  0.0402  -0.0009 1  PRO A O   
8   C CB  . PRO A 2  ? 0.2689 0.1481 0.2380 -0.0271 0.0133  -0.0167 1  PRO A CB  
9   C CG  . PRO A 2  ? 0.5197 0.3638 0.4535 -0.0241 -0.0005 -0.0205 1  PRO A CG  
10  C CD  . PRO A 2  ? 0.5621 0.3824 0.4640 -0.0128 0.0141  -0.0170 1  PRO A CD  
11  N N   . HYP A 3  ? 0.1435 0.0607 0.1251 -0.0065 0.0361  0.0098  2  HYP A N   
12  C CA  . HYP A 3  ? 0.1247 0.0573 0.1147 0.0022  0.0383  0.0192  2  HYP A CA  
13  C C   . HYP A 3  ? 0.2218 0.1538 0.2012 0.0037  0.0322  0.0058  2  HYP A C   
14  O O   . HYP A 3  ? 0.1492 0.0789 0.1315 -0.0063 0.0224  -0.0062 2  HYP A O   
15  C CB  . HYP A 3  ? 0.1078 0.0571 0.1121 -0.0113 0.0303  0.0299  2  HYP A CB  
16  C CG  . HYP A 3  ? 0.1275 0.0695 0.1272 -0.0210 0.0236  0.0316  2  HYP A CG  
17  C CD  . HYP A 3  ? 0.2466 0.1717 0.2371 -0.0213 0.0325  0.0151  2  HYP A CD  
18  O OD1 . HYP A 3  ? 0.1348 0.0799 0.1474 -0.0142 0.0217  0.0458  2  HYP A OD1 
19  N N   . GLY A 4  ? 0.1266 0.0604 0.1014 0.0154  0.0373  0.0121  3  GLY A N   
20  C CA  . GLY A 4  ? 0.1304 0.0605 0.0929 0.0154  0.0282  0.0022  3  GLY A CA  
21  C C   . GLY A 4  ? 0.0987 0.0576 0.0882 0.0037  0.0189  -0.0014 3  GLY A C   
22  O O   . GLY A 4  ? 0.0878 0.0584 0.0906 -0.0050 0.0224  0.0027  3  GLY A O   
23  N N   . PRO A 5  ? 0.0997 0.0592 0.0900 0.0030  0.0084  -0.0078 4  PRO A N   
24  C CA  . PRO A 5  ? 0.0896 0.0709 0.1081 -0.0038 0.0064  -0.0093 4  PRO A CA  
25  C C   . PRO A 5  ? 0.0637 0.0565 0.0777 -0.0023 0.0138  -0.0012 4  PRO A C   
26  O O   . PRO A 5  ? 0.0651 0.0587 0.0687 0.0047  0.0155  0.0086  4  PRO A O   
27  C CB  . PRO A 5  ? 0.0898 0.0647 0.1094 -0.0028 -0.0112 -0.0129 4  PRO A CB  
28  C CG  . PRO A 5  ? 0.1921 0.1299 0.1760 -0.0025 -0.0234 -0.0163 4  PRO A CG  
29  C CD  . PRO A 5  ? 0.1432 0.0708 0.0997 0.0082  -0.0022 -0.0123 4  PRO A CD  
30  N N   . HYP A 6  ? 0.0668 0.0619 0.0886 -0.0092 0.0197  -0.0020 5  HYP A N   
31  C CA  . HYP A 6  ? 0.0727 0.0653 0.0780 -0.0117 0.0197  0.0055  5  HYP A CA  
32  C C   . HYP A 6  ? 0.0631 0.0691 0.0706 -0.0023 0.0107  0.0078  5  HYP A C   
33  O O   . HYP A 6  ? 0.0616 0.0706 0.0780 0.0035  0.0050  0.0002  5  HYP A O   
34  C CB  . HYP A 6  ? 0.0762 0.0523 0.0783 -0.0171 0.0341  0.0010  5  HYP A CB  
35  C CG  . HYP A 6  ? 0.2766 0.2481 0.2979 -0.0185 0.0467  -0.0043 5  HYP A CG  
36  C CD  . HYP A 6  ? 0.0985 0.0916 0.1452 -0.0139 0.0306  -0.0069 5  HYP A CD  
37  O OD1 . HYP A 6  ? 0.2458 0.1977 0.2377 -0.0232 0.0478  -0.0034 5  HYP A OD1 
38  N N   . GLY A 7  ? 0.0509 0.0592 0.0494 -0.0036 0.0061  0.0210  6  GLY A N   
39  C CA  . GLY A 7  ? 0.0451 0.0632 0.0448 0.0045  0.0019  0.0255  6  GLY A CA  
40  C C   . GLY A 7  ? 0.0433 0.0609 0.0417 0.0047  -0.0009 0.0152  6  GLY A C   
41  O O   . GLY A 7  ? 0.0475 0.0577 0.0513 0.0002  0.0052  0.0071  6  GLY A O   
42  N N   . PHE A 8  ? 0.0415 0.0644 0.0365 0.0113  -0.0061 0.0181  7  PHE A N   
43  C CA  . PHE A 8  ? 0.0408 0.0635 0.0401 0.0124  -0.0113 0.0096  7  PHE A CA  
44  C C   . PHE A 8  ? 0.0465 0.0609 0.0354 0.0051  -0.0081 0.0136  7  PHE A C   
45  O O   . PHE A 8  ? 0.0734 0.0779 0.0497 -0.0011 -0.0096 0.0198  7  PHE A O   
46  C CB  . PHE A 8  ? 0.0733 0.0895 0.0627 0.0163  -0.0162 0.0097  7  PHE A CB  
47  C CG  . PHE A 8  ? 0.0813 0.0953 0.0772 0.0160  -0.0258 0.0040  7  PHE A CG  
48  C CD1 . PHE A 8  ? 0.0962 0.1003 0.0979 0.0160  -0.0385 -0.0018 7  PHE A CD1 
49  C CD2 . PHE A 8  ? 0.0505 0.0673 0.0492 0.0135  -0.0256 0.0063  7  PHE A CD2 
50  C CE1 . PHE A 8  ? 0.1109 0.1088 0.1265 0.0119  -0.0510 -0.0024 7  PHE A CE1 
51  C CE2 . PHE A 8  ? 0.0647 0.0792 0.0736 0.0144  -0.0346 0.0029  7  PHE A CE2 
52  C CZ  . PHE A 8  ? 0.0755 0.0801 0.0959 0.0125  -0.0481 0.0000  7  PHE A CZ  
53  N N   . PRO A 9  ? 0.0564 0.0371 0.1216 -0.0011 0.0053  -0.0091 8  PRO A N   
54  C CA  . PRO A 9  ? 0.0427 0.0335 0.1225 -0.0027 0.0134  -0.0078 8  PRO A CA  
55  C C   . PRO A 9  ? 0.0589 0.0467 0.1236 -0.0030 0.0173  -0.0044 8  PRO A C   
56  O O   . PRO A 9  ? 0.0723 0.0472 0.1182 -0.0012 0.0128  -0.0017 8  PRO A O   
57  C CB  . PRO A 9  ? 0.0429 0.0367 0.1417 -0.0017 0.0045  -0.0067 8  PRO A CB  
58  C CG  . PRO A 9  ? 0.0477 0.0403 0.1553 -0.0009 -0.0048 -0.0082 8  PRO A CG  
59  C CD  . PRO A 9  ? 0.0632 0.0383 0.1449 -0.0004 -0.0098 -0.0103 8  PRO A CD  
60  N N   . GLY A 10 ? 0.0379 0.0332 0.1074 -0.0032 0.0245  -0.0045 9  GLY A N   
61  C CA  . GLY A 10 ? 0.0637 0.0576 0.1288 -0.0037 0.0273  -0.0010 9  GLY A CA  
62  C C   . GLY A 10 ? 0.0471 0.0362 0.1177 -0.0046 0.0222  0.0020  9  GLY A C   
63  O O   . GLY A 10 ? 0.0696 0.0596 0.1511 -0.0043 0.0157  0.0003  9  GLY A O   
64  N N   . ASP A 11 ? 0.0578 0.0407 0.1196 -0.0041 0.0250  0.0069  10 ASP A N   
65  C CA  . ASP A 11 ? 0.0658 0.0418 0.1271 -0.0036 0.0197  0.0099  10 ASP A CA  
66  C C   . ASP A 11 ? 0.0550 0.0419 0.1353 -0.0052 0.0183  0.0080  10 ASP A C   
67  O O   . ASP A 11 ? 0.0776 0.0720 0.1608 -0.0034 0.0205  0.0050  10 ASP A O   
68  C CB  . ASP A 11 ? 0.0818 0.0475 0.1296 -0.0014 0.0273  0.0170  10 ASP A CB  
69  C CG  . ASP A 11 ? 0.1938 0.1420 0.2120 0.0038  0.0307  0.0200  10 ASP A CG  
70  O OD1 . ASP A 11 ? 0.1602 0.1034 0.1674 0.0051  0.0227  0.0155  10 ASP A OD1 
71  O OD2 . ASP A 11 ? 0.1904 0.1274 0.1965 0.0075  0.0424  0.0274  10 ASP A OD2 
72  N N   . ARG A 12 ? 0.0926 0.0761 0.1772 -0.0052 0.0116  0.0089  11 ARG A N   
73  C CA  . ARG A 12 ? 0.0637 0.0553 0.1579 -0.0042 0.0108  0.0078  11 ARG A CA  
74  C C   . ARG A 12 ? 0.0509 0.0432 0.1448 -0.0042 0.0147  0.0105  11 ARG A C   
75  O O   . ARG A 12 ? 0.0720 0.0580 0.1603 -0.0049 0.0192  0.0156  11 ARG A O   
76  C CB  . ARG A 12 ? 0.0894 0.0777 0.1886 -0.0045 0.0035  0.0091  11 ARG A CB  
77  C CG  . ARG A 12 ? 0.1073 0.1024 0.2158 -0.0025 0.0038  0.0081  11 ARG A CG  
78  C CD  . ARG A 12 ? 0.1018 0.0963 0.2185 -0.0026 -0.0026 0.0094  11 ARG A CD  
79  N NE  . ARG A 12 ? 0.0434 0.0436 0.1694 -0.0001 0.0001  0.0084  11 ARG A NE  
80  C CZ  . ARG A 12 ? 0.0685 0.0694 0.2026 -0.0001 -0.0029 0.0092  11 ARG A CZ  
81  N NH1 . ARG A 12 ? 0.0754 0.0748 0.2171 -0.0010 -0.0118 0.0107  11 ARG A NH1 
82  N NH2 . ARG A 12 ? 0.0458 0.0476 0.1809 0.0003  0.0018  0.0087  11 ARG A NH2 
83  N N   . GLY A 13 ? 0.0431 0.0395 0.1430 -0.0021 0.0135  0.0079  12 GLY A N   
84  C CA  . GLY A 13 ? 0.0447 0.0418 0.1511 -0.0017 0.0137  0.0099  12 GLY A CA  
85  C C   . GLY A 13 ? 0.0560 0.0514 0.1657 -0.0030 0.0135  0.0148  12 GLY A C   
86  O O   . GLY A 13 ? 0.0538 0.0462 0.1601 -0.0042 0.0112  0.0160  12 GLY A O   
87  N N   . LEU A 14 ? 0.0346 0.0375 0.1023 0.0056  0.0199  0.0064  13 LEU A N   
88  C CA  . LEU A 14 ? 0.0409 0.0372 0.0876 0.0062  0.0235  -0.0018 13 LEU A CA  
89  C C   . LEU A 14 ? 0.0471 0.0423 0.0677 0.0077  0.0135  0.0007  13 LEU A C   
90  O O   . LEU A 14 ? 0.0399 0.0416 0.0618 0.0078  0.0078  0.0085  13 LEU A O   
91  C CB  . LEU A 14 ? 0.0598 0.0539 0.1173 0.0024  0.0295  -0.0009 13 LEU A CB  
92  C CG  . LEU A 14 ? 0.1128 0.1008 0.1895 -0.0016 0.0376  -0.0057 13 LEU A CG  
93  C CD1 . LEU A 14 ? 0.1665 0.1505 0.2560 -0.0025 0.0428  -0.0059 13 LEU A CD1 
94  C CD2 . LEU A 14 ? 0.1606 0.1426 0.2203 -0.0059 0.0453  -0.0170 13 LEU A CD2 
95  N N   . PRO A 15 ? 0.0497 0.0348 0.0459 0.0078  0.0110  -0.0061 14 PRO A N   
96  C CA  . PRO A 15 ? 0.0515 0.0349 0.0319 0.0094  0.0026  -0.0057 14 PRO A CA  
97  C C   . PRO A 15 ? 0.0514 0.0376 0.0307 0.0071  -0.0002 0.0003  14 PRO A C   
98  O O   . PRO A 15 ? 0.0525 0.0378 0.0399 0.0040  0.0028  0.0035  14 PRO A O   
99  C CB  . PRO A 15 ? 0.0654 0.0345 0.0254 0.0086  -0.0015 -0.0112 14 PRO A CB  
100 C CG  . PRO A 15 ? 0.1004 0.0670 0.0624 0.0067  0.0027  -0.0157 14 PRO A CG  
101 C CD  . PRO A 15 ? 0.0639 0.0366 0.0453 0.0055  0.0146  -0.0146 14 PRO A CD  
102 N N   . GLY A 16 ? 0.0561 0.0447 0.0272 0.0076  -0.0050 0.0001  15 GLY A N   
103 C CA  . GLY A 16 ? 0.0589 0.0479 0.0240 0.0044  -0.0103 0.0031  15 GLY A CA  
104 C C   . GLY A 16 ? 0.0639 0.0439 0.0225 0.0036  -0.0129 -0.0001 15 GLY A C   
105 O O   . GLY A 16 ? 0.0982 0.0706 0.0530 0.0050  -0.0113 -0.0034 15 GLY A O   
106 N N   . PRO A 17 ? 0.0687 0.0488 0.0278 0.0002  -0.0181 0.0021  16 PRO A N   
107 C CA  . PRO A 17 ? 0.0754 0.0465 0.0324 -0.0012 -0.0201 -0.0001 16 PRO A CA  
108 C C   . PRO A 17 ? 0.0775 0.0460 0.0312 0.0010  -0.0207 -0.0068 16 PRO A C   
109 O O   . PRO A 17 ? 0.0768 0.0525 0.0318 0.0019  -0.0184 -0.0107 16 PRO A O   
110 C CB  . PRO A 17 ? 0.0778 0.0527 0.0453 -0.0058 -0.0265 0.0039  16 PRO A CB  
111 C CG  . PRO A 17 ? 0.0808 0.0641 0.0430 -0.0069 -0.0310 0.0056  16 PRO A CG  
112 C CD  . PRO A 17 ? 0.0913 0.0784 0.0538 -0.0038 -0.0248 0.0081  16 PRO A CD  
113 N N   . VAL A 18 ? 0.0902 0.0467 0.0408 0.0007  -0.0238 -0.0071 17 VAL A N   
114 C CA  . VAL A 18 ? 0.0907 0.0433 0.0448 0.0029  -0.0271 -0.0119 17 VAL A CA  
115 C C   . VAL A 18 ? 0.0933 0.0538 0.0509 0.0009  -0.0268 -0.0186 17 VAL A C   
116 O O   . VAL A 18 ? 0.0965 0.0595 0.0524 -0.0031 -0.0294 -0.0175 17 VAL A O   
117 C CB  . VAL A 18 ? 0.1044 0.0393 0.0538 0.0009  -0.0332 -0.0087 17 VAL A CB  
118 C CG1 . VAL A 18 ? 0.1107 0.0420 0.0710 0.0035  -0.0389 -0.0130 17 VAL A CG1 
119 C CG2 . VAL A 18 ? 0.1650 0.0871 0.0987 -0.0007 -0.0326 -0.0025 17 VAL A CG2 
120 N N   . GLY A 19 ? 0.0672 0.0644 0.0634 -0.0227 0.0287  -0.0253 18 GLY A N   
121 C CA  . GLY A 19 ? 0.0715 0.0591 0.0597 -0.0210 0.0284  -0.0201 18 GLY A CA  
122 C C   . GLY A 19 ? 0.0609 0.0570 0.0520 -0.0158 0.0212  -0.0162 18 GLY A C   
123 O O   . GLY A 19 ? 0.0655 0.0747 0.0646 -0.0151 0.0194  -0.0170 18 GLY A O   
124 N N   . PRO A 20 ? 0.0673 0.0528 0.0500 -0.0120 0.0180  -0.0124 19 PRO A N   
125 C CA  . PRO A 20 ? 0.0865 0.0799 0.0762 -0.0076 0.0110  -0.0105 19 PRO A CA  
126 C C   . PRO A 20 ? 0.0455 0.0537 0.0411 -0.0106 0.0121  -0.0096 19 PRO A C   
127 O O   . PRO A 20 ? 0.0514 0.0623 0.0450 -0.0145 0.0160  -0.0107 19 PRO A O   
128 C CB  . PRO A 20 ? 0.1106 0.0850 0.0857 -0.0016 0.0055  -0.0083 19 PRO A CB  
129 C CG  . PRO A 20 ? 0.1372 0.0951 0.0944 -0.0055 0.0146  -0.0069 19 PRO A CG  
130 C CD  . PRO A 20 ? 0.1103 0.0724 0.0742 -0.0114 0.0218  -0.0102 19 PRO A CD  
131 N N   . HYP A 21 ? 0.0388 0.0554 0.0433 -0.0087 0.0095  -0.0087 20 HYP A N   
132 C CA  . HYP A 21 ? 0.0309 0.0563 0.0364 -0.0096 0.0100  -0.0070 20 HYP A CA  
133 C C   . HYP A 21 ? 0.0584 0.0808 0.0589 -0.0092 0.0075  -0.0054 20 HYP A C   
134 O O   . HYP A 21 ? 0.0465 0.0577 0.0411 -0.0065 0.0048  -0.0045 20 HYP A O   
135 C CB  . HYP A 21 ? 0.0352 0.0633 0.0503 -0.0080 0.0104  -0.0062 20 HYP A CB  
136 C CG  . HYP A 21 ? 0.0659 0.0924 0.0901 -0.0074 0.0123  -0.0096 20 HYP A CG  
137 C CD  . HYP A 21 ? 0.0839 0.1016 0.1008 -0.0052 0.0069  -0.0104 20 HYP A CD  
138 O OD1 . HYP A 21 ? 0.0692 0.0969 0.0894 -0.0093 0.0187  -0.0108 20 HYP A OD1 
139 N N   . GLY A 22 ? 0.0385 0.0683 0.0391 -0.0104 0.0081  -0.0059 21 GLY A N   
140 C CA  . GLY A 22 ? 0.0351 0.0631 0.0330 -0.0101 0.0075  -0.0053 21 GLY A CA  
141 C C   . GLY A 22 ? 0.0291 0.0525 0.0262 -0.0063 0.0027  -0.0020 21 GLY A C   
142 O O   . GLY A 22 ? 0.0492 0.0744 0.0533 -0.0048 0.0004  -0.0012 21 GLY A O   
143 N N   . PRO A 23 ? 0.0409 0.0570 0.0307 -0.0050 0.0022  -0.0016 22 PRO A N   
144 C CA  . PRO A 23 ? 0.0373 0.0485 0.0263 -0.0005 -0.0044 -0.0003 22 PRO A CA  
145 C C   . PRO A 23 ? 0.0316 0.0534 0.0296 -0.0008 -0.0056 0.0006  22 PRO A C   
146 O O   . PRO A 23 ? 0.0395 0.0696 0.0394 -0.0026 -0.0028 0.0004  22 PRO A O   
147 C CB  . PRO A 23 ? 0.0524 0.0493 0.0245 0.0010  -0.0020 -0.0003 22 PRO A CB  
148 C CG  . PRO A 23 ? 0.0492 0.0535 0.0249 -0.0047 0.0076  -0.0023 22 PRO A CG  
149 C CD  . PRO A 23 ? 0.0431 0.0543 0.0263 -0.0079 0.0093  -0.0036 22 PRO A CD  
150 N N   . HYP A 24 ? 0.0281 0.0478 0.0311 0.0020  -0.0107 0.0008  23 HYP A N   
151 C CA  . HYP A 24 ? 0.0239 0.0487 0.0328 0.0019  -0.0104 0.0022  23 HYP A CA  
152 C C   . HYP A 24 ? 0.0405 0.0678 0.0424 0.0026  -0.0098 0.0024  23 HYP A C   
153 O O   . HYP A 24 ? 0.0463 0.0700 0.0414 0.0028  -0.0087 0.0007  23 HYP A O   
154 C CB  . HYP A 24 ? 0.0344 0.0549 0.0518 0.0045  -0.0162 0.0002  23 HYP A CB  
155 C CG  . HYP A 24 ? 0.0670 0.0841 0.0905 0.0062  -0.0203 -0.0037 23 HYP A CG  
156 C CD  . HYP A 24 ? 0.0647 0.0763 0.0701 0.0065  -0.0184 -0.0020 23 HYP A CD  
157 O OD1 . HYP A 24 ? 0.0466 0.0694 0.0859 0.0032  -0.0157 -0.0051 23 HYP A OD1 
158 N N   . GLY A 25 ? 0.0355 0.0665 0.0381 0.0036  -0.0097 0.0035  24 GLY A N   
159 C CA  . GLY A 25 ? 0.0578 0.0899 0.0586 0.0055  -0.0106 0.0013  24 GLY A CA  
160 C C   . GLY A 25 ? 0.0280 0.0553 0.0285 0.0072  -0.0126 0.0012  24 GLY A C   
161 O O   . GLY A 25 ? 0.0293 0.0510 0.0305 0.0073  -0.0148 0.0022  24 GLY A O   
162 N N   . PRO A 26 ? 0.0320 0.0627 0.0334 0.0093  -0.0131 -0.0016 25 PRO A N   
163 C CA  . PRO A 26 ? 0.0513 0.0785 0.0513 0.0118  -0.0149 -0.0024 25 PRO A CA  
164 C C   . PRO A 26 ? 0.0595 0.0797 0.0605 0.0121  -0.0173 0.0012  25 PRO A C   
165 O O   . PRO A 26 ? 0.0369 0.0560 0.0377 0.0123  -0.0176 0.0039  25 PRO A O   
166 C CB  . PRO A 26 ? 0.0787 0.1158 0.0845 0.0144  -0.0145 -0.0082 25 PRO A CB  
167 C CG  . PRO A 26 ? 0.0292 0.0765 0.0416 0.0121  -0.0120 -0.0124 25 PRO A CG  
168 C CD  . PRO A 26 ? 0.0316 0.0713 0.0377 0.0102  -0.0127 -0.0065 25 PRO A CD  
169 N N   . HYP A 27 ? 0.0409 0.0566 0.0416 0.0138  -0.0192 0.0004  26 HYP A N   
170 C CA  . HYP A 27 ? 0.0427 0.0537 0.0464 0.0153  -0.0214 0.0021  26 HYP A CA  
171 C C   . HYP A 27 ? 0.0696 0.0796 0.0699 0.0183  -0.0219 0.0037  26 HYP A C   
172 O O   . HYP A 27 ? 0.0543 0.0690 0.0535 0.0196  -0.0219 0.0008  26 HYP A O   
173 C CB  . HYP A 27 ? 0.0475 0.0536 0.0498 0.0172  -0.0239 -0.0013 26 HYP A CB  
174 C CG  . HYP A 27 ? 0.0653 0.0691 0.0609 0.0174  -0.0238 -0.0037 26 HYP A CG  
175 C CD  . HYP A 27 ? 0.0593 0.0713 0.0541 0.0165  -0.0202 -0.0032 26 HYP A CD  
176 O OD1 . HYP A 27 ? 0.0611 0.0610 0.0589 0.0161  -0.0257 -0.0043 26 HYP A OD1 
177 N N   . GLY A 28 ? 0.0573 0.0574 0.0550 0.0210  -0.0229 0.0075  27 GLY A N   
178 C CA  . GLY A 28 ? 0.0722 0.0626 0.0582 0.0258  -0.0234 0.0097  27 GLY A CA  
179 C C   . GLY A 28 ? 0.1282 0.1199 0.1161 0.0281  -0.0263 0.0061  27 GLY A C   
180 O O   . GLY A 28 ? 0.0812 0.0767 0.0765 0.0265  -0.0268 0.0033  27 GLY A O   
181 N N   . NH2 A 29 ? 0.1105 0.0739 0.0681 0.0266  -0.0218 0.0087  28 NH2 A N   
182 C C   . ACE B 1  ? 0.1179 0.0669 0.1364 0.0411  0.0298  0.0191  0  ACE B C   
183 O O   . ACE B 1  ? 0.1176 0.0670 0.1366 0.0412  0.0298  0.0190  0  ACE B O   
184 C CH3 . ACE B 1  ? 0.1176 0.0670 0.1366 0.0412  0.0298  0.0190  0  ACE B CH3 
185 N N   . PRO B 2  ? 0.1477 0.0956 0.1650 0.0410  0.0298  0.0194  1  PRO B N   
186 C CA  . PRO B 2  ? 0.1472 0.1064 0.1553 0.0431  0.0274  0.0261  1  PRO B CA  
187 C C   . PRO B 2  ? 0.1025 0.0658 0.1063 0.0402  0.0221  0.0228  1  PRO B C   
188 O O   . PRO B 2  ? 0.1013 0.0586 0.1103 0.0368  0.0199  0.0173  1  PRO B O   
189 C CB  . PRO B 2  ? 0.1824 0.1393 0.1866 0.0440  0.0313  0.0335  1  PRO B CB  
190 C CG  . PRO B 2  ? 0.1537 0.0985 0.1640 0.0445  0.0391  0.0338  1  PRO B CG  
191 C CD  . PRO B 2  ? 0.1670 0.1082 0.1911 0.0392  0.0377  0.0236  1  PRO B CD  
192 N N   . HYP B 3  ? 0.1003 0.0736 0.0983 0.0418  0.0198  0.0251  2  HYP B N   
193 C CA  . HYP B 3  ? 0.1070 0.0845 0.0982 0.0375  0.0148  0.0221  2  HYP B CA  
194 C C   . HYP B 3  ? 0.0817 0.0630 0.0747 0.0340  0.0120  0.0242  2  HYP B C   
195 O O   . HYP B 3  ? 0.0897 0.0730 0.0822 0.0359  0.0143  0.0300  2  HYP B O   
196 C CB  . HYP B 3  ? 0.0993 0.0879 0.0911 0.0384  0.0162  0.0236  2  HYP B CB  
197 C CG  . HYP B 3  ? 0.0924 0.0795 0.0918 0.0439  0.0228  0.0241  2  HYP B CG  
198 C CD  . HYP B 3  ? 0.1175 0.1000 0.1199 0.0460  0.0216  0.0275  2  HYP B CD  
199 O OD1 . HYP B 3  ? 0.1371 0.1100 0.1265 0.0440  0.0290  0.0190  2  HYP B OD1 
200 N N   . GLY B 4  ? 0.0780 0.0572 0.0703 0.0291  0.0070  0.0182  3  GLY B N   
201 C CA  . GLY B 4  ? 0.0840 0.0663 0.0808 0.0254  0.0066  0.0186  3  GLY B CA  
202 C C   . GLY B 4  ? 0.0674 0.0611 0.0558 0.0253  0.0046  0.0234  3  GLY B C   
203 O O   . GLY B 4  ? 0.0656 0.0667 0.0510 0.0272  0.0027  0.0247  3  GLY B O   
204 N N   . PRO B 5  ? 0.0878 0.0820 0.0756 0.0230  0.0058  0.0245  4  PRO B N   
205 C CA  . PRO B 5  ? 0.0649 0.0682 0.0448 0.0226  0.0017  0.0257  4  PRO B CA  
206 C C   . PRO B 5  ? 0.0645 0.0745 0.0465 0.0174  -0.0043 0.0204  4  PRO B C   
207 O O   . PRO B 5  ? 0.0677 0.0726 0.0521 0.0155  -0.0065 0.0164  4  PRO B O   
208 C CB  . PRO B 5  ? 0.1179 0.1120 0.0904 0.0235  0.0085  0.0291  4  PRO B CB  
209 C CG  . PRO B 5  ? 0.1052 0.0922 0.0946 0.0186  0.0149  0.0242  4  PRO B CG  
210 C CD  . PRO B 5  ? 0.1124 0.0975 0.1108 0.0198  0.0128  0.0217  4  PRO B CD  
211 N N   . HYP B 6  ? 0.0522 0.0690 0.0343 0.0152  -0.0074 0.0182  5  HYP B N   
212 C CA  . HYP B 6  ? 0.0461 0.0654 0.0299 0.0105  -0.0101 0.0143  5  HYP B CA  
213 C C   . HYP B 6  ? 0.0599 0.0740 0.0425 0.0074  -0.0120 0.0115  5  HYP B C   
214 O O   . HYP B 6  ? 0.0466 0.0622 0.0290 0.0087  -0.0103 0.0136  5  HYP B O   
215 C CB  . HYP B 6  ? 0.0463 0.0739 0.0336 0.0106  -0.0132 0.0129  5  HYP B CB  
216 C CG  . HYP B 6  ? 0.0741 0.1059 0.0638 0.0166  -0.0149 0.0153  5  HYP B CG  
217 C CD  . HYP B 6  ? 0.0757 0.0967 0.0567 0.0185  -0.0104 0.0189  5  HYP B CD  
218 O OD1 . HYP B 6  ? 0.0698 0.1118 0.0705 0.0196  -0.0137 0.0165  5  HYP B OD1 
219 N N   . GLY B 7  ? 0.0448 0.0529 0.0250 0.0051  -0.0151 0.0084  6  GLY B N   
220 C CA  . GLY B 7  ? 0.0421 0.0511 0.0266 0.0035  -0.0179 0.0047  6  GLY B CA  
221 C C   . GLY B 7  ? 0.0455 0.0567 0.0324 0.0027  -0.0176 0.0021  6  GLY B C   
222 O O   . GLY B 7  ? 0.0575 0.0713 0.0426 0.0016  -0.0158 0.0043  6  GLY B O   
223 N N   . PHE B 8  ? 0.0369 0.0498 0.0312 -0.0006 -0.0199 -0.0010 7  PHE B N   
224 C CA  . PHE B 8  ? 0.0350 0.0525 0.0314 -0.0025 -0.0190 -0.0031 7  PHE B CA  
225 C C   . PHE B 8  ? 0.0351 0.0509 0.0294 -0.0009 -0.0171 -0.0049 7  PHE B C   
226 O O   . PHE B 8  ? 0.0463 0.0593 0.0374 -0.0030 -0.0183 -0.0036 7  PHE B O   
227 C CB  . PHE B 8  ? 0.0350 0.0490 0.0488 -0.0049 -0.0210 -0.0097 7  PHE B CB  
228 C CG  . PHE B 8  ? 0.0403 0.0562 0.0546 -0.0070 -0.0118 -0.0103 7  PHE B CG  
229 C CD1 . PHE B 8  ? 0.0489 0.0601 0.0547 -0.0053 0.0007  -0.0058 7  PHE B CD1 
230 C CD2 . PHE B 8  ? 0.0370 0.0549 0.0531 -0.0094 -0.0148 -0.0145 7  PHE B CD2 
231 C CE1 . PHE B 8  ? 0.0626 0.0676 0.0575 -0.0052 0.0108  -0.0058 7  PHE B CE1 
232 C CE2 . PHE B 8  ? 0.0452 0.0614 0.0566 -0.0104 -0.0055 -0.0156 7  PHE B CE2 
233 C CZ  . PHE B 8  ? 0.0601 0.0685 0.0582 -0.0080 0.0076  -0.0112 7  PHE B CZ  
234 N N   . PRO B 9  ? 0.0423 0.0565 0.0697 -0.0153 -0.0033 0.0313  8  PRO B N   
235 C CA  . PRO B 9  ? 0.0427 0.0582 0.0753 -0.0144 -0.0044 0.0339  8  PRO B CA  
236 C C   . PRO B 9  ? 0.0429 0.0587 0.0826 -0.0138 -0.0042 0.0350  8  PRO B C   
237 O O   . PRO B 9  ? 0.0443 0.0588 0.0879 -0.0147 -0.0026 0.0338  8  PRO B O   
238 C CB  . PRO B 9  ? 0.0480 0.0583 0.0771 -0.0180 -0.0040 0.0321  8  PRO B CB  
239 C CG  . PRO B 9  ? 0.0483 0.0578 0.0712 -0.0193 -0.0039 0.0302  8  PRO B CG  
240 C CD  . PRO B 9  ? 0.0590 0.0693 0.0809 -0.0180 -0.0017 0.0281  8  PRO B CD  
241 N N   . GLY B 10 ? 0.0420 0.0608 0.0872 -0.0119 -0.0058 0.0385  9  GLY B N   
242 C CA  . GLY B 10 ? 0.0728 0.0934 0.1274 -0.0106 -0.0068 0.0414  9  GLY B CA  
243 C C   . GLY B 10 ? 0.0855 0.1015 0.1441 -0.0121 -0.0034 0.0393  9  GLY B C   
244 O O   . GLY B 10 ? 0.0670 0.0762 0.1180 -0.0153 -0.0009 0.0359  9  GLY B O   
245 N N   . ASP B 11 ? 0.1282 0.1463 0.1988 -0.0102 -0.0034 0.0420  10 ASP B N   
246 C CA  . ASP B 11 ? 0.1785 0.1924 0.2564 -0.0103 0.0020  0.0410  10 ASP B CA  
247 C C   . ASP B 11 ? 0.1250 0.1359 0.1998 -0.0110 0.0017  0.0415  10 ASP B C   
248 O O   . ASP B 11 ? 0.0816 0.0983 0.1575 -0.0093 -0.0031 0.0445  10 ASP B O   
249 C CB  . ASP B 11 ? 0.0500 0.0691 0.1461 -0.0067 0.0004  0.0460  10 ASP B CB  
250 C CG  . ASP B 11 ? 0.3897 0.4114 0.4922 -0.0065 -0.0024 0.0481  10 ASP B CG  
251 O OD1 . ASP B 11 ? 0.1867 0.2065 0.2802 -0.0086 -0.0008 0.0444  10 ASP B OD1 
252 O OD2 . ASP B 11 ? 0.3067 0.3315 0.4238 -0.0047 -0.0075 0.0544  10 ASP B OD2 
253 N N   . ARG B 12 ? 0.0679 0.0680 0.1383 -0.0138 0.0074  0.0389  11 ARG B N   
254 C CA  . ARG B 12 ? 0.0712 0.0659 0.1385 -0.0153 0.0065  0.0399  11 ARG B CA  
255 C C   . ARG B 12 ? 0.1157 0.1203 0.1998 -0.0103 0.0051  0.0443  11 ARG B C   
256 O O   . ARG B 12 ? 0.0889 0.0992 0.1874 -0.0065 0.0068  0.0466  11 ARG B O   
257 C CB  . ARG B 12 ? 0.1265 0.1005 0.1800 -0.0198 0.0134  0.0369  11 ARG B CB  
258 C CG  . ARG B 12 ? 0.2020 0.1649 0.2478 -0.0226 0.0118  0.0379  11 ARG B CG  
259 C CD  . ARG B 12 ? 0.4139 0.3467 0.4326 -0.0297 0.0144  0.0352  11 ARG B CD  
260 N NE  . ARG B 12 ? 0.2132 0.1356 0.2131 -0.0348 0.0125  0.0319  11 ARG B NE  
261 C CZ  . ARG B 12 ? 0.4489 0.3651 0.4565 -0.0346 0.0091  0.0352  11 ARG B CZ  
262 N NH1 . ARG B 12 ? 0.3283 0.2209 0.3192 -0.0347 0.0175  0.0321  11 ARG B NH1 
263 N NH2 . ARG B 12 ? 0.2176 0.1291 0.2177 -0.0359 0.0112  0.0322  11 ARG B NH2 
264 N N   . GLY B 13 ? 0.0639 0.0701 0.1475 -0.0104 0.0011  0.0464  12 GLY B N   
265 C CA  . GLY B 13 ? 0.0571 0.0716 0.1547 -0.0064 -0.0004 0.0505  12 GLY B CA  
266 C C   . GLY B 13 ? 0.0645 0.0731 0.1700 -0.0053 0.0061  0.0504  12 GLY B C   
267 O O   . GLY B 13 ? 0.0782 0.0726 0.1746 -0.0081 0.0130  0.0471  12 GLY B O   
268 N N   . LEU B 14 ? 0.0519 0.0399 0.0706 -0.0126 -0.0244 -0.0012 13 LEU B N   
269 C CA  . LEU B 14 ? 0.0467 0.0400 0.0597 -0.0143 -0.0215 0.0027  13 LEU B CA  
270 C C   . LEU B 14 ? 0.0411 0.0392 0.0593 -0.0127 -0.0190 0.0019  13 LEU B C   
271 O O   . LEU B 14 ? 0.0506 0.0492 0.0785 -0.0103 -0.0170 -0.0030 13 LEU B O   
272 C CB  . LEU B 14 ? 0.0521 0.0414 0.0565 -0.0158 -0.0190 0.0020  13 LEU B CB  
273 C CG  . LEU B 14 ? 0.0611 0.0425 0.0580 -0.0183 -0.0248 0.0039  13 LEU B CG  
274 C CD1 . LEU B 14 ? 0.0798 0.0445 0.0575 -0.0216 -0.0242 0.0018  13 LEU B CD1 
275 C CD2 . LEU B 14 ? 0.0804 0.0679 0.0863 -0.0189 -0.0290 0.0082  13 LEU B CD2 
276 N N   . PRO B 15 ? 0.0382 0.0393 0.0532 -0.0144 -0.0178 0.0055  14 PRO B N   
277 C CA  . PRO B 15 ? 0.0382 0.0425 0.0555 -0.0131 -0.0153 0.0049  14 PRO B CA  
278 C C   . PRO B 15 ? 0.0467 0.0549 0.0664 -0.0116 -0.0100 0.0023  14 PRO B C   
279 O O   . PRO B 15 ? 0.0350 0.0400 0.0484 -0.0130 -0.0093 0.0025  14 PRO B O   
280 C CB  . PRO B 15 ? 0.0424 0.0470 0.0552 -0.0166 -0.0117 0.0076  14 PRO B CB  
281 C CG  . PRO B 15 ? 0.0562 0.0627 0.0730 -0.0188 -0.0110 0.0083  14 PRO B CG  
282 C CD  . PRO B 15 ? 0.0411 0.0427 0.0546 -0.0181 -0.0165 0.0083  14 PRO B CD  
283 N N   . GLY B 16 ? 0.0376 0.0482 0.0635 -0.0101 -0.0076 -0.0003 15 GLY B N   
284 C CA  . GLY B 16 ? 0.0499 0.0603 0.0739 -0.0109 -0.0004 -0.0033 15 GLY B CA  
285 C C   . GLY B 16 ? 0.0458 0.0559 0.0604 -0.0121 -0.0010 0.0010  15 GLY B C   
286 O O   . GLY B 16 ? 0.0524 0.0670 0.0702 -0.0117 -0.0041 0.0043  15 GLY B O   
287 N N   . PRO B 17 ? 0.0509 0.0526 0.0540 -0.0148 0.0023  -0.0002 16 PRO B N   
288 C CA  . PRO B 17 ? 0.0435 0.0414 0.0403 -0.0155 -0.0030 0.0036  16 PRO B CA  
289 C C   . PRO B 17 ? 0.0314 0.0400 0.0392 -0.0129 -0.0012 0.0043  16 PRO B C   
290 O O   . PRO B 17 ? 0.0457 0.0600 0.0598 -0.0116 0.0036  0.0020  16 PRO B O   
291 C CB  . PRO B 17 ? 0.0952 0.0729 0.0681 -0.0213 0.0000  0.0018  16 PRO B CB  
292 C CG  . PRO B 17 ? 0.2857 0.2572 0.2534 -0.0245 0.0107  -0.0043 16 PRO B CG  
293 C CD  . PRO B 17 ? 0.0678 0.0589 0.0627 -0.0187 0.0121  -0.0064 16 PRO B CD  
294 N N   . VAL B 18 ? 0.0457 0.0549 0.0585 -0.0122 -0.0064 0.0066  17 VAL B N   
295 C CA  . VAL B 18 ? 0.0641 0.0801 0.0849 -0.0105 -0.0037 0.0064  17 VAL B CA  
296 C C   . VAL B 18 ? 0.0527 0.0631 0.0623 -0.0119 0.0000  0.0055  17 VAL B C   
297 O O   . VAL B 18 ? 0.0561 0.0522 0.0488 -0.0156 -0.0007 0.0051  17 VAL B O   
298 C CB  . VAL B 18 ? 0.0442 0.0603 0.0790 -0.0097 -0.0105 0.0071  17 VAL B CB  
299 C CG1 . VAL B 18 ? 0.0795 0.1011 0.1227 -0.0079 -0.0051 0.0052  17 VAL B CG1 
300 C CG2 . VAL B 18 ? 0.0957 0.1145 0.1427 -0.0088 -0.0111 0.0056  17 VAL B CG2 
301 N N   . GLY B 19 ? 0.0249 0.0425 0.0405 -0.0104 0.0045  0.0043  18 GLY B N   
302 C CA  . GLY B 19 ? 0.0330 0.0471 0.0436 -0.0119 0.0090  0.0025  18 GLY B CA  
303 C C   . GLY B 19 ? 0.0385 0.0425 0.0384 -0.0138 0.0055  0.0045  18 GLY B C   
304 O O   . GLY B 19 ? 0.0535 0.0560 0.0579 -0.0122 -0.0029 0.0069  18 GLY B O   
305 N N   . PRO B 20 ? 0.0761 0.0710 0.0644 -0.0178 0.0112  0.0025  19 PRO B N   
306 C CA  . PRO B 20 ? 0.1010 0.0799 0.0726 -0.0211 0.0060  0.0049  19 PRO B CA  
307 C C   . PRO B 20 ? 0.0594 0.0490 0.0459 -0.0165 0.0026  0.0063  19 PRO B C   
308 O O   . PRO B 20 ? 0.0548 0.0599 0.0570 -0.0128 0.0073  0.0048  19 PRO B O   
309 C CB  . PRO B 20 ? 0.0848 0.0525 0.0425 -0.0267 0.0170  -0.0003 19 PRO B CB  
310 C CG  . PRO B 20 ? 0.0970 0.0838 0.0802 -0.0215 0.0236  -0.0050 19 PRO B CG  
311 C CD  . PRO B 20 ? 0.0700 0.0665 0.0633 -0.0183 0.0204  -0.0033 19 PRO B CD  
312 N N   . HYP B 21 ? 0.0757 0.0520 0.0542 -0.0175 -0.0068 0.0088  20 HYP B N   
313 C CA  . HYP B 21 ? 0.0567 0.0413 0.0505 -0.0133 -0.0088 0.0087  20 HYP B CA  
314 C C   . HYP B 21 ? 0.0495 0.0403 0.0415 -0.0144 0.0020  0.0067  20 HYP B C   
315 O O   . HYP B 21 ? 0.0589 0.0419 0.0374 -0.0198 0.0095  0.0051  20 HYP B O   
316 C CB  . HYP B 21 ? 0.1332 0.0964 0.1164 -0.0153 -0.0238 0.0116  20 HYP B CB  
317 C CG  . HYP B 21 ? 0.1146 0.0622 0.0882 -0.0176 -0.0360 0.0138  20 HYP B CG  
318 C CD  . HYP B 21 ? 0.1001 0.0491 0.0564 -0.0222 -0.0208 0.0121  20 HYP B CD  
319 O OD1 . HYP B 21 ? 0.0942 0.0554 0.0996 -0.0117 -0.0429 0.0126  20 HYP B OD1 
320 N N   . GLY B 22 ? 0.0355 0.0380 0.0425 -0.0103 0.0037  0.0057  21 GLY B N   
321 C CA  . GLY B 22 ? 0.0324 0.0378 0.0388 -0.0111 0.0094  0.0044  21 GLY B CA  
322 C C   . GLY B 22 ? 0.0454 0.0388 0.0403 -0.0142 0.0077  0.0053  21 GLY B C   
323 O O   . GLY B 22 ? 0.0603 0.0394 0.0447 -0.0159 -0.0005 0.0076  21 GLY B O   
324 N N   . PRO B 23 ? 0.0458 0.0419 0.0423 -0.0156 0.0131  0.0036  22 PRO B N   
325 C CA  . PRO B 23 ? 0.0565 0.0405 0.0414 -0.0196 0.0132  0.0041  22 PRO B CA  
326 C C   . PRO B 23 ? 0.0632 0.0472 0.0532 -0.0153 0.0060  0.0056  22 PRO B C   
327 O O   . PRO B 23 ? 0.0436 0.0372 0.0474 -0.0102 0.0051  0.0046  22 PRO B O   
328 C CB  . PRO B 23 ? 0.0513 0.0427 0.0463 -0.0200 0.0198  0.0000  22 PRO B CB  
329 C CG  . PRO B 23 ? 0.0525 0.0568 0.0629 -0.0152 0.0172  -0.0003 22 PRO B CG  
330 C CD  . PRO B 23 ? 0.0579 0.0650 0.0673 -0.0134 0.0157  0.0012  22 PRO B CD  
331 N N   . HYP B 24 ? 0.1080 0.0776 0.0852 -0.0187 0.0026  0.0070  23 HYP B N   
332 C CA  . HYP B 24 ? 0.0702 0.0382 0.0549 -0.0147 -0.0044 0.0074  23 HYP B CA  
333 C C   . HYP B 24 ? 0.0820 0.0641 0.0802 -0.0110 0.0021  0.0045  23 HYP B C   
334 O O   . HYP B 24 ? 0.0798 0.0674 0.0775 -0.0131 0.0080  0.0035  23 HYP B O   
335 C CB  . HYP B 24 ? 0.0943 0.0422 0.0581 -0.0209 -0.0076 0.0094  23 HYP B CB  
336 C CG  . HYP B 24 ? 0.1134 0.0441 0.0531 -0.0278 -0.0083 0.0106  23 HYP B CG  
337 C CD  . HYP B 24 ? 0.1283 0.0761 0.0794 -0.0276 0.0041  0.0079  23 HYP B CD  
338 O OD1 . HYP B 24 ? 0.1761 0.0948 0.1111 -0.0260 -0.0240 0.0130  23 HYP B OD1 
339 N N   . GLY B 25 ? 0.0696 0.0537 0.0805 -0.0066 0.0005  0.0024  24 GLY B N   
340 C CA  . GLY B 25 ? 0.0495 0.0371 0.0625 -0.0059 0.0071  -0.0006 24 GLY B CA  
341 C C   . GLY B 25 ? 0.0555 0.0368 0.0601 -0.0078 0.0057  0.0002  24 GLY B C   
342 O O   . GLY B 25 ? 0.0757 0.0504 0.0725 -0.0106 0.0018  0.0029  24 GLY B O   
343 N N   . PRO B 26 ? 0.0585 0.0373 0.0604 -0.0080 0.0096  -0.0023 25 PRO B N   
344 C CA  . PRO B 26 ? 0.0663 0.0386 0.0615 -0.0097 0.0073  -0.0016 25 PRO B CA  
345 C C   . PRO B 26 ? 0.0709 0.0371 0.0707 -0.0078 0.0032  -0.0020 25 PRO B C   
346 O O   . PRO B 26 ? 0.0711 0.0377 0.0847 -0.0042 0.0014  -0.0044 25 PRO B O   
347 C CB  . PRO B 26 ? 0.1095 0.0738 0.0956 -0.0111 0.0114  -0.0047 25 PRO B CB  
348 C CG  . PRO B 26 ? 0.0992 0.0646 0.0822 -0.0121 0.0153  -0.0057 25 PRO B CG  
349 C CD  . PRO B 26 ? 0.0629 0.0392 0.0621 -0.0086 0.0168  -0.0060 25 PRO B CD  
350 N N   . HYP B 27 ? 0.0774 0.0368 0.0694 -0.0102 -0.0001 -0.0003 26 HYP B N   
351 C CA  . HYP B 27 ? 0.0875 0.0367 0.0813 -0.0088 -0.0069 -0.0002 26 HYP B CA  
352 C C   . HYP B 27 ? 0.0896 0.0379 0.0969 -0.0045 -0.0033 -0.0065 26 HYP B C   
353 O O   . HYP B 27 ? 0.0906 0.0391 0.0922 -0.0058 0.0057  -0.0097 26 HYP B O   
354 C CB  . HYP B 27 ? 0.0958 0.0370 0.0757 -0.0139 -0.0084 0.0025  26 HYP B CB  
355 C CG  . HYP B 27 ? 0.0890 0.0379 0.0663 -0.0186 -0.0023 0.0033  26 HYP B CG  
356 C CD  . HYP B 27 ? 0.0786 0.0371 0.0635 -0.0146 0.0006  0.0011  26 HYP B CD  
357 O OD1 . HYP B 27 ? 0.1037 0.0495 0.0744 -0.0229 -0.0007 0.0051  26 HYP B OD1 
358 N N   . GLY B 28 ? 0.0955 0.0385 0.1196 -0.0006 -0.0106 -0.0089 27 GLY B N   
359 C CA  . GLY B 28 ? 0.1189 0.0602 0.1629 0.0029  -0.0046 -0.0175 27 GLY B CA  
360 C C   . GLY B 28 ? 0.1621 0.0926 0.1969 0.0020  -0.0085 -0.0170 27 GLY B C   
361 O O   . GLY B 28 ? 0.1642 0.0904 0.1752 -0.0023 -0.0117 -0.0106 27 GLY B O   
362 N N   . NH2 B 29 ? 0.1302 0.0452 0.1342 -0.0018 -0.0133 -0.0192 28 NH2 B N   
363 C C   . ACE C 1  ? 0.0572 0.0259 0.0705 0.0156  -0.0078 -0.0030 0  ACE C C   
364 O O   . ACE C 1  ? 0.0571 0.0261 0.0706 0.0156  -0.0078 -0.0032 0  ACE C O   
365 C CH3 . ACE C 1  ? 0.0571 0.0261 0.0706 0.0156  -0.0078 -0.0032 0  ACE C CH3 
366 N N   . PRO C 2  ? 0.0574 0.0260 0.0705 0.0156  -0.0079 -0.0028 1  PRO C N   
367 C CA  . PRO C 2  ? 0.0570 0.0242 0.0677 0.0143  -0.0075 -0.0035 1  PRO C CA  
368 C C   . PRO C 2  ? 0.0844 0.0595 0.1010 0.0122  -0.0103 -0.0035 1  PRO C C   
369 O O   . PRO C 2  ? 0.0682 0.0479 0.0890 0.0119  -0.0097 -0.0029 1  PRO C O   
370 C CB  . PRO C 2  ? 0.0593 0.0254 0.0697 0.0167  -0.0013 -0.0044 1  PRO C CB  
371 C CG  . PRO C 2  ? 0.0742 0.0373 0.0845 0.0198  0.0008  -0.0049 1  PRO C CG  
372 C CD  . PRO C 2  ? 0.0600 0.0291 0.0749 0.0191  -0.0043 -0.0028 1  PRO C CD  
373 N N   . HYP C 3  ? 0.0496 0.0226 0.0646 0.0107  -0.0130 -0.0043 2  HYP C N   
374 C CA  . HYP C 3  ? 0.0507 0.0300 0.0722 0.0089  -0.0136 -0.0046 2  HYP C CA  
375 C C   . HYP C 3  ? 0.0596 0.0422 0.0806 0.0094  -0.0091 -0.0038 2  HYP C C   
376 O O   . HYP C 3  ? 0.0470 0.0271 0.0648 0.0112  -0.0059 -0.0040 2  HYP C O   
377 C CB  . HYP C 3  ? 0.0489 0.0229 0.0667 0.0084  -0.0184 -0.0057 2  HYP C CB  
378 C CG  . HYP C 3  ? 0.0900 0.0545 0.0998 0.0093  -0.0242 -0.0063 2  HYP C CG  
379 C CD  . HYP C 3  ? 0.1020 0.0638 0.1068 0.0105  -0.0164 -0.0050 2  HYP C CD  
380 O OD1 . HYP C 3  ? 0.1262 0.0948 0.1474 0.0088  -0.0313 -0.0081 2  HYP C OD1 
381 N N   . GLY C 4  ? 0.0352 0.0216 0.0602 0.0079  -0.0085 -0.0035 3  GLY C N   
382 C CA  . GLY C 4  ? 0.0309 0.0196 0.0566 0.0083  -0.0073 -0.0033 3  GLY C CA  
383 C C   . GLY C 4  ? 0.0341 0.0216 0.0595 0.0077  -0.0061 -0.0047 3  GLY C C   
384 O O   . GLY C 4  ? 0.0550 0.0361 0.0732 0.0072  -0.0062 -0.0049 3  GLY C O   
385 N N   . PRO C 5  ? 0.0569 0.0483 0.0896 0.0075  -0.0056 -0.0064 4  PRO C N   
386 C CA  . PRO C 5  ? 0.0434 0.0323 0.0764 0.0053  -0.0017 -0.0096 4  PRO C CA  
387 C C   . PRO C 5  ? 0.0642 0.0479 0.0882 0.0031  -0.0025 -0.0079 4  PRO C C   
388 O O   . PRO C 5  ? 0.0417 0.0279 0.0673 0.0031  -0.0041 -0.0058 4  PRO C O   
389 C CB  . PRO C 5  ? 0.0621 0.0629 0.1065 0.0040  -0.0025 -0.0113 4  PRO C CB  
390 C CG  . PRO C 5  ? 0.1417 0.1467 0.1946 0.0085  -0.0079 -0.0105 4  PRO C CG  
391 C CD  . PRO C 5  ? 0.0600 0.0565 0.0999 0.0089  -0.0093 -0.0062 4  PRO C CD  
392 N N   . HYP C 6  ? 0.0495 0.0244 0.0628 0.0003  0.0001  -0.0093 5  HYP C N   
393 C CA  . HYP C 6  ? 0.0456 0.0154 0.0510 -0.0007 -0.0014 -0.0079 5  HYP C CA  
394 C C   . HYP C 6  ? 0.0649 0.0425 0.0783 -0.0030 0.0002  -0.0079 5  HYP C C   
395 O O   . HYP C 6  ? 0.0535 0.0373 0.0730 -0.0059 0.0021  -0.0095 5  HYP C O   
396 C CB  . HYP C 6  ? 0.0565 0.0176 0.0535 -0.0033 -0.0006 -0.0101 5  HYP C CB  
397 C CG  . HYP C 6  ? 0.0908 0.0451 0.0794 -0.0036 0.0022  -0.0111 5  HYP C CG  
398 C CD  . HYP C 6  ? 0.0844 0.0498 0.0870 -0.0027 0.0057  -0.0124 5  HYP C CD  
399 O OD1 . HYP C 6  ? 0.1039 0.0531 0.0890 -0.0010 -0.0023 -0.0092 5  HYP C OD1 
400 N N   . GLY C 7  ? 0.0389 0.0153 0.0518 -0.0024 -0.0004 -0.0071 6  GLY C N   
401 C CA  . GLY C 7  ? 0.0403 0.0183 0.0542 -0.0055 0.0029  -0.0074 6  GLY C CA  
402 C C   . GLY C 7  ? 0.0655 0.0415 0.0722 -0.0093 0.0048  -0.0081 6  GLY C C   
403 O O   . GLY C 7  ? 0.0530 0.0237 0.0533 -0.0093 0.0039  -0.0087 6  GLY C O   
404 N N   . PHE C 8  ? 0.0440 0.0222 0.0484 -0.0133 0.0077  -0.0080 7  PHE C N   
405 C CA  . PHE C 8  ? 0.0489 0.0271 0.0460 -0.0173 0.0101  -0.0089 7  PHE C CA  
406 C C   . PHE C 8  ? 0.1188 0.0908 0.1117 -0.0156 0.0113  -0.0090 7  PHE C C   
407 O O   . PHE C 8  ? 0.0770 0.0470 0.0757 -0.0126 0.0102  -0.0089 7  PHE C O   
408 C CB  . PHE C 8  ? 0.0757 0.0523 0.0671 -0.0212 0.0104  -0.0083 7  PHE C CB  
409 C CG  . PHE C 8  ? 0.0625 0.0394 0.0466 -0.0258 0.0113  -0.0093 7  PHE C CG  
410 C CD1 . PHE C 8  ? 0.0613 0.0455 0.0517 -0.0292 0.0079  -0.0113 7  PHE C CD1 
411 C CD2 . PHE C 8  ? 0.0880 0.0586 0.0623 -0.0267 0.0154  -0.0095 7  PHE C CD2 
412 C CE1 . PHE C 8  ? 0.0683 0.0532 0.0552 -0.0336 0.0082  -0.0129 7  PHE C CE1 
413 C CE2 . PHE C 8  ? 0.1214 0.0907 0.0872 -0.0314 0.0160  -0.0105 7  PHE C CE2 
414 C CZ  . PHE C 8  ? 0.0857 0.0622 0.0580 -0.0350 0.0123  -0.0117 7  PHE C CZ  
415 N N   . PRO C 9  ? 0.0638 0.0474 0.1684 0.0058  0.0088  0.0189  8  PRO C N   
416 C CA  . PRO C 9  ? 0.0768 0.0697 0.1758 0.0048  0.0164  0.0188  8  PRO C CA  
417 C C   . PRO C 9  ? 0.0742 0.0581 0.1510 0.0059  0.0122  0.0242  8  PRO C C   
418 O O   . PRO C 9  ? 0.0785 0.0452 0.1376 0.0068  0.0015  0.0275  8  PRO C O   
419 C CB  . PRO C 9  ? 0.1237 0.1224 0.2343 0.0026  0.0178  0.0135  8  PRO C CB  
420 C CG  . PRO C 9  ? 0.0974 0.0953 0.2298 0.0009  0.0193  0.0078  8  PRO C CG  
421 C CD  . PRO C 9  ? 0.0605 0.0521 0.1927 0.0052  0.0056  0.0133  8  PRO C CD  
422 N N   . GLY C 10 ? 0.0785 0.0693 0.1555 0.0046  0.0202  0.0238  9  GLY C N   
423 C CA  . GLY C 10 ? 0.0605 0.0429 0.1210 0.0036  0.0230  0.0262  9  GLY C CA  
424 C C   . GLY C 10 ? 0.1120 0.0953 0.1642 0.0072  0.0129  0.0281  9  GLY C C   
425 O O   . GLY C 10 ? 0.0653 0.0624 0.1293 0.0088  0.0082  0.0250  9  GLY C O   
426 N N   . ASP C 11 ? 0.0814 0.0439 0.1058 0.0047  0.0119  0.0310  10 ASP C N   
427 C CA  . ASP C 11 ? 0.0830 0.0436 0.0963 0.0071  0.0019  0.0314  10 ASP C CA  
428 C C   . ASP C 11 ? 0.0897 0.0717 0.1184 0.0095  0.0084  0.0296  10 ASP C C   
429 O O   . ASP C 11 ? 0.0885 0.0772 0.1316 0.0088  0.0201  0.0281  10 ASP C O   
430 C CB  . ASP C 11 ? 0.1404 0.0761 0.1277 0.0012  -0.0013 0.0376  10 ASP C CB  
431 C CG  . ASP C 11 ? 0.3219 0.2391 0.2846 -0.0072 0.0176  0.0332  10 ASP C CG  
432 O OD1 . ASP C 11 ? 0.3861 0.3098 0.3624 -0.0084 0.0313  0.0287  10 ASP C OD1 
433 O OD2 . ASP C 11 ? 0.5817 0.4806 0.5178 -0.0119 0.0233  0.0309  10 ASP C OD2 
434 N N   . ARG C 12 ? 0.0519 0.0413 0.0792 0.0112  0.0003  0.0269  11 ARG C N   
435 C CA  . ARG C 12 ? 0.0381 0.0404 0.0703 0.0117  0.0024  0.0241  11 ARG C CA  
436 C C   . ARG C 12 ? 0.0458 0.0420 0.0748 0.0129  0.0104  0.0275  11 ARG C C   
437 O O   . ARG C 12 ? 0.0870 0.0609 0.0925 0.0092  0.0149  0.0297  11 ARG C O   
438 C CB  . ARG C 12 ? 0.0363 0.0386 0.0618 0.0115  -0.0036 0.0201  11 ARG C CB  
439 C CG  . ARG C 12 ? 0.0902 0.0979 0.1137 0.0110  -0.0031 0.0170  11 ARG C CG  
440 C CD  . ARG C 12 ? 0.0535 0.0604 0.0752 0.0109  -0.0052 0.0158  11 ARG C CD  
441 N NE  . ARG C 12 ? 0.0288 0.0346 0.0425 0.0107  -0.0061 0.0141  11 ARG C NE  
442 C CZ  . ARG C 12 ? 0.0562 0.0603 0.0674 0.0107  -0.0064 0.0144  11 ARG C CZ  
443 N NH1 . ARG C 12 ? 0.0494 0.0556 0.0727 0.0113  -0.0062 0.0141  11 ARG C NH1 
444 N NH2 . ARG C 12 ? 0.0556 0.0520 0.0515 0.0095  -0.0090 0.0147  11 ARG C NH2 
445 N N   . GLY C 13 ? 0.0351 0.0437 0.0811 0.0136  0.0112  0.0232  12 GLY C N   
446 C CA  . GLY C 13 ? 0.0411 0.0473 0.0996 0.0141  0.0221  0.0201  12 GLY C CA  
447 C C   . GLY C 13 ? 0.0512 0.0457 0.0859 0.0149  0.0234  0.0238  12 GLY C C   
448 O O   . GLY C 13 ? 0.0608 0.0560 0.0770 0.0154  0.0105  0.0262  12 GLY C O   
449 N N   . LEU C 14 ? 0.0419 0.0712 0.0466 0.0194  -0.0197 -0.0092 13 LEU C N   
450 C CA  . LEU C 14 ? 0.0480 0.0767 0.0401 0.0166  -0.0203 -0.0081 13 LEU C CA  
451 C C   . LEU C 14 ? 0.0828 0.1165 0.0732 0.0183  -0.0135 -0.0062 13 LEU C C   
452 O O   . LEU C 14 ? 0.0470 0.0822 0.0389 0.0272  -0.0133 -0.0070 13 LEU C O   
453 C CB  . LEU C 14 ? 0.0658 0.0703 0.0471 0.0123  -0.0094 -0.0064 13 LEU C CB  
454 C CG  . LEU C 14 ? 0.1415 0.1225 0.1036 0.0094  -0.0103 -0.0055 13 LEU C CG  
455 C CD1 . LEU C 14 ? 0.1304 0.0827 0.0895 0.0083  0.0137  -0.0024 13 LEU C CD1 
456 C CD2 . LEU C 14 ? 0.2204 0.1777 0.1466 0.0037  -0.0223 -0.0055 13 LEU C CD2 
457 N N   . PRO C 15 ? 0.0545 0.0833 0.0399 0.0107  -0.0106 -0.0041 14 PRO C N   
458 C CA  . PRO C 15 ? 0.0573 0.0863 0.0421 0.0109  -0.0003 -0.0007 14 PRO C CA  
459 C C   . PRO C 15 ? 0.0605 0.0780 0.0386 0.0120  0.0053  -0.0004 14 PRO C C   
460 O O   . PRO C 15 ? 0.0655 0.0704 0.0413 0.0082  0.0084  -0.0018 14 PRO C O   
461 C CB  . PRO C 15 ? 0.1109 0.1336 0.1015 0.0012  -0.0031 -0.0002 14 PRO C CB  
462 C CG  . PRO C 15 ? 0.1052 0.1269 0.1033 -0.0012 -0.0197 -0.0041 14 PRO C CG  
463 C CD  . PRO C 15 ? 0.0718 0.0886 0.0526 0.0028  -0.0216 -0.0055 14 PRO C CD  
464 N N   . GLY C 16 ? 0.0652 0.0809 0.0403 0.0181  0.0089  0.0017  15 GLY C N   
465 C CA  . GLY C 16 ? 0.0690 0.0739 0.0494 0.0197  0.0100  0.0008  15 GLY C CA  
466 C C   . GLY C 16 ? 0.0793 0.0746 0.0581 0.0089  0.0209  0.0020  15 GLY C C   
467 O O   . GLY C 16 ? 0.0780 0.0710 0.0460 0.0013  0.0223  0.0033  15 GLY C O   
468 N N   . PRO C 17 ? 0.0764 0.0611 0.0694 0.0091  0.0268  0.0000  16 PRO C N   
469 C CA  . PRO C 17 ? 0.0889 0.0574 0.0739 0.0008  0.0407  0.0006  16 PRO C CA  
470 C C   . PRO C 17 ? 0.0914 0.0613 0.0687 -0.0010 0.0393  0.0041  16 PRO C C   
471 O O   . PRO C 17 ? 0.0896 0.0669 0.0661 0.0052  0.0326  0.0072  16 PRO C O   
472 C CB  . PRO C 17 ? 0.1043 0.0629 0.1222 0.0033  0.0514  -0.0029 16 PRO C CB  
473 C CG  . PRO C 17 ? 0.1734 0.1444 0.2196 0.0142  0.0315  -0.0054 16 PRO C CG  
474 C CD  . PRO C 17 ? 0.1166 0.1003 0.1414 0.0180  0.0191  -0.0042 16 PRO C CD  
475 N N   . VAL C 18 ? 0.1053 0.0594 0.0710 -0.0085 0.0473  0.0036  17 VAL C N   
476 C CA  . VAL C 18 ? 0.1086 0.0629 0.0732 -0.0117 0.0463  0.0068  17 VAL C CA  
477 C C   . VAL C 18 ? 0.1063 0.0612 0.0851 -0.0061 0.0476  0.0089  17 VAL C C   
478 O O   . VAL C 18 ? 0.1080 0.0578 0.1059 -0.0020 0.0487  0.0049  17 VAL C O   
479 C CB  . VAL C 18 ? 0.1308 0.0616 0.0778 -0.0184 0.0491  0.0029  17 VAL C CB  
480 C CG1 . VAL C 18 ? 0.2019 0.1177 0.1529 -0.0152 0.0611  -0.0024 17 VAL C CG1 
481 C CG2 . VAL C 18 ? 0.1544 0.0851 0.1065 -0.0238 0.0453  0.0061  17 VAL C CG2 
482 N N   . GLY C 19 ? 0.0295 0.0386 0.0509 0.0028  -0.0042 0.0116  18 GLY C N   
483 C CA  . GLY C 19 ? 0.0587 0.0591 0.0733 0.0050  -0.0073 0.0101  18 GLY C CA  
484 C C   . GLY C 19 ? 0.0702 0.0713 0.0882 0.0045  -0.0067 0.0099  18 GLY C C   
485 O O   . GLY C 19 ? 0.0568 0.0613 0.0758 0.0026  -0.0020 0.0111  18 GLY C O   
486 N N   . PRO C 20 ? 0.0672 0.0601 0.0840 0.0069  -0.0125 0.0083  19 PRO C N   
487 C CA  . PRO C 20 ? 0.0621 0.0551 0.0855 0.0066  -0.0113 0.0080  19 PRO C CA  
488 C C   . PRO C 20 ? 0.0878 0.0809 0.0976 0.0043  -0.0053 0.0090  19 PRO C C   
489 O O   . PRO C 20 ? 0.0496 0.0398 0.0480 0.0034  -0.0037 0.0093  19 PRO C O   
490 C CB  . PRO C 20 ? 0.0661 0.0464 0.0888 0.0100  -0.0233 0.0055  19 PRO C CB  
491 C CG  . PRO C 20 ? 0.0772 0.0516 0.0968 0.0112  -0.0305 0.0039  19 PRO C CG  
492 C CD  . PRO C 20 ? 0.0881 0.0656 0.0946 0.0104  -0.0225 0.0064  19 PRO C CD  
493 N N   . HYP C 21 ? 0.0435 0.0372 0.0566 0.0033  -0.0008 0.0095  20 HYP C N   
494 C CA  . HYP C 21 ? 0.0605 0.0519 0.0609 0.0012  0.0021  0.0102  20 HYP C CA  
495 C C   . HYP C 21 ? 0.0962 0.0820 0.0877 0.0021  -0.0008 0.0090  20 HYP C C   
496 O O   . HYP C 21 ? 0.0783 0.0573 0.0697 0.0049  -0.0068 0.0074  20 HYP C O   
497 C CB  . HYP C 21 ? 0.0687 0.0553 0.0704 0.0010  0.0083  0.0107  20 HYP C CB  
498 C CG  . HYP C 21 ? 0.0574 0.0433 0.0707 0.0020  0.0137  0.0114  20 HYP C CG  
499 C CD  . HYP C 21 ? 0.0437 0.0367 0.0720 0.0039  0.0050  0.0098  20 HYP C CD  
500 O OD1 . HYP C 21 ? 0.0597 0.0412 0.0603 0.0007  0.0157  0.0128  20 HYP C OD1 
501 N N   . GLY C 22 ? 0.0624 0.0472 0.0468 0.0002  0.0023  0.0096  21 GLY C N   
502 C CA  . GLY C 22 ? 0.0696 0.0450 0.0431 0.0011  0.0037  0.0088  21 GLY C CA  
503 C C   . GLY C 22 ? 0.0799 0.0514 0.0502 0.0021  0.0009  0.0079  21 GLY C C   
504 O O   . GLY C 22 ? 0.0677 0.0446 0.0476 0.0017  0.0007  0.0081  21 GLY C O   
505 N N   . PRO C 23 ? 0.0886 0.0471 0.0445 0.0035  0.0007  0.0070  22 PRO C N   
506 C CA  . PRO C 23 ? 0.0826 0.0365 0.0362 0.0045  -0.0031 0.0060  22 PRO C CA  
507 C C   . PRO C 23 ? 0.0752 0.0373 0.0322 0.0014  0.0029  0.0071  22 PRO C C   
508 O O   . PRO C 23 ? 0.0785 0.0456 0.0377 -0.0011 0.0073  0.0082  22 PRO C O   
509 C CB  . PRO C 23 ? 0.1103 0.0410 0.0388 0.0073  -0.0044 0.0048  22 PRO C CB  
510 C CG  . PRO C 23 ? 0.2036 0.1244 0.1214 0.0085  -0.0008 0.0049  22 PRO C CG  
511 C CD  . PRO C 23 ? 0.1338 0.0762 0.0722 0.0049  0.0064  0.0070  22 PRO C CD  
512 N N   . HYP C 24 ? 0.0758 0.0368 0.0350 0.0018  0.0013  0.0065  23 HYP C N   
513 C CA  . HYP C 24 ? 0.0745 0.0374 0.0306 -0.0005 0.0060  0.0073  23 HYP C CA  
514 C C   . HYP C 24 ? 0.0918 0.0507 0.0391 -0.0018 0.0094  0.0076  23 HYP C C   
515 O O   . HYP C 24 ? 0.0918 0.0411 0.0306 0.0001  0.0105  0.0065  23 HYP C O   
516 C CB  . HYP C 24 ? 0.1008 0.0597 0.0600 0.0010  0.0042  0.0063  23 HYP C CB  
517 C CG  . HYP C 24 ? 0.0779 0.0379 0.0552 0.0034  -0.0003 0.0054  23 HYP C CG  
518 C CD  . HYP C 24 ? 0.0794 0.0358 0.0480 0.0046  -0.0058 0.0049  23 HYP C CD  
519 O OD1 . HYP C 24 ? 0.0885 0.0533 0.0783 0.0025  0.0074  0.0066  23 HYP C OD1 
520 N N   . GLY C 25 ? 0.0783 0.0407 0.0292 -0.0046 0.0107  0.0085  24 GLY C N   
521 C CA  . GLY C 25 ? 0.0892 0.0491 0.0442 -0.0061 0.0148  0.0088  24 GLY C CA  
522 C C   . GLY C 25 ? 0.1045 0.0580 0.0515 -0.0050 0.0177  0.0075  24 GLY C C   
523 O O   . GLY C 25 ? 0.1101 0.0627 0.0519 -0.0028 0.0137  0.0058  24 GLY C O   
524 N N   . PRO C 26 ? 0.2183 0.0645 0.0743 0.0056  0.0483  0.0040  25 PRO C N   
525 C CA  . PRO C 26 ? 0.2216 0.0653 0.0751 0.0054  0.0485  0.0039  25 PRO C CA  
526 C C   . PRO C 26 ? 0.2269 0.0665 0.0764 0.0060  0.0491  0.0041  25 PRO C C   
527 O O   . PRO C 26 ? 0.2285 0.0667 0.0767 0.0060  0.0490  0.0040  25 PRO C O   
528 C CB  . PRO C 26 ? 0.2489 0.0909 0.1010 0.0040  0.0488  0.0034  25 PRO C CB  
529 C CG  . PRO C 26 ? 0.2660 0.1109 0.1211 0.0041  0.0487  0.0034  25 PRO C CG  
530 C CD  . PRO C 26 ? 0.2188 0.0657 0.0759 0.0052  0.0485  0.0039  25 PRO C CD  
531 N N   . HYP C 27 ? 0.2325 0.0691 0.0792 0.0070  0.0500  0.0043  26 HYP C N   
532 C CA  . HYP C 27 ? 0.2807 0.1112 0.1217 0.0082  0.0515  0.0046  26 HYP C CA  
533 C C   . HYP C 27 ? 0.3339 0.1581 0.1691 0.0061  0.0523  0.0038  26 HYP C C   
534 O O   . HYP C 27 ? 0.3479 0.1663 0.1778 0.0065  0.0535  0.0039  26 HYP C O   
535 C CB  . HYP C 27 ? 0.2673 0.0950 0.1058 0.0102  0.0529  0.0052  26 HYP C CB  
536 C CG  . HYP C 27 ? 0.2929 0.1270 0.1372 0.0104  0.0514  0.0053  26 HYP C CG  
537 C CD  . HYP C 27 ? 0.3142 0.1519 0.1618 0.0078  0.0501  0.0046  26 HYP C CD  
538 O OD1 . HYP C 27 ? 0.3039 0.1409 0.1509 0.0118  0.0510  0.0058  26 HYP C OD1 
539 N N   . GLY C 28 ? 0.3693 0.1936 0.2046 0.0036  0.0518  0.0030  27 GLY C N   
540 C CA  . GLY C 28 ? 0.4203 0.2388 0.2500 0.0007  0.0522  0.0020  27 GLY C CA  
541 C C   . GLY C 28 ? 0.5942 0.4021 0.4143 -0.0010 0.0547  0.0013  27 GLY C C   
542 O O   . GLY C 28 ? 0.4008 0.2015 0.2140 -0.0043 0.0554  0.0003  27 GLY C O   
543 N N   . NH2 C 29 ? 0.2689 0.1003 0.1015 -0.0043 0.0469  -0.0030 28 NH2 C N   
# 
loop_
_pdbx_poly_seq_scheme.asym_id 
_pdbx_poly_seq_scheme.entity_id 
_pdbx_poly_seq_scheme.seq_id 
_pdbx_poly_seq_scheme.mon_id 
_pdbx_poly_seq_scheme.ndb_seq_num 
_pdbx_poly_seq_scheme.pdb_seq_num 
_pdbx_poly_seq_scheme.auth_seq_num 
_pdbx_poly_seq_scheme.pdb_mon_id 
_pdbx_poly_seq_scheme.auth_mon_id 
_pdbx_poly_seq_scheme.pdb_strand_id 
_pdbx_poly_seq_scheme.pdb_ins_code 
_pdbx_poly_seq_scheme.hetero 
A 1 1  ACE 1  0  0  ACE ACE A . n 
A 1 2  PRO 2  1  1  PRO PRO A . n 
A 1 3  HYP 3  2  2  HYP HYP A . n 
A 1 4  GLY 4  3  3  GLY GLY A . n 
A 1 5  PRO 5  4  4  PRO PRO A . n 
A 1 6  HYP 6  5  5  HYP HYP A . n 
A 1 7  GLY 7  6  6  GLY GLY A . n 
A 1 8  PHE 8  7  7  PHE PHE A . n 
A 1 9  PRO 9  8  8  PRO PRO A . n 
A 1 10 GLY 10 9  9  GLY GLY A . n 
A 1 11 ASP 11 10 10 ASP ASP A . n 
A 1 12 ARG 12 11 11 ARG ARG A . n 
A 1 13 GLY 13 12 12 GLY GLY A . n 
A 1 14 LEU 14 13 13 LEU LEU A . n 
A 1 15 PRO 15 14 14 PRO PRO A . n 
A 1 16 GLY 16 15 15 GLY GLY A . n 
A 1 17 PRO 17 16 16 PRO PRO A . n 
A 1 18 VAL 18 17 17 VAL VAL A . n 
A 1 19 GLY 19 18 18 GLY GLY A . n 
A 1 20 PRO 20 19 19 PRO PRO A . n 
A 1 21 HYP 21 20 20 HYP HYP A . n 
A 1 22 GLY 22 21 21 GLY GLY A . n 
A 1 23 PRO 23 22 22 PRO PRO A . n 
A 1 24 HYP 24 23 23 HYP HYP A . n 
A 1 25 GLY 25 24 24 GLY GLY A . n 
A 1 26 PRO 26 25 25 PRO PRO A . n 
A 1 27 HYP 27 26 26 HYP HYP A . n 
A 1 28 GLY 28 27 27 GLY GLY A . n 
A 1 29 NH2 29 28 28 NH2 NH2 A . n 
B 1 1  ACE 1  0  0  ACE ACE B . n 
B 1 2  PRO 2  1  1  PRO PRO B . n 
B 1 3  HYP 3  2  2  HYP HYP B . n 
B 1 4  GLY 4  3  3  GLY GLY B . n 
B 1 5  PRO 5  4  4  PRO PRO B . n 
B 1 6  HYP 6  5  5  HYP HYP B . n 
B 1 7  GLY 7  6  6  GLY GLY B . n 
B 1 8  PHE 8  7  7  PHE PHE B . n 
B 1 9  PRO 9  8  8  PRO PRO B . n 
B 1 10 GLY 10 9  9  GLY GLY B . n 
B 1 11 ASP 11 10 10 ASP ASP B . n 
B 1 12 ARG 12 11 11 ARG ARG B . n 
B 1 13 GLY 13 12 12 GLY GLY B . n 
B 1 14 LEU 14 13 13 LEU LEU B . n 
B 1 15 PRO 15 14 14 PRO PRO B . n 
B 1 16 GLY 16 15 15 GLY GLY B . n 
B 1 17 PRO 17 16 16 PRO PRO B . n 
B 1 18 VAL 18 17 17 VAL VAL B . n 
B 1 19 GLY 19 18 18 GLY GLY B . n 
B 1 20 PRO 20 19 19 PRO PRO B . n 
B 1 21 HYP 21 20 20 HYP HYP B . n 
B 1 22 GLY 22 21 21 GLY GLY B . n 
B 1 23 PRO 23 22 22 PRO PRO B . n 
B 1 24 HYP 24 23 23 HYP HYP B . n 
B 1 25 GLY 25 24 24 GLY GLY B . n 
B 1 26 PRO 26 25 25 PRO PRO B . n 
B 1 27 HYP 27 26 26 HYP HYP B . n 
B 1 28 GLY 28 27 27 GLY GLY B . n 
B 1 29 NH2 29 28 28 NH2 NH2 B . n 
C 1 1  ACE 1  0  0  ACE ACE C . n 
C 1 2  PRO 2  1  1  PRO PRO C . n 
C 1 3  HYP 3  2  2  HYP HYP C . n 
C 1 4  GLY 4  3  3  GLY GLY C . n 
C 1 5  PRO 5  4  4  PRO PRO C . n 
C 1 6  HYP 6  5  5  HYP HYP C . n 
C 1 7  GLY 7  6  6  GLY GLY C . n 
C 1 8  PHE 8  7  7  PHE PHE C . n 
C 1 9  PRO 9  8  8  PRO PRO C . n 
C 1 10 GLY 10 9  9  GLY GLY C . n 
C 1 11 ASP 11 10 10 ASP ASP C . n 
C 1 12 ARG 12 11 11 ARG ARG C . n 
C 1 13 GLY 13 12 12 GLY GLY C . n 
C 1 14 LEU 14 13 13 LEU LEU C . n 
C 1 15 PRO 15 14 14 PRO PRO C . n 
C 1 16 GLY 16 15 15 GLY GLY C . n 
C 1 17 PRO 17 16 16 PRO PRO C . n 
C 1 18 VAL 18 17 17 VAL VAL C . n 
C 1 19 GLY 19 18 18 GLY GLY C . n 
C 1 20 PRO 20 19 19 PRO PRO C . n 
C 1 21 HYP 21 20 20 HYP HYP C . n 
C 1 22 GLY 22 21 21 GLY GLY C . n 
C 1 23 PRO 23 22 22 PRO PRO C . n 
C 1 24 HYP 24 23 23 HYP HYP C . n 
C 1 25 GLY 25 24 24 GLY GLY C . n 
C 1 26 PRO 26 25 25 PRO PRO C . n 
C 1 27 HYP 27 26 26 HYP HYP C . n 
C 1 28 GLY 28 27 27 GLY GLY C . n 
C 1 29 NH2 29 28 28 NH2 NH2 C . n 
# 
_pdbx_contact_author.id                 3 
_pdbx_contact_author.email              feisun@ibp.ac.cn 
_pdbx_contact_author.name_first         Fei 
_pdbx_contact_author.name_last          Sun 
_pdbx_contact_author.name_mi            ? 
_pdbx_contact_author.role               'principal investigator/group leader' 
_pdbx_contact_author.identifier_ORCID   0000-0002-0351-5144 
# 
loop_
_pdbx_nonpoly_scheme.asym_id 
_pdbx_nonpoly_scheme.entity_id 
_pdbx_nonpoly_scheme.mon_id 
_pdbx_nonpoly_scheme.ndb_seq_num 
_pdbx_nonpoly_scheme.pdb_seq_num 
_pdbx_nonpoly_scheme.auth_seq_num 
_pdbx_nonpoly_scheme.pdb_mon_id 
_pdbx_nonpoly_scheme.auth_mon_id 
_pdbx_nonpoly_scheme.pdb_strand_id 
_pdbx_nonpoly_scheme.pdb_ins_code 
D 2 HOH 1  101 184 HOH HOH A . 
D 2 HOH 2  102 75  HOH HOH A . 
D 2 HOH 3  103 95  HOH HOH A . 
D 2 HOH 4  104 58  HOH HOH A . 
D 2 HOH 5  105 102 HOH HOH A . 
D 2 HOH 6  106 2   HOH HOH A . 
D 2 HOH 7  107 65  HOH HOH A . 
D 2 HOH 8  108 130 HOH HOH A . 
D 2 HOH 9  109 106 HOH HOH A . 
D 2 HOH 10 110 108 HOH HOH A . 
D 2 HOH 11 111 43  HOH HOH A . 
D 2 HOH 12 112 164 HOH HOH A . 
D 2 HOH 13 113 29  HOH HOH A . 
D 2 HOH 14 114 115 HOH HOH A . 
D 2 HOH 15 115 120 HOH HOH A . 
D 2 HOH 16 116 24  HOH HOH A . 
D 2 HOH 17 117 103 HOH HOH A . 
D 2 HOH 18 118 94  HOH HOH A . 
D 2 HOH 19 119 14  HOH HOH A . 
D 2 HOH 20 120 71  HOH HOH A . 
D 2 HOH 21 121 1   HOH HOH A . 
D 2 HOH 22 122 60  HOH HOH A . 
D 2 HOH 23 123 185 HOH HOH A . 
D 2 HOH 24 124 66  HOH HOH A . 
D 2 HOH 25 125 98  HOH HOH A . 
D 2 HOH 26 126 19  HOH HOH A . 
D 2 HOH 27 127 56  HOH HOH A . 
D 2 HOH 28 128 11  HOH HOH A . 
D 2 HOH 29 129 142 HOH HOH A . 
D 2 HOH 30 130 45  HOH HOH A . 
D 2 HOH 31 131 126 HOH HOH A . 
D 2 HOH 32 132 137 HOH HOH A . 
D 2 HOH 33 133 119 HOH HOH A . 
D 2 HOH 34 134 132 HOH HOH A . 
D 2 HOH 35 135 159 HOH HOH A . 
D 2 HOH 36 136 123 HOH HOH A . 
D 2 HOH 37 137 165 HOH HOH A . 
D 2 HOH 38 138 78  HOH HOH A . 
D 2 HOH 39 139 173 HOH HOH A . 
D 2 HOH 40 140 57  HOH HOH A . 
D 2 HOH 41 141 105 HOH HOH A . 
D 2 HOH 42 142 169 HOH HOH A . 
D 2 HOH 43 143 178 HOH HOH A . 
D 2 HOH 44 144 190 HOH HOH A . 
D 2 HOH 45 145 90  HOH HOH A . 
D 2 HOH 46 146 40  HOH HOH A . 
D 2 HOH 47 147 188 HOH HOH A . 
D 2 HOH 48 148 163 HOH HOH A . 
D 2 HOH 49 149 182 HOH HOH A . 
D 2 HOH 50 150 128 HOH HOH A . 
D 2 HOH 51 151 16  HOH HOH A . 
D 2 HOH 52 152 55  HOH HOH A . 
D 2 HOH 53 153 186 HOH HOH A . 
D 2 HOH 54 154 41  HOH HOH A . 
D 2 HOH 55 155 170 HOH HOH A . 
D 2 HOH 56 156 166 HOH HOH A . 
D 2 HOH 57 157 154 HOH HOH A . 
D 2 HOH 58 158 125 HOH HOH A . 
D 2 HOH 59 159 141 HOH HOH A . 
D 2 HOH 60 160 176 HOH HOH A . 
D 2 HOH 61 161 110 HOH HOH A . 
D 2 HOH 62 162 118 HOH HOH A . 
D 2 HOH 63 163 146 HOH HOH A . 
D 2 HOH 64 164 192 HOH HOH A . 
D 2 HOH 65 165 131 HOH HOH A . 
D 2 HOH 66 166 140 HOH HOH A . 
D 2 HOH 67 167 167 HOH HOH A . 
D 2 HOH 68 168 181 HOH HOH A . 
D 2 HOH 69 169 174 HOH HOH A . 
E 2 HOH 1  101 187 HOH HOH B . 
E 2 HOH 2  102 151 HOH HOH B . 
E 2 HOH 3  103 100 HOH HOH B . 
E 2 HOH 4  104 124 HOH HOH B . 
E 2 HOH 5  105 111 HOH HOH B . 
E 2 HOH 6  106 116 HOH HOH B . 
E 2 HOH 7  107 44  HOH HOH B . 
E 2 HOH 8  108 10  HOH HOH B . 
E 2 HOH 9  109 38  HOH HOH B . 
E 2 HOH 10 110 87  HOH HOH B . 
E 2 HOH 11 111 104 HOH HOH B . 
E 2 HOH 12 112 99  HOH HOH B . 
E 2 HOH 13 113 64  HOH HOH B . 
E 2 HOH 14 114 68  HOH HOH B . 
E 2 HOH 15 115 4   HOH HOH B . 
E 2 HOH 16 116 122 HOH HOH B . 
E 2 HOH 17 117 112 HOH HOH B . 
E 2 HOH 18 118 109 HOH HOH B . 
E 2 HOH 19 119 46  HOH HOH B . 
E 2 HOH 20 120 51  HOH HOH B . 
E 2 HOH 21 121 33  HOH HOH B . 
E 2 HOH 22 122 133 HOH HOH B . 
E 2 HOH 23 123 20  HOH HOH B . 
E 2 HOH 24 124 179 HOH HOH B . 
E 2 HOH 25 125 30  HOH HOH B . 
E 2 HOH 26 126 89  HOH HOH B . 
E 2 HOH 27 127 54  HOH HOH B . 
E 2 HOH 28 128 93  HOH HOH B . 
E 2 HOH 29 129 80  HOH HOH B . 
E 2 HOH 30 130 32  HOH HOH B . 
E 2 HOH 31 131 121 HOH HOH B . 
E 2 HOH 32 132 183 HOH HOH B . 
E 2 HOH 33 133 96  HOH HOH B . 
E 2 HOH 34 134 91  HOH HOH B . 
E 2 HOH 35 135 138 HOH HOH B . 
E 2 HOH 36 136 92  HOH HOH B . 
E 2 HOH 37 137 13  HOH HOH B . 
E 2 HOH 38 138 97  HOH HOH B . 
E 2 HOH 39 139 135 HOH HOH B . 
E 2 HOH 40 140 6   HOH HOH B . 
E 2 HOH 41 141 17  HOH HOH B . 
E 2 HOH 42 142 35  HOH HOH B . 
E 2 HOH 43 143 69  HOH HOH B . 
E 2 HOH 44 144 139 HOH HOH B . 
E 2 HOH 45 145 62  HOH HOH B . 
E 2 HOH 46 146 31  HOH HOH B . 
E 2 HOH 47 147 59  HOH HOH B . 
E 2 HOH 48 148 76  HOH HOH B . 
E 2 HOH 49 149 88  HOH HOH B . 
E 2 HOH 50 150 7   HOH HOH B . 
E 2 HOH 51 151 191 HOH HOH B . 
E 2 HOH 52 152 143 HOH HOH B . 
F 2 HOH 1  101 189 HOH HOH C . 
F 2 HOH 2  102 175 HOH HOH C . 
F 2 HOH 3  103 157 HOH HOH C . 
F 2 HOH 4  104 149 HOH HOH C . 
F 2 HOH 5  105 148 HOH HOH C . 
F 2 HOH 6  106 70  HOH HOH C . 
F 2 HOH 7  107 63  HOH HOH C . 
F 2 HOH 8  108 74  HOH HOH C . 
F 2 HOH 9  109 3   HOH HOH C . 
F 2 HOH 10 110 39  HOH HOH C . 
F 2 HOH 11 111 145 HOH HOH C . 
F 2 HOH 12 112 86  HOH HOH C . 
F 2 HOH 13 113 12  HOH HOH C . 
F 2 HOH 14 114 52  HOH HOH C . 
F 2 HOH 15 115 28  HOH HOH C . 
F 2 HOH 16 116 82  HOH HOH C . 
F 2 HOH 17 117 85  HOH HOH C . 
F 2 HOH 18 118 22  HOH HOH C . 
F 2 HOH 19 119 47  HOH HOH C . 
F 2 HOH 20 120 168 HOH HOH C . 
F 2 HOH 21 121 73  HOH HOH C . 
F 2 HOH 22 122 101 HOH HOH C . 
F 2 HOH 23 123 21  HOH HOH C . 
F 2 HOH 24 124 162 HOH HOH C . 
F 2 HOH 25 125 26  HOH HOH C . 
F 2 HOH 26 126 25  HOH HOH C . 
F 2 HOH 27 127 144 HOH HOH C . 
F 2 HOH 28 128 77  HOH HOH C . 
F 2 HOH 29 129 79  HOH HOH C . 
F 2 HOH 30 130 5   HOH HOH C . 
F 2 HOH 31 131 42  HOH HOH C . 
F 2 HOH 32 132 127 HOH HOH C . 
F 2 HOH 33 133 48  HOH HOH C . 
F 2 HOH 34 134 107 HOH HOH C . 
F 2 HOH 35 135 18  HOH HOH C . 
F 2 HOH 36 136 171 HOH HOH C . 
F 2 HOH 37 137 9   HOH HOH C . 
F 2 HOH 38 138 67  HOH HOH C . 
F 2 HOH 39 139 150 HOH HOH C . 
F 2 HOH 40 140 177 HOH HOH C . 
F 2 HOH 41 141 156 HOH HOH C . 
F 2 HOH 42 142 158 HOH HOH C . 
F 2 HOH 43 143 49  HOH HOH C . 
F 2 HOH 44 144 160 HOH HOH C . 
F 2 HOH 45 145 180 HOH HOH C . 
F 2 HOH 46 146 8   HOH HOH C . 
F 2 HOH 47 147 114 HOH HOH C . 
F 2 HOH 48 148 134 HOH HOH C . 
F 2 HOH 49 149 72  HOH HOH C . 
F 2 HOH 50 150 117 HOH HOH C . 
F 2 HOH 51 151 50  HOH HOH C . 
F 2 HOH 52 152 23  HOH HOH C . 
F 2 HOH 53 153 153 HOH HOH C . 
F 2 HOH 54 154 129 HOH HOH C . 
F 2 HOH 55 155 136 HOH HOH C . 
F 2 HOH 56 156 27  HOH HOH C . 
F 2 HOH 57 157 161 HOH HOH C . 
F 2 HOH 58 158 37  HOH HOH C . 
F 2 HOH 59 159 172 HOH HOH C . 
F 2 HOH 60 160 61  HOH HOH C . 
F 2 HOH 61 161 113 HOH HOH C . 
F 2 HOH 62 162 36  HOH HOH C . 
F 2 HOH 63 163 84  HOH HOH C . 
F 2 HOH 64 164 53  HOH HOH C . 
F 2 HOH 65 165 83  HOH HOH C . 
F 2 HOH 66 166 81  HOH HOH C . 
F 2 HOH 67 167 152 HOH HOH C . 
F 2 HOH 68 168 15  HOH HOH C . 
F 2 HOH 69 169 155 HOH HOH C . 
F 2 HOH 70 170 147 HOH HOH C . 
F 2 HOH 71 171 34  HOH HOH C . 
# 
_pdbx_struct_assembly.id                   1 
_pdbx_struct_assembly.details              author_and_software_defined_assembly 
_pdbx_struct_assembly.method_details       PISA 
_pdbx_struct_assembly.oligomeric_details   trimeric 
_pdbx_struct_assembly.oligomeric_count     3 
# 
_pdbx_struct_assembly_gen.assembly_id       1 
_pdbx_struct_assembly_gen.oper_expression   1 
_pdbx_struct_assembly_gen.asym_id_list      A,B,C,D,E,F 
# 
loop_
_pdbx_struct_assembly_prop.biol_id 
_pdbx_struct_assembly_prop.type 
_pdbx_struct_assembly_prop.value 
_pdbx_struct_assembly_prop.details 
1 'ABSA (A^2)' 5620 ? 
1 MORE         -25  ? 
1 'SSA (A^2)'  5020 ? 
# 
_pdbx_struct_oper_list.id                   1 
_pdbx_struct_oper_list.type                 'identity operation' 
_pdbx_struct_oper_list.name                 1_555 
_pdbx_struct_oper_list.symmetry_operation   x,y,z 
_pdbx_struct_oper_list.matrix[1][1]         1.0000000000 
_pdbx_struct_oper_list.matrix[1][2]         0.0000000000 
_pdbx_struct_oper_list.matrix[1][3]         0.0000000000 
_pdbx_struct_oper_list.vector[1]            0.0000000000 
_pdbx_struct_oper_list.matrix[2][1]         0.0000000000 
_pdbx_struct_oper_list.matrix[2][2]         1.0000000000 
_pdbx_struct_oper_list.matrix[2][3]         0.0000000000 
_pdbx_struct_oper_list.vector[2]            0.0000000000 
_pdbx_struct_oper_list.matrix[3][1]         0.0000000000 
_pdbx_struct_oper_list.matrix[3][2]         0.0000000000 
_pdbx_struct_oper_list.matrix[3][3]         1.0000000000 
_pdbx_struct_oper_list.vector[3]            0.0000000000 
# 
loop_
_pdbx_audit_revision_history.ordinal 
_pdbx_audit_revision_history.data_content_type 
_pdbx_audit_revision_history.major_revision 
_pdbx_audit_revision_history.minor_revision 
_pdbx_audit_revision_history.revision_date 
1 'Structure model' 1 0 2023-07-05 
2 'Structure model' 1 1 2023-11-29 
# 
_pdbx_audit_revision_details.ordinal             1 
_pdbx_audit_revision_details.revision_ordinal    1 
_pdbx_audit_revision_details.data_content_type   'Structure model' 
_pdbx_audit_revision_details.provider            repository 
_pdbx_audit_revision_details.type                'Initial release' 
_pdbx_audit_revision_details.description         ? 
_pdbx_audit_revision_details.details             ? 
# 
loop_
_pdbx_audit_revision_group.ordinal 
_pdbx_audit_revision_group.revision_ordinal 
_pdbx_audit_revision_group.data_content_type 
_pdbx_audit_revision_group.group 
1 2 'Structure model' 'Data collection'        
2 2 'Structure model' 'Refinement description' 
# 
loop_
_pdbx_audit_revision_category.ordinal 
_pdbx_audit_revision_category.revision_ordinal 
_pdbx_audit_revision_category.data_content_type 
_pdbx_audit_revision_category.category 
1 2 'Structure model' chem_comp_atom                
2 2 'Structure model' chem_comp_bond                
3 2 'Structure model' pdbx_initial_refinement_model 
# 
loop_
_pdbx_refine_tls.id 
_pdbx_refine_tls.pdbx_refine_id 
_pdbx_refine_tls.details 
_pdbx_refine_tls.method 
_pdbx_refine_tls.origin_x 
_pdbx_refine_tls.origin_y 
_pdbx_refine_tls.origin_z 
_pdbx_refine_tls.T[1][1] 
_pdbx_refine_tls.T[1][1]_esd 
_pdbx_refine_tls.T[1][2] 
_pdbx_refine_tls.T[1][2]_esd 
_pdbx_refine_tls.T[1][3] 
_pdbx_refine_tls.T[1][3]_esd 
_pdbx_refine_tls.T[2][2] 
_pdbx_refine_tls.T[2][2]_esd 
_pdbx_refine_tls.T[2][3] 
_pdbx_refine_tls.T[2][3]_esd 
_pdbx_refine_tls.T[3][3] 
_pdbx_refine_tls.T[3][3]_esd 
_pdbx_refine_tls.L[1][1] 
_pdbx_refine_tls.L[1][1]_esd 
_pdbx_refine_tls.L[1][2] 
_pdbx_refine_tls.L[1][2]_esd 
_pdbx_refine_tls.L[1][3] 
_pdbx_refine_tls.L[1][3]_esd 
_pdbx_refine_tls.L[2][2] 
_pdbx_refine_tls.L[2][2]_esd 
_pdbx_refine_tls.L[2][3] 
_pdbx_refine_tls.L[2][3]_esd 
_pdbx_refine_tls.L[3][3] 
_pdbx_refine_tls.L[3][3]_esd 
_pdbx_refine_tls.S[1][1] 
_pdbx_refine_tls.S[1][1]_esd 
_pdbx_refine_tls.S[1][2] 
_pdbx_refine_tls.S[1][2]_esd 
_pdbx_refine_tls.S[1][3] 
_pdbx_refine_tls.S[1][3]_esd 
_pdbx_refine_tls.S[2][1] 
_pdbx_refine_tls.S[2][1]_esd 
_pdbx_refine_tls.S[2][2] 
_pdbx_refine_tls.S[2][2]_esd 
_pdbx_refine_tls.S[2][3] 
_pdbx_refine_tls.S[2][3]_esd 
_pdbx_refine_tls.S[3][1] 
_pdbx_refine_tls.S[3][1]_esd 
_pdbx_refine_tls.S[3][2] 
_pdbx_refine_tls.S[3][2]_esd 
_pdbx_refine_tls.S[3][3] 
_pdbx_refine_tls.S[3][3]_esd 
1  'X-RAY DIFFRACTION' ? refined 1.6446  30.6020  3.7339  0.0682 ? 0.0011  ? 0.0137  ? 0.0567  ? 0.0002  ? 0.0756 ? 0.3913 ? 1.2780  ? -0.1462 ? 11.9005 ? -4.6382 ? 2.9804 ? -0.1587 ? 0.0145  ? 0.1522  ? 0.2954  ? 0.1684  ? -0.2786 ? -0.2359 ? -0.0415 ? -0.1876 ? 
2  'X-RAY DIFFRACTION' ? refined 1.4126  13.0200  4.1759  0.0503 ? -0.0056 ? 0.0133  ? 0.0354  ? 0.0063  ? 0.1364 ? 0.4884 ? -1.5216 ? 0.1836  ? 4.7339  ? -0.5712 ? 0.0670 ? 0.0106  ? -0.1278 ? -0.1344 ? 0.3136  ? 0.0684  ? -0.1649 ? 0.0082  ? -0.0220 ? -0.0386 ? 
3  'X-RAY DIFFRACTION' ? refined -2.3265 -0.5700  2.8417  0.0601 ? 0.0040  ? -0.0062 ? 0.0381  ? 0.0008  ? 0.0255 ? 3.4947 ? 1.5062  ? 0.1313  ? 5.5318  ? 0.3694  ? 0.4001 ? 0.0727  ? 0.0983  ? 0.1142  ? 0.0817  ? 0.0671  ? 0.2046  ? 0.1511  ? -0.0262 ? -0.1397 ? 
4  'X-RAY DIFFRACTION' ? refined 0.1735  -21.2311 -4.6800 0.0236 ? -0.0013 ? -0.0046 ? 0.0515  ? 0.0010  ? 0.0237 ? 0.9313 ? -0.9849 ? -0.3750 ? 4.2676  ? 1.8141  ? 1.4701 ? 0.0095  ? 0.0188  ? -0.0041 ? -0.0293 ? -0.1075 ? 0.0626  ? -0.0288 ? 0.0624  ? -0.0616 ? 
5  'X-RAY DIFFRACTION' ? refined -1.7807 28.4607  0.7116  0.0553 ? 0.0182  ? -0.0031 ? 0.0603  ? 0.0201  ? 0.0394 ? 1.5012 ? -1.3178 ? -0.5780 ? 5.8005  ? 1.5593  ? 1.0659 ? 0.1387  ? 0.0356  ? 0.1676  ? -0.1166 ? 0.1420  ? -0.0981 ? -0.1465 ? -0.1288 ? -0.1195 ? 
6  'X-RAY DIFFRACTION' ? refined 1.8172  11.1194  -1.5710 0.0512 ? -0.0254 ? 0.0069  ? 0.0532  ? 0.0543  ? 0.1371 ? 0.0910 ? 0.1828  ? -0.1657 ? 3.8516  ? -1.7178 ? 0.8507 ? -0.1307 ? 0.0213  ? -0.1893 ? -0.1650 ? -0.0174 ? -0.2297 ? 0.1309  ? 0.0030  ? -0.0054 ? 
7  'X-RAY DIFFRACTION' ? refined 0.6452  -17.1380 -0.5514 0.0258 ? -0.0099 ? 0.0077  ? 0.0372  ? 0.0047  ? 0.0374 ? 0.6849 ? 1.6193  ? 0.5462  ? 6.0403  ? 1.1939  ? 0.7237 ? 0.0704  ? -0.0312 ? -0.0461 ? 0.2345  ? -0.0481 ? -0.1117 ? 0.0895  ? -0.0020 ? -0.0018 ? 
8  'X-RAY DIFFRACTION' ? refined -3.5314 24.5344  4.1175  0.0315 ? 0.0047  ? -0.0046 ? 0.0113  ? -0.0080 ? 0.0594 ? 0.2333 ? 0.8222  ? 0.0200  ? 5.1341  ? 1.3418  ? 1.3061 ? 0.0101  ? -0.0358 ? 0.0398  ? 0.0618  ? 0.1086  ? 0.0090  ? 0.0509  ? -0.1204 ? 0.0435  ? 
9  'X-RAY DIFFRACTION' ? refined -3.2912 7.4268   -0.3040 0.0434 ? 0.0137  ? 0.0041  ? 0.0364  ? 0.0314  ? 0.0906 ? 0.6955 ? 2.4474  ? 0.2798  ? 9.4843  ? 1.7131  ? 0.9849 ? -0.0820 ? 0.1206  ? 0.2425  ? -0.3324 ? -0.1031 ? 0.0158  ? -0.0981 ? 0.0369  ? -0.0564 ? 
10 'X-RAY DIFFRACTION' ? refined 1.1101  -5.6503  -3.6674 0.0735 ? 0.0042  ? 0.0192  ? 0.0676  ? 0.0007  ? 0.0450 ? 1.5031 ? -1.7917 ? 0.3678  ? 11.2503 ? 0.6702  ? 0.2268 ? -0.2270 ? -0.0491 ? -0.0341 ? -0.2145 ? 0.0750  ? -0.2169 ? 0.1417  ? -0.1605 ? 0.0634  ? 
11 'X-RAY DIFFRACTION' ? refined 3.7561  -23.1049 -1.9749 0.0591 ? 0.0023  ? -0.0006 ? 0.0367  ? 0.0081  ? 0.0399 ? 0.0421 ? -0.4698 ? -0.0164 ? 6.3601  ? 0.0786  ? 0.0208 ? -0.0254 ? -0.0225 ? 0.0465  ? 0.1392  ? 0.0933  ? -0.1617 ? 0.0770  ? -0.0103 ? 0.0053  ? 
12 'X-RAY DIFFRACTION' ? refined 0.0092  -36.6095 -1.9119 0.3146 ? 0.0201  ? 0.0854  ? -0.0267 ? -0.0219 ? 0.0530 ? 0.8210 ? 0.0458  ? -0.5379 ? 0.5929  ? -0.4584 ? 1.6904 ? -0.0202 ? 0.0311  ? -0.0618 ? -0.0619 ? 0.0022  ? 0.0112  ? 0.1944  ? -0.0091 ? 0.0276  ? 
# 
loop_
_pdbx_refine_tls_group.id 
_pdbx_refine_tls_group.pdbx_refine_id 
_pdbx_refine_tls_group.refine_tls_id 
_pdbx_refine_tls_group.beg_label_asym_id 
_pdbx_refine_tls_group.beg_label_seq_id 
_pdbx_refine_tls_group.beg_auth_asym_id 
_pdbx_refine_tls_group.beg_auth_seq_id 
_pdbx_refine_tls_group.beg_PDB_ins_code 
_pdbx_refine_tls_group.end_label_asym_id 
_pdbx_refine_tls_group.end_label_seq_id 
_pdbx_refine_tls_group.end_auth_asym_id 
_pdbx_refine_tls_group.end_auth_seq_id 
_pdbx_refine_tls_group.end_PDB_ins_code 
_pdbx_refine_tls_group.selection 
_pdbx_refine_tls_group.selection_details 
1  'X-RAY DIFFRACTION' 1  ? ? A 1  ? ? ? A 7  ? ? 
;chain 'A' and (resid 1 through 7 )
;
2  'X-RAY DIFFRACTION' 2  ? ? A 8  ? ? ? A 12 ? ? 
;chain 'A' and (resid 8 through 12 )
;
3  'X-RAY DIFFRACTION' 3  ? ? A 13 ? ? ? A 17 ? ? 
;chain 'A' and (resid 13 through 17 )
;
4  'X-RAY DIFFRACTION' 4  ? ? A 18 ? ? ? A 27 ? ? 
;chain 'A' and (resid 18 through 27 )
;
5  'X-RAY DIFFRACTION' 5  ? ? B 1  ? ? ? B 7  ? ? 
;chain 'B' and (resid 1 through 7 )
;
6  'X-RAY DIFFRACTION' 6  ? ? B 8  ? ? ? B 12 ? ? 
;chain 'B' and (resid 8 through 12 )
;
7  'X-RAY DIFFRACTION' 7  ? ? B 13 ? ? ? B 27 ? ? 
;chain 'B' and (resid 13 through 27 )
;
8  'X-RAY DIFFRACTION' 8  ? ? C 1  ? ? ? C 7  ? ? 
;chain 'C' and (resid 1 through 7 )
;
9  'X-RAY DIFFRACTION' 9  ? ? C 8  ? ? ? C 12 ? ? 
;chain 'C' and (resid 8 through 12 )
;
10 'X-RAY DIFFRACTION' 10 ? ? C 13 ? ? ? C 17 ? ? 
;chain 'C' and (resid 13 through 17 )
;
11 'X-RAY DIFFRACTION' 11 ? ? C 18 ? ? ? C 24 ? ? 
;chain 'C' and (resid 18 through 24 )
;
12 'X-RAY DIFFRACTION' 12 ? ? C 25 ? ? ? C 27 ? ? 
;chain 'C' and (resid 25 through 27 )
;
# 
_phasing.method   MR 
# 
loop_
_software.citation_id 
_software.classification 
_software.compiler_name 
_software.compiler_version 
_software.contact_author 
_software.contact_author_email 
_software.date 
_software.description 
_software.dependencies 
_software.hardware 
_software.language 
_software.location 
_software.mods 
_software.name 
_software.os 
_software.os_version 
_software.type 
_software.version 
_software.pdbx_ordinal 
? 'data reduction'  ? ? 'Wolfgang Kabsch' Wolfgang.Kabsch@mpimf-heidelberg.mpg.de ?               ? ? ? ?   
http://www.mpimf-heidelberg.mpg.de/~kabsch/xds/     ? XDS         ? ? package .           1 
? 'data scaling'    ? ? 'Phil Evans'      ?                                       28/07/21        ? ? ? ?   
http://www.mrc-lmb.cam.ac.uk/harry/pre/aimless.html ? Aimless     ? ? program 0.7.8       2 
? phasing           ? ? 'Randy J. Read'   cimr-phaser@lists.cam.ac.uk             ?               ? ? ? ?   
http://www-structmed.cimr.cam.ac.uk/phaser/         ? PHASER      ? ? program .           3 
? refinement        ? ? 'Paul D. Adams'   PDAdams@lbl.gov                         ?               ? ? ? C++ 
http://www.phenix-online.org/                       ? PHENIX      ? ? package 1.18.2_3874 4 
? 'data extraction' ? ? PDB               deposit@deposit.rcsb.org                'Oct. 31, 2020' ? ? ? C++ 
http://sw-tools.pdb.org/apps/PDB_EXTRACT/           ? PDB_EXTRACT ? ? package 3.27        5 
# 
_pdbx_entry_details.entry_id                 7Y37 
_pdbx_entry_details.has_ligand_of_interest   N 
_pdbx_entry_details.compound_details         ? 
_pdbx_entry_details.source_details           ? 
_pdbx_entry_details.nonpolymer_details       ? 
_pdbx_entry_details.sequence_details         ? 
# 
loop_
_pdbx_validate_close_contact.id 
_pdbx_validate_close_contact.PDB_model_num 
_pdbx_validate_close_contact.auth_atom_id_1 
_pdbx_validate_close_contact.auth_asym_id_1 
_pdbx_validate_close_contact.auth_comp_id_1 
_pdbx_validate_close_contact.auth_seq_id_1 
_pdbx_validate_close_contact.PDB_ins_code_1 
_pdbx_validate_close_contact.label_alt_id_1 
_pdbx_validate_close_contact.auth_atom_id_2 
_pdbx_validate_close_contact.auth_asym_id_2 
_pdbx_validate_close_contact.auth_comp_id_2 
_pdbx_validate_close_contact.auth_seq_id_2 
_pdbx_validate_close_contact.PDB_ins_code_2 
_pdbx_validate_close_contact.label_alt_id_2 
_pdbx_validate_close_contact.dist 
1 1 O   C HOH 102 ? ? O C HOH 157 ? ? 1.84 
2 1 O   C HOH 124 ? ? O C HOH 142 ? ? 2.09 
3 1 O   C HOH 142 ? ? O C HOH 167 ? ? 2.10 
4 1 O   A HOH 125 ? ? O C HOH 102 ? ? 2.12 
5 1 O   A HOH 166 ? ? O C HOH 139 ? ? 2.14 
6 1 O   C HOH 145 ? ? O C HOH 159 ? ? 2.15 
7 1 NH1 B ARG 11  ? ? O B HOH 101 ? ? 2.16 
8 1 O   B HOH 101 ? ? O B HOH 135 ? ? 2.17 
9 1 O   A HOH 108 ? ? O A HOH 149 ? ? 2.18 
# 
loop_
_chem_comp_atom.comp_id 
_chem_comp_atom.atom_id 
_chem_comp_atom.type_symbol 
_chem_comp_atom.pdbx_aromatic_flag 
_chem_comp_atom.pdbx_stereo_config 
_chem_comp_atom.pdbx_ordinal 
ACE C    C N N 1   
ACE O    O N N 2   
ACE CH3  C N N 3   
ACE H    H N N 4   
ACE H1   H N N 5   
ACE H2   H N N 6   
ACE H3   H N N 7   
ARG N    N N N 8   
ARG CA   C N S 9   
ARG C    C N N 10  
ARG O    O N N 11  
ARG CB   C N N 12  
ARG CG   C N N 13  
ARG CD   C N N 14  
ARG NE   N N N 15  
ARG CZ   C N N 16  
ARG NH1  N N N 17  
ARG NH2  N N N 18  
ARG OXT  O N N 19  
ARG H    H N N 20  
ARG H2   H N N 21  
ARG HA   H N N 22  
ARG HB2  H N N 23  
ARG HB3  H N N 24  
ARG HG2  H N N 25  
ARG HG3  H N N 26  
ARG HD2  H N N 27  
ARG HD3  H N N 28  
ARG HE   H N N 29  
ARG HH11 H N N 30  
ARG HH12 H N N 31  
ARG HH21 H N N 32  
ARG HH22 H N N 33  
ARG HXT  H N N 34  
ASP N    N N N 35  
ASP CA   C N S 36  
ASP C    C N N 37  
ASP O    O N N 38  
ASP CB   C N N 39  
ASP CG   C N N 40  
ASP OD1  O N N 41  
ASP OD2  O N N 42  
ASP OXT  O N N 43  
ASP H    H N N 44  
ASP H2   H N N 45  
ASP HA   H N N 46  
ASP HB2  H N N 47  
ASP HB3  H N N 48  
ASP HD2  H N N 49  
ASP HXT  H N N 50  
GLY N    N N N 51  
GLY CA   C N N 52  
GLY C    C N N 53  
GLY O    O N N 54  
GLY OXT  O N N 55  
GLY H    H N N 56  
GLY H2   H N N 57  
GLY HA2  H N N 58  
GLY HA3  H N N 59  
GLY HXT  H N N 60  
HOH O    O N N 61  
HOH H1   H N N 62  
HOH H2   H N N 63  
HYP N    N N N 64  
HYP CA   C N S 65  
HYP C    C N N 66  
HYP O    O N N 67  
HYP CB   C N N 68  
HYP CG   C N R 69  
HYP CD   C N N 70  
HYP OD1  O N N 71  
HYP OXT  O N N 72  
HYP H    H N N 73  
HYP HA   H N N 74  
HYP HB2  H N N 75  
HYP HB3  H N N 76  
HYP HG   H N N 77  
HYP HD22 H N N 78  
HYP HD23 H N N 79  
HYP HD1  H N N 80  
HYP HXT  H N N 81  
LEU N    N N N 82  
LEU CA   C N S 83  
LEU C    C N N 84  
LEU O    O N N 85  
LEU CB   C N N 86  
LEU CG   C N N 87  
LEU CD1  C N N 88  
LEU CD2  C N N 89  
LEU OXT  O N N 90  
LEU H    H N N 91  
LEU H2   H N N 92  
LEU HA   H N N 93  
LEU HB2  H N N 94  
LEU HB3  H N N 95  
LEU HG   H N N 96  
LEU HD11 H N N 97  
LEU HD12 H N N 98  
LEU HD13 H N N 99  
LEU HD21 H N N 100 
LEU HD22 H N N 101 
LEU HD23 H N N 102 
LEU HXT  H N N 103 
NH2 N    N N N 104 
NH2 HN1  H N N 105 
NH2 HN2  H N N 106 
PHE N    N N N 107 
PHE CA   C N S 108 
PHE C    C N N 109 
PHE O    O N N 110 
PHE CB   C N N 111 
PHE CG   C Y N 112 
PHE CD1  C Y N 113 
PHE CD2  C Y N 114 
PHE CE1  C Y N 115 
PHE CE2  C Y N 116 
PHE CZ   C Y N 117 
PHE OXT  O N N 118 
PHE H    H N N 119 
PHE H2   H N N 120 
PHE HA   H N N 121 
PHE HB2  H N N 122 
PHE HB3  H N N 123 
PHE HD1  H N N 124 
PHE HD2  H N N 125 
PHE HE1  H N N 126 
PHE HE2  H N N 127 
PHE HZ   H N N 128 
PHE HXT  H N N 129 
PRO N    N N N 130 
PRO CA   C N S 131 
PRO C    C N N 132 
PRO O    O N N 133 
PRO CB   C N N 134 
PRO CG   C N N 135 
PRO CD   C N N 136 
PRO OXT  O N N 137 
PRO H    H N N 138 
PRO HA   H N N 139 
PRO HB2  H N N 140 
PRO HB3  H N N 141 
PRO HG2  H N N 142 
PRO HG3  H N N 143 
PRO HD2  H N N 144 
PRO HD3  H N N 145 
PRO HXT  H N N 146 
VAL N    N N N 147 
VAL CA   C N S 148 
VAL C    C N N 149 
VAL O    O N N 150 
VAL CB   C N N 151 
VAL CG1  C N N 152 
VAL CG2  C N N 153 
VAL OXT  O N N 154 
VAL H    H N N 155 
VAL H2   H N N 156 
VAL HA   H N N 157 
VAL HB   H N N 158 
VAL HG11 H N N 159 
VAL HG12 H N N 160 
VAL HG13 H N N 161 
VAL HG21 H N N 162 
VAL HG22 H N N 163 
VAL HG23 H N N 164 
VAL HXT  H N N 165 
# 
loop_
_chem_comp_bond.comp_id 
_chem_comp_bond.atom_id_1 
_chem_comp_bond.atom_id_2 
_chem_comp_bond.value_order 
_chem_comp_bond.pdbx_aromatic_flag 
_chem_comp_bond.pdbx_stereo_config 
_chem_comp_bond.pdbx_ordinal 
ACE C   O    doub N N 1   
ACE C   CH3  sing N N 2   
ACE C   H    sing N N 3   
ACE CH3 H1   sing N N 4   
ACE CH3 H2   sing N N 5   
ACE CH3 H3   sing N N 6   
ARG N   CA   sing N N 7   
ARG N   H    sing N N 8   
ARG N   H2   sing N N 9   
ARG CA  C    sing N N 10  
ARG CA  CB   sing N N 11  
ARG CA  HA   sing N N 12  
ARG C   O    doub N N 13  
ARG C   OXT  sing N N 14  
ARG CB  CG   sing N N 15  
ARG CB  HB2  sing N N 16  
ARG CB  HB3  sing N N 17  
ARG CG  CD   sing N N 18  
ARG CG  HG2  sing N N 19  
ARG CG  HG3  sing N N 20  
ARG CD  NE   sing N N 21  
ARG CD  HD2  sing N N 22  
ARG CD  HD3  sing N N 23  
ARG NE  CZ   sing N N 24  
ARG NE  HE   sing N N 25  
ARG CZ  NH1  sing N N 26  
ARG CZ  NH2  doub N N 27  
ARG NH1 HH11 sing N N 28  
ARG NH1 HH12 sing N N 29  
ARG NH2 HH21 sing N N 30  
ARG NH2 HH22 sing N N 31  
ARG OXT HXT  sing N N 32  
ASP N   CA   sing N N 33  
ASP N   H    sing N N 34  
ASP N   H2   sing N N 35  
ASP CA  C    sing N N 36  
ASP CA  CB   sing N N 37  
ASP CA  HA   sing N N 38  
ASP C   O    doub N N 39  
ASP C   OXT  sing N N 40  
ASP CB  CG   sing N N 41  
ASP CB  HB2  sing N N 42  
ASP CB  HB3  sing N N 43  
ASP CG  OD1  doub N N 44  
ASP CG  OD2  sing N N 45  
ASP OD2 HD2  sing N N 46  
ASP OXT HXT  sing N N 47  
GLY N   CA   sing N N 48  
GLY N   H    sing N N 49  
GLY N   H2   sing N N 50  
GLY CA  C    sing N N 51  
GLY CA  HA2  sing N N 52  
GLY CA  HA3  sing N N 53  
GLY C   O    doub N N 54  
GLY C   OXT  sing N N 55  
GLY OXT HXT  sing N N 56  
HOH O   H1   sing N N 57  
HOH O   H2   sing N N 58  
HYP N   CA   sing N N 59  
HYP N   CD   sing N N 60  
HYP N   H    sing N N 61  
HYP CA  C    sing N N 62  
HYP CA  CB   sing N N 63  
HYP CA  HA   sing N N 64  
HYP C   O    doub N N 65  
HYP C   OXT  sing N N 66  
HYP CB  CG   sing N N 67  
HYP CB  HB2  sing N N 68  
HYP CB  HB3  sing N N 69  
HYP CG  CD   sing N N 70  
HYP CG  OD1  sing N N 71  
HYP CG  HG   sing N N 72  
HYP CD  HD22 sing N N 73  
HYP CD  HD23 sing N N 74  
HYP OD1 HD1  sing N N 75  
HYP OXT HXT  sing N N 76  
LEU N   CA   sing N N 77  
LEU N   H    sing N N 78  
LEU N   H2   sing N N 79  
LEU CA  C    sing N N 80  
LEU CA  CB   sing N N 81  
LEU CA  HA   sing N N 82  
LEU C   O    doub N N 83  
LEU C   OXT  sing N N 84  
LEU CB  CG   sing N N 85  
LEU CB  HB2  sing N N 86  
LEU CB  HB3  sing N N 87  
LEU CG  CD1  sing N N 88  
LEU CG  CD2  sing N N 89  
LEU CG  HG   sing N N 90  
LEU CD1 HD11 sing N N 91  
LEU CD1 HD12 sing N N 92  
LEU CD1 HD13 sing N N 93  
LEU CD2 HD21 sing N N 94  
LEU CD2 HD22 sing N N 95  
LEU CD2 HD23 sing N N 96  
LEU OXT HXT  sing N N 97  
NH2 N   HN1  sing N N 98  
NH2 N   HN2  sing N N 99  
PHE N   CA   sing N N 100 
PHE N   H    sing N N 101 
PHE N   H2   sing N N 102 
PHE CA  C    sing N N 103 
PHE CA  CB   sing N N 104 
PHE CA  HA   sing N N 105 
PHE C   O    doub N N 106 
PHE C   OXT  sing N N 107 
PHE CB  CG   sing N N 108 
PHE CB  HB2  sing N N 109 
PHE CB  HB3  sing N N 110 
PHE CG  CD1  doub Y N 111 
PHE CG  CD2  sing Y N 112 
PHE CD1 CE1  sing Y N 113 
PHE CD1 HD1  sing N N 114 
PHE CD2 CE2  doub Y N 115 
PHE CD2 HD2  sing N N 116 
PHE CE1 CZ   doub Y N 117 
PHE CE1 HE1  sing N N 118 
PHE CE2 CZ   sing Y N 119 
PHE CE2 HE2  sing N N 120 
PHE CZ  HZ   sing N N 121 
PHE OXT HXT  sing N N 122 
PRO N   CA   sing N N 123 
PRO N   CD   sing N N 124 
PRO N   H    sing N N 125 
PRO CA  C    sing N N 126 
PRO CA  CB   sing N N 127 
PRO CA  HA   sing N N 128 
PRO C   O    doub N N 129 
PRO C   OXT  sing N N 130 
PRO CB  CG   sing N N 131 
PRO CB  HB2  sing N N 132 
PRO CB  HB3  sing N N 133 
PRO CG  CD   sing N N 134 
PRO CG  HG2  sing N N 135 
PRO CG  HG3  sing N N 136 
PRO CD  HD2  sing N N 137 
PRO CD  HD3  sing N N 138 
PRO OXT HXT  sing N N 139 
VAL N   CA   sing N N 140 
VAL N   H    sing N N 141 
VAL N   H2   sing N N 142 
VAL CA  C    sing N N 143 
VAL CA  CB   sing N N 144 
VAL CA  HA   sing N N 145 
VAL C   O    doub N N 146 
VAL C   OXT  sing N N 147 
VAL CB  CG1  sing N N 148 
VAL CB  CG2  sing N N 149 
VAL CB  HB   sing N N 150 
VAL CG1 HG11 sing N N 151 
VAL CG1 HG12 sing N N 152 
VAL CG1 HG13 sing N N 153 
VAL CG2 HG21 sing N N 154 
VAL CG2 HG22 sing N N 155 
VAL CG2 HG23 sing N N 156 
VAL OXT HXT  sing N N 157 
# 
_pdbx_audit_support.funding_organization   'Not funded' 
_pdbx_audit_support.country                ? 
_pdbx_audit_support.grant_number           ? 
_pdbx_audit_support.ordinal                1 
# 
_pdbx_entity_nonpoly.entity_id   2 
_pdbx_entity_nonpoly.name        water 
_pdbx_entity_nonpoly.comp_id     HOH 
# 
_pdbx_initial_refinement_model.id               1 
_pdbx_initial_refinement_model.entity_id_list   ? 
_pdbx_initial_refinement_model.type             'experimental model' 
_pdbx_initial_refinement_model.source_name      PDB 
_pdbx_initial_refinement_model.accession_code   7F01 
_pdbx_initial_refinement_model.details          ? 
# 
_pdbx_struct_assembly_auth_evidence.id                     1 
_pdbx_struct_assembly_auth_evidence.assembly_id            1 
_pdbx_struct_assembly_auth_evidence.experimental_support   none 
_pdbx_struct_assembly_auth_evidence.details                ? 
# 
